data_2EDE
#
_entry.id   2EDE
#
_entity_poly.entity_id   1
_entity_poly.type   'polypeptide(L)'
_entity_poly.pdbx_seq_one_letter_code
;GSSGSSGPTSAPKDLTVITREGKPRAVIVSWQPPLEANGKITAYILFYTLDKNIPIDDWIMETISGDRLTHQIMDLNLDT
MYYFRIQARNSKGVGPLSDPILFRTLKVSGPSSG
;
_entity_poly.pdbx_strand_id   A
#
# COMPACT_ATOMS: atom_id res chain seq x y z
N GLY A 1 -21.93 -24.00 6.56
CA GLY A 1 -21.99 -24.71 5.29
C GLY A 1 -20.76 -24.49 4.45
N SER A 2 -20.50 -23.23 4.08
CA SER A 2 -19.35 -22.89 3.25
C SER A 2 -18.20 -22.37 4.12
N SER A 3 -17.46 -23.30 4.73
CA SER A 3 -16.34 -22.93 5.58
C SER A 3 -15.02 -23.06 4.83
N GLY A 4 -15.02 -22.65 3.57
CA GLY A 4 -13.81 -22.73 2.76
C GLY A 4 -13.13 -21.39 2.62
N SER A 5 -12.97 -20.68 3.72
CA SER A 5 -12.32 -19.37 3.70
C SER A 5 -10.81 -19.50 3.83
N SER A 6 -10.12 -19.49 2.70
CA SER A 6 -8.67 -19.61 2.68
C SER A 6 -8.01 -18.26 2.42
N GLY A 7 -8.32 -17.67 1.27
CA GLY A 7 -7.75 -16.39 0.92
C GLY A 7 -6.60 -16.51 -0.06
N PRO A 8 -6.13 -15.37 -0.58
CA PRO A 8 -5.04 -15.33 -1.55
C PRO A 8 -3.70 -15.70 -0.92
N THR A 9 -2.82 -16.29 -1.72
CA THR A 9 -1.49 -16.69 -1.24
C THR A 9 -0.39 -15.98 -2.00
N SER A 10 -0.71 -14.80 -2.53
CA SER A 10 0.26 -14.01 -3.29
C SER A 10 0.01 -12.52 -3.12
N ALA A 11 1.08 -11.73 -3.17
CA ALA A 11 0.96 -10.28 -3.02
C ALA A 11 0.80 -9.61 -4.38
N PRO A 12 0.27 -8.38 -4.37
CA PRO A 12 0.05 -7.60 -5.59
C PRO A 12 1.36 -7.13 -6.22
N LYS A 13 1.27 -6.65 -7.45
CA LYS A 13 2.46 -6.17 -8.17
C LYS A 13 2.24 -4.75 -8.69
N ASP A 14 3.20 -4.24 -9.44
CA ASP A 14 3.11 -2.90 -9.99
C ASP A 14 2.95 -1.86 -8.90
N LEU A 15 3.43 -2.20 -7.70
CA LEU A 15 3.34 -1.29 -6.56
C LEU A 15 4.25 -0.09 -6.75
N THR A 16 3.68 1.02 -7.21
CA THR A 16 4.45 2.24 -7.43
C THR A 16 3.89 3.39 -6.61
N VAL A 17 4.78 4.24 -6.10
CA VAL A 17 4.37 5.39 -5.29
C VAL A 17 4.91 6.68 -5.88
N ILE A 18 4.00 7.59 -6.23
CA ILE A 18 4.38 8.87 -6.81
C ILE A 18 3.71 10.02 -6.06
N THR A 19 4.47 11.11 -5.86
CA THR A 19 3.95 12.27 -5.16
C THR A 19 2.97 13.05 -6.04
N ARG A 20 1.77 13.26 -5.53
CA ARG A 20 0.74 14.00 -6.26
C ARG A 20 1.28 15.34 -6.76
N GLU A 21 0.70 15.83 -7.85
CA GLU A 21 1.13 17.10 -8.43
C GLU A 21 0.47 18.27 -7.71
N GLY A 22 -0.71 18.02 -7.15
CA GLY A 22 -1.42 19.07 -6.44
C GLY A 22 -1.00 19.17 -4.99
N LYS A 23 -0.45 18.09 -4.45
CA LYS A 23 0.00 18.07 -3.06
C LYS A 23 1.22 17.16 -2.90
N PRO A 24 2.29 17.70 -2.29
CA PRO A 24 3.53 16.95 -2.06
C PRO A 24 3.35 15.86 -1.01
N ARG A 25 2.78 16.22 0.13
CA ARG A 25 2.56 15.27 1.22
C ARG A 25 1.65 14.14 0.76
N ALA A 26 1.04 14.30 -0.41
CA ALA A 26 0.14 13.29 -0.95
C ALA A 26 0.85 12.42 -1.99
N VAL A 27 0.48 11.15 -2.02
CA VAL A 27 1.08 10.21 -2.98
C VAL A 27 0.05 9.21 -3.48
N ILE A 28 0.20 8.80 -4.74
CA ILE A 28 -0.72 7.84 -5.34
C ILE A 28 -0.06 6.47 -5.49
N VAL A 29 -0.36 5.58 -4.56
CA VAL A 29 0.20 4.23 -4.59
C VAL A 29 -0.64 3.31 -5.47
N SER A 30 -0.13 3.02 -6.66
CA SER A 30 -0.84 2.14 -7.60
C SER A 30 -0.29 0.72 -7.54
N TRP A 31 -1.16 -0.25 -7.76
CA TRP A 31 -0.76 -1.66 -7.74
C TRP A 31 -1.61 -2.48 -8.69
N GLN A 32 -1.32 -3.78 -8.77
CA GLN A 32 -2.05 -4.67 -9.65
C GLN A 32 -2.50 -5.93 -8.90
N PRO A 33 -3.55 -6.58 -9.42
CA PRO A 33 -4.09 -7.80 -8.82
C PRO A 33 -3.14 -8.99 -8.97
N PRO A 34 -3.01 -9.78 -7.89
CA PRO A 34 -2.14 -10.96 -7.87
C PRO A 34 -2.68 -12.09 -8.74
N LEU A 35 -1.84 -13.09 -9.00
CA LEU A 35 -2.23 -14.22 -9.82
C LEU A 35 -2.87 -15.32 -8.97
N GLU A 36 -2.26 -15.59 -7.82
CA GLU A 36 -2.77 -16.62 -6.92
C GLU A 36 -3.88 -16.05 -6.02
N ALA A 37 -4.45 -14.93 -6.43
CA ALA A 37 -5.51 -14.29 -5.67
C ALA A 37 -6.50 -15.31 -5.15
N ASN A 38 -6.56 -16.46 -5.81
CA ASN A 38 -7.47 -17.53 -5.40
C ASN A 38 -8.91 -17.02 -5.32
N GLY A 39 -9.26 -16.11 -6.24
CA GLY A 39 -10.60 -15.55 -6.25
C GLY A 39 -10.61 -14.03 -6.29
N LYS A 40 -11.39 -13.47 -7.20
CA LYS A 40 -11.48 -12.03 -7.34
C LYS A 40 -11.33 -11.33 -6.00
N ILE A 41 -10.55 -10.25 -5.98
CA ILE A 41 -10.33 -9.50 -4.76
C ILE A 41 -11.50 -8.57 -4.45
N THR A 42 -11.97 -8.63 -3.21
CA THR A 42 -13.10 -7.81 -2.79
C THR A 42 -12.61 -6.57 -2.03
N ALA A 43 -11.41 -6.65 -1.47
CA ALA A 43 -10.84 -5.55 -0.72
C ALA A 43 -9.32 -5.61 -0.74
N TYR A 44 -8.68 -4.45 -0.70
CA TYR A 44 -7.22 -4.36 -0.72
C TYR A 44 -6.71 -3.59 0.49
N ILE A 45 -5.92 -4.25 1.32
CA ILE A 45 -5.35 -3.62 2.51
C ILE A 45 -3.90 -3.22 2.29
N LEU A 46 -3.65 -1.91 2.37
CA LEU A 46 -2.30 -1.39 2.17
C LEU A 46 -1.68 -1.00 3.51
N PHE A 47 -0.36 -1.15 3.61
CA PHE A 47 0.37 -0.80 4.82
C PHE A 47 1.59 0.04 4.51
N TYR A 48 1.79 1.10 5.30
CA TYR A 48 2.92 2.00 5.11
C TYR A 48 3.44 2.53 6.44
N THR A 49 4.75 2.68 6.54
CA THR A 49 5.37 3.17 7.76
C THR A 49 6.82 3.60 7.52
N LEU A 50 7.25 4.65 8.21
CA LEU A 50 8.61 5.16 8.06
C LEU A 50 9.60 4.26 8.80
N ASP A 51 9.12 3.54 9.80
CA ASP A 51 9.96 2.65 10.58
C ASP A 51 9.58 1.19 10.34
N LYS A 52 10.58 0.38 9.98
CA LYS A 52 10.35 -1.03 9.72
C LYS A 52 10.63 -1.87 10.95
N ASN A 53 11.40 -1.31 11.88
CA ASN A 53 11.75 -2.01 13.12
C ASN A 53 10.50 -2.53 13.81
N ILE A 54 9.35 -1.92 13.51
CA ILE A 54 8.09 -2.33 14.10
C ILE A 54 7.43 -3.42 13.28
N PRO A 55 6.56 -4.22 13.94
CA PRO A 55 5.84 -5.32 13.29
C PRO A 55 4.78 -4.82 12.31
N ILE A 56 4.69 -5.47 11.16
CA ILE A 56 3.73 -5.09 10.14
C ILE A 56 2.40 -4.68 10.77
N ASP A 57 2.13 -5.22 11.95
CA ASP A 57 0.89 -4.90 12.67
C ASP A 57 0.89 -3.46 13.14
N ASP A 58 1.97 -3.06 13.80
CA ASP A 58 2.10 -1.69 14.30
C ASP A 58 1.99 -0.68 13.17
N TRP A 59 2.29 -1.12 11.95
CA TRP A 59 2.24 -0.25 10.78
C TRP A 59 0.84 0.34 10.62
N ILE A 60 0.70 1.27 9.67
CA ILE A 60 -0.58 1.90 9.41
C ILE A 60 -1.33 1.18 8.30
N MET A 61 -2.29 0.35 8.67
CA MET A 61 -3.08 -0.40 7.70
C MET A 61 -4.20 0.47 7.13
N GLU A 62 -4.44 0.33 5.83
CA GLU A 62 -5.48 1.10 5.16
C GLU A 62 -6.33 0.20 4.26
N THR A 63 -7.65 0.23 4.48
CA THR A 63 -8.56 -0.57 3.70
C THR A 63 -8.90 0.10 2.38
N ILE A 64 -8.94 -0.70 1.31
CA ILE A 64 -9.25 -0.17 -0.01
C ILE A 64 -10.28 -1.05 -0.73
N SER A 65 -11.06 -0.44 -1.61
CA SER A 65 -12.09 -1.17 -2.35
C SER A 65 -11.45 -2.08 -3.40
N GLY A 66 -11.79 -3.37 -3.33
CA GLY A 66 -11.25 -4.32 -4.28
C GLY A 66 -11.33 -3.83 -5.72
N ASP A 67 -12.33 -3.01 -6.00
CA ASP A 67 -12.52 -2.47 -7.35
C ASP A 67 -11.38 -1.54 -7.73
N ARG A 68 -10.84 -0.84 -6.74
CA ARG A 68 -9.75 0.09 -6.97
C ARG A 68 -8.40 -0.60 -6.74
N LEU A 69 -7.38 -0.13 -7.45
CA LEU A 69 -6.04 -0.70 -7.33
C LEU A 69 -5.02 0.37 -6.93
N THR A 70 -5.52 1.48 -6.40
CA THR A 70 -4.66 2.57 -5.97
C THR A 70 -5.10 3.12 -4.61
N HIS A 71 -4.21 3.84 -3.95
CA HIS A 71 -4.50 4.43 -2.65
C HIS A 71 -3.75 5.74 -2.46
N GLN A 72 -4.47 6.78 -2.05
CA GLN A 72 -3.87 8.09 -1.83
C GLN A 72 -3.69 8.36 -0.34
N ILE A 73 -2.46 8.66 0.05
CA ILE A 73 -2.14 8.94 1.45
C ILE A 73 -1.98 10.44 1.69
N MET A 74 -2.44 10.90 2.84
CA MET A 74 -2.35 12.31 3.19
C MET A 74 -1.69 12.50 4.55
N ASP A 75 -1.03 13.63 4.74
CA ASP A 75 -0.36 13.93 6.00
C ASP A 75 0.91 13.09 6.14
N LEU A 76 1.77 13.14 5.13
CA LEU A 76 3.02 12.39 5.14
C LEU A 76 4.20 13.30 5.46
N ASN A 77 5.20 12.75 6.14
CA ASN A 77 6.39 13.51 6.51
C ASN A 77 7.16 13.95 5.26
N LEU A 78 8.02 14.94 5.42
CA LEU A 78 8.81 15.45 4.31
C LEU A 78 10.27 15.03 4.45
N ASP A 79 10.85 14.54 3.36
CA ASP A 79 12.25 14.11 3.36
C ASP A 79 12.46 12.96 4.33
N THR A 80 11.55 11.98 4.29
CA THR A 80 11.64 10.82 5.17
C THR A 80 11.26 9.54 4.43
N MET A 81 12.17 8.56 4.45
CA MET A 81 11.93 7.29 3.78
C MET A 81 10.65 6.64 4.30
N TYR A 82 9.79 6.23 3.38
CA TYR A 82 8.53 5.59 3.74
C TYR A 82 8.37 4.26 3.03
N TYR A 83 8.25 3.19 3.80
CA TYR A 83 8.09 1.85 3.25
C TYR A 83 6.64 1.59 2.83
N PHE A 84 6.47 0.76 1.81
CA PHE A 84 5.13 0.43 1.31
C PHE A 84 4.94 -1.08 1.22
N ARG A 85 3.76 -1.54 1.63
CA ARG A 85 3.46 -2.96 1.61
C ARG A 85 1.96 -3.19 1.51
N ILE A 86 1.49 -3.62 0.34
CA ILE A 86 0.07 -3.88 0.13
C ILE A 86 -0.19 -5.37 -0.09
N GLN A 87 -1.45 -5.76 0.08
CA GLN A 87 -1.83 -7.16 -0.11
C GLN A 87 -3.26 -7.27 -0.66
N ALA A 88 -3.67 -8.49 -0.96
CA ALA A 88 -5.01 -8.73 -1.49
C ALA A 88 -5.87 -9.49 -0.49
N ARG A 89 -7.15 -9.16 -0.45
CA ARG A 89 -8.09 -9.81 0.47
C ARG A 89 -9.41 -10.12 -0.23
N ASN A 90 -9.86 -11.36 -0.11
CA ASN A 90 -11.12 -11.78 -0.73
C ASN A 90 -12.15 -12.16 0.33
N SER A 91 -13.38 -12.36 -0.10
CA SER A 91 -14.47 -12.72 0.80
C SER A 91 -13.99 -13.75 1.83
N LYS A 92 -12.95 -14.49 1.47
CA LYS A 92 -12.39 -15.51 2.35
C LYS A 92 -11.45 -14.89 3.38
N GLY A 93 -10.28 -14.45 2.92
CA GLY A 93 -9.32 -13.85 3.81
C GLY A 93 -8.27 -13.04 3.06
N VAL A 94 -7.14 -12.79 3.72
CA VAL A 94 -6.06 -12.02 3.10
C VAL A 94 -4.75 -12.79 3.14
N GLY A 95 -3.92 -12.61 2.11
CA GLY A 95 -2.65 -13.29 2.06
C GLY A 95 -1.50 -12.42 2.53
N PRO A 96 -0.28 -12.75 2.07
CA PRO A 96 0.93 -11.99 2.44
C PRO A 96 0.94 -10.59 1.82
N LEU A 97 2.04 -9.86 2.07
CA LEU A 97 2.18 -8.51 1.54
C LEU A 97 3.35 -8.43 0.57
N SER A 98 3.45 -7.31 -0.14
CA SER A 98 4.53 -7.11 -1.10
C SER A 98 5.78 -6.58 -0.42
N ASP A 99 6.90 -6.63 -1.14
CA ASP A 99 8.17 -6.14 -0.60
C ASP A 99 8.09 -4.65 -0.26
N PRO A 100 8.81 -4.25 0.80
CA PRO A 100 8.84 -2.86 1.25
C PRO A 100 9.57 -1.95 0.27
N ILE A 101 8.81 -1.14 -0.45
CA ILE A 101 9.39 -0.21 -1.43
C ILE A 101 9.94 1.04 -0.73
N LEU A 102 11.12 1.46 -1.14
CA LEU A 102 11.76 2.65 -0.57
C LEU A 102 11.47 3.88 -1.42
N PHE A 103 10.55 4.72 -0.95
CA PHE A 103 10.18 5.94 -1.66
C PHE A 103 10.15 7.13 -0.72
N ARG A 104 11.07 8.07 -0.92
CA ARG A 104 11.15 9.26 -0.09
C ARG A 104 10.08 10.27 -0.48
N THR A 105 9.62 11.05 0.49
CA THR A 105 8.59 12.05 0.24
C THR A 105 9.21 13.39 -0.14
N LEU A 106 8.51 14.13 -0.99
CA LEU A 106 8.99 15.43 -1.44
C LEU A 106 9.50 16.27 -0.26
N LYS A 107 10.19 17.36 -0.57
CA LYS A 107 10.72 18.24 0.45
C LYS A 107 10.27 19.68 0.23
N VAL A 108 9.31 20.12 1.01
CA VAL A 108 8.78 21.48 0.89
C VAL A 108 9.75 22.49 1.52
N SER A 109 10.24 22.17 2.70
CA SER A 109 11.17 23.05 3.40
C SER A 109 12.62 22.58 3.21
N GLY A 110 13.25 23.07 2.15
CA GLY A 110 14.62 22.69 1.86
C GLY A 110 15.61 23.79 2.19
N PRO A 111 16.80 23.40 2.66
CA PRO A 111 17.86 24.36 3.02
C PRO A 111 18.45 25.07 1.81
N SER A 112 17.90 24.76 0.63
CA SER A 112 18.38 25.37 -0.61
C SER A 112 19.71 24.76 -1.02
N SER A 113 19.78 23.43 -1.02
CA SER A 113 21.00 22.72 -1.40
C SER A 113 21.35 22.99 -2.86
N GLY A 114 20.38 22.77 -3.75
CA GLY A 114 20.60 23.00 -5.16
C GLY A 114 20.17 24.37 -5.62
N GLY A 1 -18.13 -31.03 5.67
CA GLY A 1 -18.53 -29.76 6.25
C GLY A 1 -18.32 -28.59 5.29
N SER A 2 -19.03 -27.49 5.53
CA SER A 2 -18.94 -26.32 4.69
C SER A 2 -17.69 -25.50 5.04
N SER A 3 -16.59 -25.80 4.37
CA SER A 3 -15.33 -25.10 4.61
C SER A 3 -14.42 -25.15 3.38
N GLY A 4 -14.28 -24.01 2.72
CA GLY A 4 -13.44 -23.95 1.53
C GLY A 4 -12.59 -22.69 1.48
N SER A 5 -13.19 -21.55 1.82
CA SER A 5 -12.49 -20.28 1.81
C SER A 5 -11.07 -20.44 2.33
N SER A 6 -10.09 -20.02 1.53
CA SER A 6 -8.69 -20.13 1.92
C SER A 6 -8.00 -18.78 1.78
N GLY A 7 -8.37 -18.02 0.75
CA GLY A 7 -7.77 -16.71 0.52
C GLY A 7 -6.65 -16.77 -0.49
N PRO A 8 -6.21 -15.58 -0.95
CA PRO A 8 -5.13 -15.47 -1.94
C PRO A 8 -3.78 -15.86 -1.36
N THR A 9 -2.99 -16.58 -2.15
CA THR A 9 -1.66 -17.02 -1.73
C THR A 9 -0.56 -16.20 -2.40
N SER A 10 -0.92 -15.00 -2.84
CA SER A 10 0.04 -14.13 -3.51
C SER A 10 -0.33 -12.66 -3.31
N ALA A 11 0.68 -11.80 -3.22
CA ALA A 11 0.45 -10.38 -3.03
C ALA A 11 0.35 -9.65 -4.37
N PRO A 12 -0.09 -8.39 -4.33
CA PRO A 12 -0.24 -7.56 -5.54
C PRO A 12 1.10 -7.19 -6.15
N LYS A 13 1.06 -6.70 -7.39
CA LYS A 13 2.27 -6.30 -8.09
C LYS A 13 2.14 -4.88 -8.65
N ASP A 14 3.14 -4.44 -9.39
CA ASP A 14 3.13 -3.11 -9.98
C ASP A 14 2.93 -2.04 -8.92
N LEU A 15 3.42 -2.32 -7.71
CA LEU A 15 3.29 -1.39 -6.60
C LEU A 15 4.24 -0.20 -6.78
N THR A 16 3.68 0.93 -7.20
CA THR A 16 4.47 2.14 -7.41
C THR A 16 3.91 3.31 -6.63
N VAL A 17 4.79 4.13 -6.05
CA VAL A 17 4.37 5.28 -5.27
C VAL A 17 4.96 6.57 -5.85
N ILE A 18 4.10 7.55 -6.10
CA ILE A 18 4.54 8.82 -6.65
C ILE A 18 3.91 9.99 -5.90
N THR A 19 4.65 11.08 -5.76
CA THR A 19 4.16 12.27 -5.07
C THR A 19 3.19 13.05 -5.95
N ARG A 20 2.01 13.33 -5.40
CA ARG A 20 1.00 14.08 -6.14
C ARG A 20 1.54 15.42 -6.62
N GLU A 21 0.98 15.92 -7.71
CA GLU A 21 1.42 17.19 -8.28
C GLU A 21 0.73 18.36 -7.59
N GLY A 22 -0.41 18.08 -6.97
CA GLY A 22 -1.15 19.12 -6.27
C GLY A 22 -0.79 19.20 -4.80
N LYS A 23 -0.17 18.15 -4.29
CA LYS A 23 0.23 18.11 -2.88
C LYS A 23 1.39 17.14 -2.68
N PRO A 24 2.46 17.64 -2.03
CA PRO A 24 3.66 16.84 -1.76
C PRO A 24 3.40 15.75 -0.72
N ARG A 25 2.80 16.14 0.41
CA ARG A 25 2.51 15.20 1.48
C ARG A 25 1.59 14.09 0.98
N ALA A 26 1.03 14.27 -0.20
CA ALA A 26 0.13 13.28 -0.79
C ALA A 26 0.83 12.48 -1.87
N VAL A 27 0.49 11.20 -1.97
CA VAL A 27 1.10 10.31 -2.96
C VAL A 27 0.06 9.36 -3.53
N ILE A 28 0.35 8.82 -4.71
CA ILE A 28 -0.55 7.88 -5.37
C ILE A 28 0.05 6.48 -5.42
N VAL A 29 -0.37 5.63 -4.48
CA VAL A 29 0.12 4.26 -4.42
C VAL A 29 -0.71 3.34 -5.32
N SER A 30 -0.16 3.03 -6.49
CA SER A 30 -0.84 2.17 -7.45
C SER A 30 -0.37 0.71 -7.30
N TRP A 31 -1.11 -0.20 -7.92
CA TRP A 31 -0.76 -1.61 -7.86
C TRP A 31 -1.63 -2.43 -8.82
N GLN A 32 -1.38 -3.73 -8.88
CA GLN A 32 -2.14 -4.62 -9.75
C GLN A 32 -2.62 -5.85 -9.00
N PRO A 33 -3.64 -6.51 -9.54
CA PRO A 33 -4.22 -7.72 -8.94
C PRO A 33 -3.28 -8.91 -8.99
N PRO A 34 -3.23 -9.69 -7.90
CA PRO A 34 -2.37 -10.87 -7.80
C PRO A 34 -2.84 -12.00 -8.71
N LEU A 35 -1.89 -12.78 -9.22
CA LEU A 35 -2.22 -13.90 -10.11
C LEU A 35 -2.90 -15.02 -9.34
N GLU A 36 -2.37 -15.34 -8.16
CA GLU A 36 -2.93 -16.39 -7.32
C GLU A 36 -4.03 -15.84 -6.42
N ALA A 37 -4.90 -15.02 -6.99
CA ALA A 37 -5.99 -14.42 -6.23
C ALA A 37 -7.05 -15.46 -5.89
N ASN A 38 -6.86 -16.69 -6.37
CA ASN A 38 -7.79 -17.77 -6.11
C ASN A 38 -9.24 -17.27 -6.21
N GLY A 39 -9.45 -16.27 -7.06
CA GLY A 39 -10.79 -15.73 -7.23
C GLY A 39 -10.77 -14.25 -7.58
N LYS A 40 -11.71 -13.50 -7.03
CA LYS A 40 -11.81 -12.07 -7.29
C LYS A 40 -11.69 -11.27 -5.99
N ILE A 41 -10.62 -10.49 -5.88
CA ILE A 41 -10.40 -9.67 -4.69
C ILE A 41 -11.62 -8.81 -4.38
N THR A 42 -11.93 -8.69 -3.09
CA THR A 42 -13.07 -7.88 -2.66
C THR A 42 -12.62 -6.68 -1.85
N ALA A 43 -11.39 -6.73 -1.34
CA ALA A 43 -10.83 -5.64 -0.56
C ALA A 43 -9.31 -5.65 -0.59
N TYR A 44 -8.72 -4.47 -0.66
CA TYR A 44 -7.26 -4.34 -0.71
C TYR A 44 -6.75 -3.56 0.49
N ILE A 45 -5.92 -4.20 1.29
CA ILE A 45 -5.35 -3.56 2.48
C ILE A 45 -3.90 -3.14 2.23
N LEU A 46 -3.62 -1.86 2.43
CA LEU A 46 -2.28 -1.32 2.23
C LEU A 46 -1.65 -0.94 3.56
N PHE A 47 -0.33 -1.07 3.65
CA PHE A 47 0.40 -0.74 4.86
C PHE A 47 1.63 0.12 4.54
N TYR A 48 1.77 1.24 5.25
CA TYR A 48 2.89 2.13 5.04
C TYR A 48 3.44 2.63 6.37
N THR A 49 4.77 2.74 6.45
CA THR A 49 5.43 3.20 7.66
C THR A 49 6.87 3.63 7.39
N LEU A 50 7.37 4.54 8.21
CA LEU A 50 8.74 5.03 8.05
C LEU A 50 9.72 4.19 8.85
N ASP A 51 9.18 3.31 9.70
CA ASP A 51 10.01 2.45 10.53
C ASP A 51 9.66 0.98 10.30
N LYS A 52 10.63 0.21 9.81
CA LYS A 52 10.42 -1.21 9.55
C LYS A 52 10.69 -2.04 10.80
N ASN A 53 11.51 -1.50 11.69
CA ASN A 53 11.85 -2.20 12.93
C ASN A 53 10.59 -2.70 13.63
N ILE A 54 9.45 -2.09 13.31
CA ILE A 54 8.18 -2.48 13.91
C ILE A 54 7.47 -3.53 13.06
N PRO A 55 6.61 -4.33 13.70
CA PRO A 55 5.85 -5.37 13.01
C PRO A 55 4.79 -4.81 12.07
N ILE A 56 4.65 -5.44 10.91
CA ILE A 56 3.67 -5.00 9.92
C ILE A 56 2.36 -4.58 10.58
N ASP A 57 2.11 -5.13 11.77
CA ASP A 57 0.90 -4.82 12.51
C ASP A 57 0.93 -3.38 13.03
N ASP A 58 2.06 -2.99 13.62
CA ASP A 58 2.22 -1.65 14.15
C ASP A 58 2.13 -0.61 13.04
N TRP A 59 2.42 -1.03 11.82
CA TRP A 59 2.36 -0.14 10.67
C TRP A 59 0.98 0.47 10.51
N ILE A 60 0.81 1.31 9.50
CA ILE A 60 -0.46 1.96 9.24
C ILE A 60 -1.25 1.24 8.14
N MET A 61 -2.23 0.44 8.55
CA MET A 61 -3.05 -0.30 7.60
C MET A 61 -4.13 0.59 7.01
N GLU A 62 -4.50 0.32 5.75
CA GLU A 62 -5.53 1.09 5.07
C GLU A 62 -6.39 0.20 4.20
N THR A 63 -7.70 0.23 4.44
CA THR A 63 -8.64 -0.59 3.68
C THR A 63 -9.00 0.08 2.36
N ILE A 64 -8.94 -0.68 1.27
CA ILE A 64 -9.27 -0.16 -0.04
C ILE A 64 -10.28 -1.04 -0.76
N SER A 65 -11.06 -0.44 -1.65
CA SER A 65 -12.07 -1.17 -2.40
C SER A 65 -11.44 -2.19 -3.34
N GLY A 66 -11.98 -3.39 -3.36
CA GLY A 66 -11.45 -4.44 -4.22
C GLY A 66 -11.52 -4.06 -5.69
N ASP A 67 -12.20 -2.96 -5.99
CA ASP A 67 -12.34 -2.50 -7.36
C ASP A 67 -11.18 -1.59 -7.75
N ARG A 68 -10.81 -0.68 -6.84
CA ARG A 68 -9.71 0.24 -7.09
C ARG A 68 -8.37 -0.45 -6.91
N LEU A 69 -7.35 0.04 -7.62
CA LEU A 69 -6.01 -0.52 -7.54
C LEU A 69 -5.00 0.53 -7.09
N THR A 70 -5.50 1.64 -6.56
CA THR A 70 -4.64 2.71 -6.10
C THR A 70 -5.10 3.23 -4.75
N HIS A 71 -4.18 3.85 -4.01
CA HIS A 71 -4.48 4.40 -2.69
C HIS A 71 -3.71 5.68 -2.44
N GLN A 72 -4.42 6.75 -2.11
CA GLN A 72 -3.79 8.04 -1.85
C GLN A 72 -3.64 8.27 -0.34
N ILE A 73 -2.43 8.64 0.08
CA ILE A 73 -2.16 8.89 1.49
C ILE A 73 -2.00 10.39 1.75
N MET A 74 -2.35 10.81 2.97
CA MET A 74 -2.23 12.21 3.35
C MET A 74 -1.59 12.36 4.71
N ASP A 75 -0.96 13.50 4.96
CA ASP A 75 -0.31 13.76 6.24
C ASP A 75 0.96 12.92 6.38
N LEU A 76 1.80 12.95 5.36
CA LEU A 76 3.05 12.19 5.36
C LEU A 76 4.23 13.10 5.66
N ASN A 77 5.20 12.58 6.40
CA ASN A 77 6.40 13.33 6.76
C ASN A 77 7.08 13.89 5.50
N LEU A 78 7.97 14.85 5.70
CA LEU A 78 8.70 15.46 4.60
C LEU A 78 10.14 14.95 4.53
N ASP A 79 10.63 14.76 3.31
CA ASP A 79 12.00 14.28 3.11
C ASP A 79 12.29 13.09 4.01
N THR A 80 11.32 12.17 4.11
CA THR A 80 11.47 10.99 4.93
C THR A 80 11.14 9.73 4.16
N MET A 81 11.94 8.68 4.34
CA MET A 81 11.72 7.41 3.66
C MET A 81 10.51 6.68 4.24
N TYR A 82 9.62 6.24 3.37
CA TYR A 82 8.42 5.53 3.80
C TYR A 82 8.29 4.19 3.07
N TYR A 83 8.22 3.11 3.83
CA TYR A 83 8.09 1.77 3.27
C TYR A 83 6.63 1.47 2.90
N PHE A 84 6.44 0.89 1.72
CA PHE A 84 5.10 0.54 1.26
C PHE A 84 4.91 -0.97 1.19
N ARG A 85 3.80 -1.44 1.75
CA ARG A 85 3.50 -2.87 1.77
C ARG A 85 2.01 -3.12 1.69
N ILE A 86 1.54 -3.61 0.54
CA ILE A 86 0.13 -3.88 0.34
C ILE A 86 -0.13 -5.38 0.19
N GLN A 87 -1.38 -5.79 0.34
CA GLN A 87 -1.75 -7.19 0.21
C GLN A 87 -3.11 -7.34 -0.44
N ALA A 88 -3.57 -8.58 -0.58
CA ALA A 88 -4.87 -8.85 -1.20
C ALA A 88 -5.79 -9.59 -0.23
N ARG A 89 -7.07 -9.23 -0.27
CA ARG A 89 -8.06 -9.86 0.60
C ARG A 89 -9.38 -10.08 -0.14
N ASN A 90 -9.85 -11.32 -0.13
CA ASN A 90 -11.10 -11.66 -0.80
C ASN A 90 -12.10 -12.23 0.20
N SER A 91 -13.35 -12.38 -0.26
CA SER A 91 -14.42 -12.90 0.60
C SER A 91 -13.89 -14.04 1.48
N LYS A 92 -12.91 -14.77 0.96
CA LYS A 92 -12.31 -15.88 1.70
C LYS A 92 -11.43 -15.37 2.84
N GLY A 93 -10.31 -14.76 2.48
CA GLY A 93 -9.41 -14.23 3.49
C GLY A 93 -8.40 -13.25 2.90
N VAL A 94 -7.22 -13.20 3.50
CA VAL A 94 -6.17 -12.29 3.04
C VAL A 94 -4.84 -13.03 2.88
N GLY A 95 -4.13 -12.74 1.80
CA GLY A 95 -2.84 -13.37 1.56
C GLY A 95 -1.70 -12.62 2.19
N PRO A 96 -0.47 -12.91 1.74
CA PRO A 96 0.74 -12.27 2.26
C PRO A 96 0.83 -10.80 1.85
N LEU A 97 2.02 -10.23 1.97
CA LEU A 97 2.25 -8.84 1.62
C LEU A 97 3.27 -8.71 0.50
N SER A 98 3.61 -7.48 0.15
CA SER A 98 4.57 -7.22 -0.92
C SER A 98 5.87 -6.65 -0.34
N ASP A 99 6.89 -6.56 -1.19
CA ASP A 99 8.18 -6.04 -0.78
C ASP A 99 8.09 -4.56 -0.41
N PRO A 100 8.82 -4.15 0.63
CA PRO A 100 8.83 -2.77 1.11
C PRO A 100 9.53 -1.83 0.13
N ILE A 101 8.76 -0.94 -0.48
CA ILE A 101 9.30 0.01 -1.43
C ILE A 101 9.89 1.23 -0.72
N LEU A 102 11.03 1.71 -1.21
CA LEU A 102 11.70 2.86 -0.63
C LEU A 102 11.43 4.12 -1.44
N PHE A 103 10.51 4.95 -0.97
CA PHE A 103 10.15 6.19 -1.65
C PHE A 103 10.26 7.38 -0.70
N ARG A 104 11.20 8.27 -0.99
CA ARG A 104 11.40 9.46 -0.16
C ARG A 104 10.47 10.58 -0.59
N THR A 105 9.69 11.10 0.36
CA THR A 105 8.76 12.17 0.09
C THR A 105 9.48 13.44 -0.37
N LEU A 106 8.73 14.36 -0.96
CA LEU A 106 9.31 15.61 -1.46
C LEU A 106 9.65 16.54 -0.29
N LYS A 107 10.08 17.75 -0.63
CA LYS A 107 10.44 18.74 0.39
C LYS A 107 9.60 20.00 0.23
N VAL A 108 9.05 20.48 1.34
CA VAL A 108 8.23 21.68 1.33
C VAL A 108 9.09 22.94 1.25
N SER A 109 9.76 23.13 0.12
CA SER A 109 10.63 24.29 -0.08
C SER A 109 9.82 25.58 -0.02
N GLY A 110 8.69 25.60 -0.71
CA GLY A 110 7.85 26.79 -0.72
C GLY A 110 8.33 27.84 -1.70
N PRO A 111 7.43 28.74 -2.10
CA PRO A 111 7.75 29.81 -3.06
C PRO A 111 8.66 30.86 -2.45
N SER A 112 9.97 30.62 -2.53
CA SER A 112 10.96 31.55 -1.99
C SER A 112 11.49 32.47 -3.08
N SER A 113 10.96 33.69 -3.12
CA SER A 113 11.37 34.67 -4.12
C SER A 113 12.43 35.61 -3.55
N GLY A 114 12.09 36.31 -2.47
CA GLY A 114 13.02 37.22 -1.85
C GLY A 114 13.94 36.53 -0.86
N GLY A 1 -9.12 -33.30 7.18
CA GLY A 1 -8.70 -31.93 6.94
C GLY A 1 -9.72 -31.15 6.13
N SER A 2 -10.32 -30.13 6.76
CA SER A 2 -11.31 -29.31 6.09
C SER A 2 -10.66 -28.31 5.15
N SER A 3 -11.11 -28.29 3.91
CA SER A 3 -10.56 -27.38 2.90
C SER A 3 -11.67 -26.74 2.08
N GLY A 4 -11.80 -25.42 2.20
CA GLY A 4 -12.83 -24.70 1.47
C GLY A 4 -12.49 -23.24 1.25
N SER A 5 -12.52 -22.47 2.33
CA SER A 5 -12.21 -21.05 2.26
C SER A 5 -10.71 -20.81 2.40
N SER A 6 -10.09 -20.38 1.30
CA SER A 6 -8.65 -20.12 1.30
C SER A 6 -8.34 -18.84 0.53
N GLY A 7 -8.01 -17.77 1.25
CA GLY A 7 -7.69 -16.52 0.60
C GLY A 7 -6.57 -16.64 -0.42
N PRO A 8 -6.09 -15.51 -0.92
CA PRO A 8 -5.02 -15.47 -1.92
C PRO A 8 -3.68 -15.90 -1.34
N THR A 9 -2.90 -16.62 -2.14
CA THR A 9 -1.59 -17.10 -1.71
C THR A 9 -0.47 -16.25 -2.31
N SER A 10 -0.83 -15.09 -2.84
CA SER A 10 0.14 -14.19 -3.45
C SER A 10 -0.21 -12.74 -3.16
N ALA A 11 0.77 -11.85 -3.33
CA ALA A 11 0.56 -10.43 -3.10
C ALA A 11 0.42 -9.66 -4.41
N PRO A 12 -0.01 -8.39 -4.31
CA PRO A 12 -0.21 -7.53 -5.48
C PRO A 12 1.12 -7.14 -6.14
N LYS A 13 1.06 -6.70 -7.39
CA LYS A 13 2.24 -6.29 -8.13
C LYS A 13 2.09 -4.87 -8.65
N ASP A 14 3.08 -4.42 -9.43
CA ASP A 14 3.05 -3.09 -10.00
C ASP A 14 2.90 -2.02 -8.92
N LEU A 15 3.44 -2.31 -7.74
CA LEU A 15 3.37 -1.40 -6.61
C LEU A 15 4.29 -0.20 -6.82
N THR A 16 3.70 0.96 -7.12
CA THR A 16 4.47 2.17 -7.34
C THR A 16 3.90 3.34 -6.55
N VAL A 17 4.77 4.23 -6.08
CA VAL A 17 4.35 5.39 -5.31
C VAL A 17 4.89 6.68 -5.92
N ILE A 18 3.99 7.57 -6.32
CA ILE A 18 4.38 8.84 -6.91
C ILE A 18 3.76 10.01 -6.16
N THR A 19 4.52 11.09 -6.04
CA THR A 19 4.06 12.28 -5.33
C THR A 19 3.07 13.07 -6.19
N ARG A 20 1.91 13.38 -5.61
CA ARG A 20 0.89 14.13 -6.33
C ARG A 20 1.44 15.47 -6.83
N GLU A 21 0.82 15.99 -7.88
CA GLU A 21 1.25 17.26 -8.46
C GLU A 21 0.62 18.43 -7.72
N GLY A 22 -0.53 18.19 -7.11
CA GLY A 22 -1.23 19.23 -6.37
C GLY A 22 -0.78 19.32 -4.93
N LYS A 23 -0.17 18.25 -4.43
CA LYS A 23 0.30 18.21 -3.05
C LYS A 23 1.47 17.25 -2.91
N PRO A 24 2.57 17.74 -2.31
CA PRO A 24 3.78 16.94 -2.09
C PRO A 24 3.58 15.85 -1.05
N ARG A 25 3.05 16.24 0.10
CA ARG A 25 2.80 15.29 1.19
C ARG A 25 1.84 14.19 0.74
N ALA A 26 1.19 14.40 -0.40
CA ALA A 26 0.25 13.43 -0.94
C ALA A 26 0.90 12.58 -2.02
N VAL A 27 0.56 11.30 -2.04
CA VAL A 27 1.10 10.37 -3.03
C VAL A 27 0.04 9.40 -3.52
N ILE A 28 0.24 8.88 -4.73
CA ILE A 28 -0.70 7.94 -5.33
C ILE A 28 -0.08 6.54 -5.44
N VAL A 29 -0.40 5.68 -4.50
CA VAL A 29 0.12 4.31 -4.49
C VAL A 29 -0.73 3.41 -5.37
N SER A 30 -0.17 2.98 -6.50
CA SER A 30 -0.87 2.11 -7.43
C SER A 30 -0.42 0.66 -7.27
N TRP A 31 -1.13 -0.25 -7.92
CA TRP A 31 -0.80 -1.66 -7.85
C TRP A 31 -1.70 -2.49 -8.78
N GLN A 32 -1.43 -3.79 -8.86
CA GLN A 32 -2.21 -4.68 -9.70
C GLN A 32 -2.66 -5.91 -8.94
N PRO A 33 -3.74 -6.55 -9.42
CA PRO A 33 -4.30 -7.74 -8.79
C PRO A 33 -3.39 -8.96 -8.95
N PRO A 34 -3.28 -9.76 -7.88
CA PRO A 34 -2.44 -10.96 -7.87
C PRO A 34 -3.00 -12.06 -8.77
N LEU A 35 -2.12 -12.90 -9.30
CA LEU A 35 -2.53 -13.99 -10.17
C LEU A 35 -3.22 -15.10 -9.38
N GLU A 36 -2.61 -15.50 -8.27
CA GLU A 36 -3.18 -16.53 -7.42
C GLU A 36 -4.20 -15.95 -6.45
N ALA A 37 -4.90 -14.91 -6.89
CA ALA A 37 -5.90 -14.26 -6.05
C ALA A 37 -6.92 -15.27 -5.53
N ASN A 38 -7.02 -16.40 -6.22
CA ASN A 38 -7.96 -17.44 -5.83
C ASN A 38 -9.35 -16.86 -5.61
N GLY A 39 -9.64 -15.75 -6.26
CA GLY A 39 -10.94 -15.11 -6.13
C GLY A 39 -10.87 -13.61 -6.28
N LYS A 40 -11.57 -13.08 -7.27
CA LYS A 40 -11.59 -11.64 -7.53
C LYS A 40 -11.51 -10.87 -6.22
N ILE A 41 -10.38 -10.22 -5.99
CA ILE A 41 -10.18 -9.43 -4.78
C ILE A 41 -11.39 -8.55 -4.49
N THR A 42 -11.80 -8.51 -3.22
CA THR A 42 -12.95 -7.72 -2.82
C THR A 42 -12.52 -6.53 -1.97
N ALA A 43 -11.33 -6.64 -1.36
CA ALA A 43 -10.80 -5.58 -0.51
C ALA A 43 -9.28 -5.59 -0.51
N TYR A 44 -8.69 -4.41 -0.71
CA TYR A 44 -7.24 -4.28 -0.74
C TYR A 44 -6.73 -3.52 0.48
N ILE A 45 -5.90 -4.17 1.28
CA ILE A 45 -5.35 -3.56 2.48
C ILE A 45 -3.91 -3.12 2.26
N LEU A 46 -3.68 -1.81 2.39
CA LEU A 46 -2.34 -1.26 2.19
C LEU A 46 -1.70 -0.92 3.54
N PHE A 47 -0.37 -1.01 3.59
CA PHE A 47 0.37 -0.73 4.81
C PHE A 47 1.61 0.12 4.51
N TYR A 48 1.85 1.12 5.35
CA TYR A 48 3.00 2.01 5.17
C TYR A 48 3.53 2.48 6.52
N THR A 49 4.85 2.66 6.60
CA THR A 49 5.49 3.10 7.82
C THR A 49 6.92 3.56 7.57
N LEU A 50 7.39 4.50 8.37
CA LEU A 50 8.75 5.03 8.24
C LEU A 50 9.76 4.11 8.92
N ASP A 51 9.25 3.21 9.77
CA ASP A 51 10.11 2.28 10.49
C ASP A 51 9.66 0.84 10.26
N LYS A 52 10.57 0.01 9.77
CA LYS A 52 10.25 -1.39 9.51
C LYS A 52 10.52 -2.24 10.75
N ASN A 53 11.46 -1.81 11.58
CA ASN A 53 11.80 -2.53 12.79
C ASN A 53 10.54 -3.03 13.50
N ILE A 54 9.43 -2.36 13.26
CA ILE A 54 8.16 -2.74 13.87
C ILE A 54 7.43 -3.77 13.02
N PRO A 55 6.56 -4.55 13.67
CA PRO A 55 5.77 -5.59 13.00
C PRO A 55 4.71 -5.01 12.06
N ILE A 56 4.55 -5.63 10.90
CA ILE A 56 3.57 -5.17 9.92
C ILE A 56 2.29 -4.72 10.60
N ASP A 57 2.03 -5.25 11.79
CA ASP A 57 0.83 -4.89 12.54
C ASP A 57 0.91 -3.45 13.03
N ASP A 58 2.03 -3.10 13.66
CA ASP A 58 2.23 -1.76 14.17
C ASP A 58 2.14 -0.73 13.05
N TRP A 59 2.40 -1.17 11.82
CA TRP A 59 2.36 -0.29 10.67
C TRP A 59 0.98 0.34 10.52
N ILE A 60 0.83 1.18 9.49
CA ILE A 60 -0.44 1.85 9.24
C ILE A 60 -1.24 1.15 8.15
N MET A 61 -2.22 0.35 8.56
CA MET A 61 -3.05 -0.38 7.61
C MET A 61 -4.13 0.52 7.02
N GLU A 62 -4.51 0.27 5.77
CA GLU A 62 -5.53 1.06 5.11
C GLU A 62 -6.41 0.19 4.21
N THR A 63 -7.70 0.17 4.49
CA THR A 63 -8.64 -0.62 3.72
C THR A 63 -9.01 0.07 2.41
N ILE A 64 -9.01 -0.70 1.33
CA ILE A 64 -9.35 -0.16 0.01
C ILE A 64 -10.36 -1.04 -0.70
N SER A 65 -11.21 -0.42 -1.51
CA SER A 65 -12.24 -1.15 -2.25
C SER A 65 -11.60 -2.10 -3.26
N GLY A 66 -12.07 -3.36 -3.25
CA GLY A 66 -11.53 -4.34 -4.16
C GLY A 66 -11.67 -3.94 -5.62
N ASP A 67 -12.42 -2.87 -5.85
CA ASP A 67 -12.64 -2.37 -7.21
C ASP A 67 -11.48 -1.47 -7.65
N ARG A 68 -10.94 -0.71 -6.70
CA ARG A 68 -9.83 0.19 -6.99
C ARG A 68 -8.50 -0.51 -6.79
N LEU A 69 -7.49 -0.07 -7.54
CA LEU A 69 -6.15 -0.65 -7.44
C LEU A 69 -5.13 0.40 -7.03
N THR A 70 -5.61 1.53 -6.52
CA THR A 70 -4.74 2.60 -6.08
C THR A 70 -5.20 3.18 -4.75
N HIS A 71 -4.27 3.85 -4.05
CA HIS A 71 -4.59 4.44 -2.75
C HIS A 71 -3.80 5.72 -2.55
N GLN A 72 -4.51 6.80 -2.23
CA GLN A 72 -3.87 8.10 -2.01
C GLN A 72 -3.70 8.37 -0.52
N ILE A 73 -2.48 8.73 -0.12
CA ILE A 73 -2.19 9.02 1.28
C ILE A 73 -1.96 10.51 1.49
N MET A 74 -2.35 11.00 2.67
CA MET A 74 -2.18 12.41 3.00
C MET A 74 -1.60 12.57 4.40
N ASP A 75 -0.97 13.72 4.64
CA ASP A 75 -0.37 14.00 5.94
C ASP A 75 0.89 13.17 6.14
N LEU A 76 1.81 13.23 5.18
CA LEU A 76 3.05 12.48 5.26
C LEU A 76 4.23 13.40 5.57
N ASN A 77 5.28 12.84 6.15
CA ASN A 77 6.47 13.60 6.50
C ASN A 77 7.25 14.00 5.24
N LEU A 78 8.12 15.00 5.39
CA LEU A 78 8.92 15.47 4.26
C LEU A 78 10.36 15.00 4.39
N ASP A 79 11.02 14.80 3.25
CA ASP A 79 12.41 14.34 3.23
C ASP A 79 12.61 13.18 4.20
N THR A 80 11.70 12.21 4.15
CA THR A 80 11.78 11.04 5.02
C THR A 80 11.45 9.77 4.25
N MET A 81 12.13 8.68 4.61
CA MET A 81 11.90 7.40 3.95
C MET A 81 10.62 6.75 4.46
N TYR A 82 9.81 6.27 3.52
CA TYR A 82 8.54 5.62 3.88
C TYR A 82 8.39 4.29 3.15
N TYR A 83 8.31 3.21 3.92
CA TYR A 83 8.16 1.88 3.35
C TYR A 83 6.71 1.61 2.95
N PHE A 84 6.54 0.90 1.84
CA PHE A 84 5.19 0.57 1.35
C PHE A 84 5.00 -0.94 1.29
N ARG A 85 3.83 -1.40 1.74
CA ARG A 85 3.51 -2.82 1.73
C ARG A 85 2.01 -3.04 1.66
N ILE A 86 1.55 -3.63 0.56
CA ILE A 86 0.12 -3.90 0.38
C ILE A 86 -0.13 -5.39 0.20
N GLN A 87 -1.39 -5.79 0.33
CA GLN A 87 -1.77 -7.19 0.18
C GLN A 87 -3.14 -7.31 -0.48
N ALA A 88 -3.57 -8.55 -0.72
CA ALA A 88 -4.86 -8.81 -1.35
C ALA A 88 -5.75 -9.62 -0.43
N ARG A 89 -7.03 -9.24 -0.37
CA ARG A 89 -7.99 -9.95 0.48
C ARG A 89 -9.29 -10.18 -0.28
N ASN A 90 -9.74 -11.44 -0.29
CA ASN A 90 -10.97 -11.81 -0.98
C ASN A 90 -12.02 -12.33 0.01
N SER A 91 -13.25 -12.47 -0.46
CA SER A 91 -14.33 -12.96 0.38
C SER A 91 -13.84 -14.09 1.29
N LYS A 92 -12.85 -14.84 0.82
CA LYS A 92 -12.31 -15.95 1.59
C LYS A 92 -11.44 -15.43 2.74
N GLY A 93 -10.35 -14.77 2.40
CA GLY A 93 -9.46 -14.24 3.42
C GLY A 93 -8.44 -13.28 2.86
N VAL A 94 -7.27 -13.22 3.49
CA VAL A 94 -6.20 -12.33 3.05
C VAL A 94 -4.88 -13.08 2.88
N GLY A 95 -4.14 -12.76 1.84
CA GLY A 95 -2.87 -13.41 1.59
C GLY A 95 -1.71 -12.67 2.21
N PRO A 96 -0.49 -12.98 1.75
CA PRO A 96 0.73 -12.35 2.26
C PRO A 96 0.84 -10.88 1.86
N LEU A 97 2.04 -10.33 1.97
CA LEU A 97 2.28 -8.93 1.62
C LEU A 97 3.34 -8.81 0.53
N SER A 98 3.67 -7.58 0.16
CA SER A 98 4.67 -7.33 -0.87
C SER A 98 5.95 -6.77 -0.26
N ASP A 99 6.98 -6.65 -1.09
CA ASP A 99 8.26 -6.13 -0.63
C ASP A 99 8.16 -4.64 -0.31
N PRO A 100 8.88 -4.21 0.74
CA PRO A 100 8.88 -2.80 1.17
C PRO A 100 9.60 -1.90 0.19
N ILE A 101 8.84 -1.00 -0.45
CA ILE A 101 9.40 -0.07 -1.41
C ILE A 101 9.95 1.18 -0.72
N LEU A 102 11.13 1.61 -1.14
CA LEU A 102 11.76 2.79 -0.56
C LEU A 102 11.48 4.03 -1.42
N PHE A 103 10.72 4.97 -0.88
CA PHE A 103 10.39 6.19 -1.60
C PHE A 103 10.41 7.39 -0.65
N ARG A 104 11.34 8.31 -0.89
CA ARG A 104 11.47 9.50 -0.07
C ARG A 104 10.53 10.60 -0.55
N THR A 105 9.65 11.05 0.34
CA THR A 105 8.70 12.10 0.00
C THR A 105 9.41 13.38 -0.44
N LEU A 106 8.74 14.17 -1.26
CA LEU A 106 9.31 15.43 -1.75
C LEU A 106 9.86 16.25 -0.59
N LYS A 107 10.66 17.26 -0.93
CA LYS A 107 11.24 18.14 0.08
C LYS A 107 10.95 19.61 -0.23
N VAL A 108 10.12 20.23 0.61
CA VAL A 108 9.76 21.63 0.42
C VAL A 108 10.76 22.55 1.11
N SER A 109 11.09 23.66 0.46
CA SER A 109 12.04 24.62 1.02
C SER A 109 11.33 25.92 1.42
N GLY A 110 10.80 25.95 2.64
CA GLY A 110 10.11 27.13 3.12
C GLY A 110 8.62 26.89 3.29
N PRO A 111 7.95 27.79 4.02
CA PRO A 111 6.51 27.70 4.28
C PRO A 111 5.69 27.95 3.02
N SER A 112 4.63 27.17 2.85
CA SER A 112 3.75 27.31 1.68
C SER A 112 3.07 28.67 1.69
N SER A 113 3.15 29.36 2.83
CA SER A 113 2.53 30.67 2.97
C SER A 113 3.32 31.73 2.21
N GLY A 114 2.70 32.32 1.19
CA GLY A 114 3.36 33.35 0.40
C GLY A 114 2.43 34.00 -0.60
N GLY A 1 -15.15 -27.92 8.60
CA GLY A 1 -14.94 -27.23 9.86
C GLY A 1 -13.80 -26.24 9.80
N SER A 2 -12.60 -26.68 10.18
CA SER A 2 -11.42 -25.81 10.16
C SER A 2 -11.11 -25.36 8.74
N SER A 3 -11.10 -26.30 7.81
CA SER A 3 -10.80 -26.00 6.42
C SER A 3 -11.99 -25.32 5.75
N GLY A 4 -11.75 -24.74 4.57
CA GLY A 4 -12.80 -24.06 3.85
C GLY A 4 -12.30 -22.87 3.06
N SER A 5 -12.74 -21.68 3.46
CA SER A 5 -12.33 -20.45 2.78
C SER A 5 -10.82 -20.24 2.88
N SER A 6 -10.16 -20.13 1.73
CA SER A 6 -8.72 -19.95 1.69
C SER A 6 -8.36 -18.71 0.87
N GLY A 7 -8.07 -17.62 1.57
CA GLY A 7 -7.71 -16.38 0.89
C GLY A 7 -6.60 -16.58 -0.13
N PRO A 8 -6.13 -15.47 -0.72
CA PRO A 8 -5.06 -15.50 -1.72
C PRO A 8 -3.71 -15.88 -1.13
N THR A 9 -2.90 -16.59 -1.91
CA THR A 9 -1.59 -17.02 -1.47
C THR A 9 -0.48 -16.23 -2.16
N SER A 10 -0.84 -15.06 -2.68
CA SER A 10 0.12 -14.20 -3.38
C SER A 10 -0.25 -12.73 -3.22
N ALA A 11 0.77 -11.88 -3.11
CA ALA A 11 0.54 -10.45 -2.96
C ALA A 11 0.43 -9.77 -4.33
N PRO A 12 -0.03 -8.51 -4.32
CA PRO A 12 -0.20 -7.72 -5.56
C PRO A 12 1.14 -7.34 -6.18
N LYS A 13 1.09 -6.83 -7.40
CA LYS A 13 2.29 -6.42 -8.12
C LYS A 13 2.16 -5.00 -8.65
N ASP A 14 3.15 -4.55 -9.41
CA ASP A 14 3.14 -3.21 -9.98
C ASP A 14 2.89 -2.17 -8.90
N LEU A 15 3.47 -2.39 -7.72
CA LEU A 15 3.31 -1.46 -6.61
C LEU A 15 4.23 -0.26 -6.76
N THR A 16 3.67 0.87 -7.17
CA THR A 16 4.43 2.10 -7.36
C THR A 16 3.86 3.23 -6.53
N VAL A 17 4.73 4.20 -6.20
CA VAL A 17 4.31 5.35 -5.41
C VAL A 17 4.88 6.65 -5.98
N ILE A 18 3.99 7.61 -6.23
CA ILE A 18 4.40 8.91 -6.78
C ILE A 18 3.78 10.05 -6.00
N THR A 19 4.55 11.13 -5.83
CA THR A 19 4.07 12.29 -5.10
C THR A 19 3.09 13.10 -5.94
N ARG A 20 1.89 13.34 -5.39
CA ARG A 20 0.86 14.09 -6.09
C ARG A 20 1.36 15.49 -6.45
N GLU A 21 1.08 15.92 -7.67
CA GLU A 21 1.51 17.23 -8.14
C GLU A 21 0.73 18.34 -7.44
N GLY A 22 -0.50 18.02 -7.03
CA GLY A 22 -1.33 19.00 -6.35
C GLY A 22 -0.91 19.21 -4.92
N LYS A 23 -0.35 18.18 -4.30
CA LYS A 23 0.10 18.26 -2.92
C LYS A 23 1.30 17.36 -2.68
N PRO A 24 2.38 17.94 -2.11
CA PRO A 24 3.62 17.20 -1.82
C PRO A 24 3.44 16.20 -0.70
N ARG A 25 2.56 16.51 0.25
CA ARG A 25 2.30 15.64 1.38
C ARG A 25 1.35 14.51 0.98
N ALA A 26 1.11 14.36 -0.32
CA ALA A 26 0.23 13.32 -0.83
C ALA A 26 0.96 12.42 -1.83
N VAL A 27 0.55 11.16 -1.89
CA VAL A 27 1.16 10.21 -2.81
C VAL A 27 0.12 9.24 -3.36
N ILE A 28 0.31 8.82 -4.61
CA ILE A 28 -0.60 7.89 -5.25
C ILE A 28 0.01 6.50 -5.36
N VAL A 29 -0.36 5.62 -4.44
CA VAL A 29 0.15 4.26 -4.43
C VAL A 29 -0.71 3.34 -5.30
N SER A 30 -0.16 2.90 -6.43
CA SER A 30 -0.88 2.02 -7.34
C SER A 30 -0.40 0.59 -7.20
N TRP A 31 -1.14 -0.33 -7.81
CA TRP A 31 -0.79 -1.75 -7.75
C TRP A 31 -1.65 -2.57 -8.71
N GLN A 32 -1.37 -3.86 -8.80
CA GLN A 32 -2.12 -4.74 -9.68
C GLN A 32 -2.59 -5.99 -8.94
N PRO A 33 -3.63 -6.65 -9.47
CA PRO A 33 -4.19 -7.86 -8.88
C PRO A 33 -3.25 -9.06 -8.99
N PRO A 34 -3.14 -9.83 -7.90
CA PRO A 34 -2.29 -11.01 -7.85
C PRO A 34 -2.81 -12.15 -8.72
N LEU A 35 -1.91 -13.04 -9.12
CA LEU A 35 -2.29 -14.18 -9.96
C LEU A 35 -2.97 -15.26 -9.13
N GLU A 36 -2.40 -15.56 -7.97
CA GLU A 36 -2.96 -16.58 -7.08
C GLU A 36 -4.05 -15.99 -6.19
N ALA A 37 -4.87 -15.12 -6.77
CA ALA A 37 -5.95 -14.48 -6.03
C ALA A 37 -7.00 -15.50 -5.62
N ASN A 38 -6.85 -16.73 -6.10
CA ASN A 38 -7.79 -17.80 -5.77
C ASN A 38 -9.21 -17.26 -5.67
N GLY A 39 -9.62 -16.47 -6.66
CA GLY A 39 -10.95 -15.91 -6.67
C GLY A 39 -10.96 -14.45 -7.09
N LYS A 40 -11.99 -13.72 -6.69
CA LYS A 40 -12.12 -12.31 -7.02
C LYS A 40 -11.93 -11.43 -5.79
N ILE A 41 -10.86 -10.65 -5.78
CA ILE A 41 -10.58 -9.77 -4.66
C ILE A 41 -11.78 -8.88 -4.33
N THR A 42 -12.07 -8.74 -3.05
CA THR A 42 -13.19 -7.93 -2.60
C THR A 42 -12.72 -6.66 -1.90
N ALA A 43 -11.45 -6.67 -1.47
CA ALA A 43 -10.87 -5.53 -0.79
C ALA A 43 -9.35 -5.57 -0.83
N TYR A 44 -8.72 -4.41 -0.69
CA TYR A 44 -7.27 -4.32 -0.71
C TYR A 44 -6.75 -3.55 0.50
N ILE A 45 -5.94 -4.22 1.32
CA ILE A 45 -5.37 -3.59 2.51
C ILE A 45 -3.92 -3.17 2.27
N LEU A 46 -3.66 -1.88 2.37
CA LEU A 46 -2.31 -1.34 2.18
C LEU A 46 -1.68 -0.96 3.52
N PHE A 47 -0.35 -1.07 3.59
CA PHE A 47 0.38 -0.74 4.80
C PHE A 47 1.61 0.11 4.48
N TYR A 48 1.81 1.16 5.26
CA TYR A 48 2.95 2.06 5.06
C TYR A 48 3.49 2.55 6.39
N THR A 49 4.81 2.70 6.47
CA THR A 49 5.46 3.16 7.69
C THR A 49 6.93 3.52 7.43
N LEU A 50 7.42 4.53 8.14
CA LEU A 50 8.81 4.96 7.99
C LEU A 50 9.74 4.09 8.83
N ASP A 51 9.17 3.32 9.75
CA ASP A 51 9.95 2.44 10.61
C ASP A 51 9.56 0.98 10.38
N LYS A 52 10.50 0.19 9.86
CA LYS A 52 10.26 -1.21 9.61
C LYS A 52 10.49 -2.05 10.86
N ASN A 53 11.39 -1.57 11.72
CA ASN A 53 11.70 -2.28 12.96
C ASN A 53 10.43 -2.82 13.61
N ILE A 54 9.35 -2.06 13.49
CA ILE A 54 8.07 -2.46 14.07
C ILE A 54 7.40 -3.56 13.23
N PRO A 55 6.54 -4.35 13.87
CA PRO A 55 5.82 -5.45 13.22
C PRO A 55 4.77 -4.93 12.24
N ILE A 56 4.68 -5.59 11.08
CA ILE A 56 3.72 -5.20 10.07
C ILE A 56 2.38 -4.81 10.68
N ASP A 57 2.09 -5.38 11.85
CA ASP A 57 0.84 -5.09 12.55
C ASP A 57 0.83 -3.65 13.07
N ASP A 58 1.95 -3.23 13.65
CA ASP A 58 2.07 -1.88 14.19
C ASP A 58 1.99 -0.84 13.07
N TRP A 59 2.36 -1.25 11.85
CA TRP A 59 2.34 -0.36 10.71
C TRP A 59 0.96 0.27 10.54
N ILE A 60 0.83 1.15 9.56
CA ILE A 60 -0.43 1.83 9.29
C ILE A 60 -1.21 1.11 8.20
N MET A 61 -2.22 0.33 8.61
CA MET A 61 -3.05 -0.40 7.66
C MET A 61 -4.11 0.50 7.05
N GLU A 62 -4.45 0.26 5.79
CA GLU A 62 -5.46 1.05 5.10
C GLU A 62 -6.35 0.16 4.23
N THR A 63 -7.65 0.24 4.46
CA THR A 63 -8.62 -0.55 3.70
C THR A 63 -8.95 0.12 2.37
N ILE A 64 -9.00 -0.67 1.32
CA ILE A 64 -9.32 -0.16 -0.01
C ILE A 64 -10.36 -1.04 -0.71
N SER A 65 -11.15 -0.42 -1.59
CA SER A 65 -12.18 -1.15 -2.32
C SER A 65 -11.56 -2.20 -3.23
N GLY A 66 -12.12 -3.41 -3.21
CA GLY A 66 -11.61 -4.48 -4.04
C GLY A 66 -11.65 -4.15 -5.52
N ASP A 67 -12.30 -3.03 -5.86
CA ASP A 67 -12.42 -2.60 -7.24
C ASP A 67 -11.25 -1.72 -7.64
N ARG A 68 -10.89 -0.78 -6.77
CA ARG A 68 -9.79 0.13 -7.05
C ARG A 68 -8.44 -0.57 -6.81
N LEU A 69 -7.42 -0.12 -7.53
CA LEU A 69 -6.09 -0.71 -7.40
C LEU A 69 -5.08 0.35 -6.97
N THR A 70 -5.57 1.47 -6.45
CA THR A 70 -4.71 2.56 -6.01
C THR A 70 -5.16 3.10 -4.66
N HIS A 71 -4.26 3.80 -3.98
CA HIS A 71 -4.57 4.38 -2.68
C HIS A 71 -3.84 5.70 -2.47
N GLN A 72 -4.58 6.74 -2.14
CA GLN A 72 -4.00 8.07 -1.93
C GLN A 72 -3.84 8.35 -0.44
N ILE A 73 -2.65 8.80 -0.06
CA ILE A 73 -2.37 9.11 1.34
C ILE A 73 -2.15 10.61 1.53
N MET A 74 -2.52 11.11 2.71
CA MET A 74 -2.37 12.52 3.02
C MET A 74 -1.71 12.71 4.39
N ASP A 75 -1.15 13.89 4.62
CA ASP A 75 -0.49 14.20 5.88
C ASP A 75 0.71 13.29 6.09
N LEU A 76 1.59 13.22 5.10
CA LEU A 76 2.78 12.39 5.18
C LEU A 76 4.01 13.23 5.49
N ASN A 77 4.96 12.64 6.23
CA ASN A 77 6.19 13.34 6.58
C ASN A 77 7.03 13.63 5.35
N LEU A 78 7.56 14.84 5.29
CA LEU A 78 8.39 15.24 4.16
C LEU A 78 9.87 14.99 4.45
N ASP A 79 10.62 14.58 3.43
CA ASP A 79 12.03 14.30 3.56
C ASP A 79 12.27 13.13 4.52
N THR A 80 11.43 12.11 4.40
CA THR A 80 11.55 10.93 5.24
C THR A 80 11.24 9.66 4.46
N MET A 81 12.06 8.62 4.68
CA MET A 81 11.87 7.35 3.99
C MET A 81 10.62 6.64 4.50
N TYR A 82 9.73 6.29 3.58
CA TYR A 82 8.50 5.60 3.94
C TYR A 82 8.37 4.28 3.18
N TYR A 83 8.22 3.19 3.93
CA TYR A 83 8.09 1.87 3.33
C TYR A 83 6.64 1.57 2.97
N PHE A 84 6.45 0.88 1.85
CA PHE A 84 5.11 0.53 1.40
C PHE A 84 4.93 -0.99 1.33
N ARG A 85 3.76 -1.45 1.73
CA ARG A 85 3.46 -2.88 1.71
C ARG A 85 1.95 -3.13 1.62
N ILE A 86 1.49 -3.53 0.44
CA ILE A 86 0.08 -3.81 0.22
C ILE A 86 -0.16 -5.28 -0.08
N GLN A 87 -1.39 -5.73 0.14
CA GLN A 87 -1.75 -7.13 -0.11
C GLN A 87 -3.14 -7.23 -0.71
N ALA A 88 -3.62 -8.45 -0.89
CA ALA A 88 -4.94 -8.69 -1.45
C ALA A 88 -5.82 -9.47 -0.48
N ARG A 89 -7.09 -9.10 -0.41
CA ARG A 89 -8.04 -9.76 0.49
C ARG A 89 -9.34 -10.07 -0.23
N ASN A 90 -9.74 -11.34 -0.19
CA ASN A 90 -10.98 -11.77 -0.85
C ASN A 90 -12.00 -12.24 0.18
N SER A 91 -13.23 -12.44 -0.27
CA SER A 91 -14.30 -12.89 0.60
C SER A 91 -13.79 -13.91 1.62
N LYS A 92 -12.80 -14.70 1.20
CA LYS A 92 -12.21 -15.71 2.07
C LYS A 92 -11.32 -15.06 3.14
N GLY A 93 -10.19 -14.52 2.71
CA GLY A 93 -9.28 -13.88 3.64
C GLY A 93 -8.24 -13.03 2.94
N VAL A 94 -7.12 -12.79 3.61
CA VAL A 94 -6.05 -11.98 3.04
C VAL A 94 -4.73 -12.76 3.01
N GLY A 95 -3.98 -12.59 1.93
CA GLY A 95 -2.72 -13.28 1.80
C GLY A 95 -1.55 -12.46 2.32
N PRO A 96 -0.33 -12.78 1.84
CA PRO A 96 0.88 -12.07 2.25
C PRO A 96 0.94 -10.64 1.71
N LEU A 97 2.09 -10.00 1.87
CA LEU A 97 2.27 -8.63 1.40
C LEU A 97 3.47 -8.53 0.46
N SER A 98 3.51 -7.46 -0.33
CA SER A 98 4.60 -7.25 -1.26
C SER A 98 5.83 -6.68 -0.56
N ASP A 99 6.97 -6.75 -1.23
CA ASP A 99 8.22 -6.24 -0.67
C ASP A 99 8.12 -4.75 -0.37
N PRO A 100 8.85 -4.29 0.66
CA PRO A 100 8.86 -2.89 1.06
C PRO A 100 9.54 -1.99 0.05
N ILE A 101 8.82 -0.99 -0.45
CA ILE A 101 9.37 -0.07 -1.42
C ILE A 101 9.94 1.18 -0.75
N LEU A 102 11.13 1.59 -1.18
CA LEU A 102 11.78 2.77 -0.61
C LEU A 102 11.49 4.00 -1.46
N PHE A 103 10.60 4.86 -0.97
CA PHE A 103 10.25 6.08 -1.67
C PHE A 103 10.35 7.29 -0.76
N ARG A 104 11.29 8.18 -1.06
CA ARG A 104 11.49 9.39 -0.27
C ARG A 104 10.56 10.50 -0.71
N THR A 105 9.70 10.96 0.20
CA THR A 105 8.75 12.01 -0.11
C THR A 105 9.47 13.29 -0.54
N LEU A 106 8.70 14.27 -1.00
CA LEU A 106 9.27 15.54 -1.44
C LEU A 106 9.73 16.37 -0.25
N LYS A 107 10.44 17.47 -0.53
CA LYS A 107 10.93 18.35 0.51
C LYS A 107 10.44 19.78 0.30
N VAL A 108 9.50 20.20 1.13
CA VAL A 108 8.94 21.55 1.04
C VAL A 108 9.32 22.39 2.25
N SER A 109 10.48 23.04 2.17
CA SER A 109 10.96 23.87 3.27
C SER A 109 11.54 25.18 2.74
N GLY A 110 11.15 26.28 3.38
CA GLY A 110 11.64 27.59 2.95
C GLY A 110 10.61 28.35 2.14
N PRO A 111 10.80 29.67 2.04
CA PRO A 111 9.89 30.54 1.28
C PRO A 111 9.98 30.31 -0.22
N SER A 112 9.21 29.35 -0.72
CA SER A 112 9.20 29.04 -2.14
C SER A 112 8.26 29.96 -2.90
N SER A 113 8.29 31.24 -2.56
CA SER A 113 7.43 32.22 -3.20
C SER A 113 8.27 33.28 -3.93
N GLY A 114 8.12 33.34 -5.26
CA GLY A 114 8.86 34.30 -6.05
C GLY A 114 9.38 33.70 -7.34
N GLY A 1 -12.99 -26.33 13.46
CA GLY A 1 -12.38 -26.86 12.25
C GLY A 1 -12.14 -25.80 11.20
N SER A 2 -10.88 -25.36 11.09
CA SER A 2 -10.53 -24.32 10.13
C SER A 2 -10.09 -24.94 8.81
N SER A 3 -11.06 -25.16 7.91
CA SER A 3 -10.77 -25.76 6.61
C SER A 3 -11.86 -25.40 5.60
N GLY A 4 -11.46 -24.74 4.52
CA GLY A 4 -12.41 -24.35 3.49
C GLY A 4 -12.15 -22.96 2.95
N SER A 5 -11.99 -21.99 3.86
CA SER A 5 -11.74 -20.62 3.47
C SER A 5 -10.23 -20.34 3.40
N SER A 6 -9.72 -20.15 2.19
CA SER A 6 -8.31 -19.88 1.99
C SER A 6 -8.11 -18.65 1.09
N GLY A 7 -7.86 -17.51 1.72
CA GLY A 7 -7.66 -16.28 0.97
C GLY A 7 -6.55 -16.42 -0.06
N PRO A 8 -6.10 -15.28 -0.60
CA PRO A 8 -5.03 -15.23 -1.60
C PRO A 8 -3.68 -15.62 -1.02
N THR A 9 -2.82 -16.22 -1.84
CA THR A 9 -1.50 -16.64 -1.42
C THR A 9 -0.41 -15.94 -2.21
N SER A 10 -0.75 -14.77 -2.78
CA SER A 10 0.20 -14.01 -3.57
C SER A 10 0.00 -12.51 -3.35
N ALA A 11 1.10 -11.77 -3.34
CA ALA A 11 1.06 -10.33 -3.13
C ALA A 11 0.80 -9.59 -4.44
N PRO A 12 0.28 -8.36 -4.33
CA PRO A 12 -0.03 -7.54 -5.50
C PRO A 12 1.23 -7.05 -6.21
N LYS A 13 1.07 -6.63 -7.47
CA LYS A 13 2.19 -6.13 -8.26
C LYS A 13 1.95 -4.71 -8.71
N ASP A 14 2.86 -4.19 -9.53
CA ASP A 14 2.75 -2.82 -10.04
C ASP A 14 2.71 -1.82 -8.89
N LEU A 15 3.29 -2.20 -7.76
CA LEU A 15 3.31 -1.32 -6.59
C LEU A 15 4.24 -0.14 -6.82
N THR A 16 3.67 1.00 -7.19
CA THR A 16 4.44 2.21 -7.44
C THR A 16 3.91 3.38 -6.63
N VAL A 17 4.82 4.13 -6.01
CA VAL A 17 4.43 5.28 -5.20
C VAL A 17 5.02 6.57 -5.77
N ILE A 18 4.14 7.49 -6.15
CA ILE A 18 4.57 8.77 -6.71
C ILE A 18 3.93 9.94 -5.98
N THR A 19 4.69 11.01 -5.80
CA THR A 19 4.19 12.20 -5.11
C THR A 19 3.23 12.98 -5.99
N ARG A 20 2.07 13.30 -5.44
CA ARG A 20 1.06 14.06 -6.18
C ARG A 20 1.62 15.38 -6.69
N GLU A 21 1.10 15.84 -7.82
CA GLU A 21 1.56 17.09 -8.42
C GLU A 21 0.97 18.29 -7.68
N GLY A 22 -0.22 18.10 -7.12
CA GLY A 22 -0.87 19.18 -6.39
C GLY A 22 -0.42 19.27 -4.96
N LYS A 23 0.10 18.17 -4.43
CA LYS A 23 0.58 18.12 -3.05
C LYS A 23 1.70 17.11 -2.90
N PRO A 24 2.83 17.54 -2.30
CA PRO A 24 3.99 16.68 -2.08
C PRO A 24 3.73 15.61 -1.04
N ARG A 25 3.22 16.03 0.12
CA ARG A 25 2.93 15.10 1.21
C ARG A 25 1.98 14.01 0.75
N ALA A 26 1.32 14.24 -0.39
CA ALA A 26 0.39 13.27 -0.94
C ALA A 26 1.07 12.37 -1.98
N VAL A 27 0.60 11.13 -2.07
CA VAL A 27 1.15 10.19 -3.03
C VAL A 27 0.08 9.23 -3.55
N ILE A 28 0.32 8.68 -4.73
CA ILE A 28 -0.62 7.75 -5.35
C ILE A 28 -0.04 6.35 -5.44
N VAL A 29 -0.36 5.51 -4.46
CA VAL A 29 0.14 4.14 -4.42
C VAL A 29 -0.68 3.24 -5.34
N SER A 30 -0.14 2.95 -6.52
CA SER A 30 -0.83 2.10 -7.48
C SER A 30 -0.41 0.64 -7.32
N TRP A 31 -1.14 -0.25 -7.97
CA TRP A 31 -0.86 -1.68 -7.90
C TRP A 31 -1.77 -2.47 -8.84
N GLN A 32 -1.62 -3.79 -8.82
CA GLN A 32 -2.43 -4.65 -9.67
C GLN A 32 -2.81 -5.94 -8.93
N PRO A 33 -3.88 -6.59 -9.41
CA PRO A 33 -4.36 -7.85 -8.81
C PRO A 33 -3.42 -9.01 -9.05
N PRO A 34 -3.17 -9.81 -8.00
CA PRO A 34 -2.28 -10.97 -8.08
C PRO A 34 -2.87 -12.10 -8.92
N LEU A 35 -2.06 -13.11 -9.20
CA LEU A 35 -2.51 -14.26 -9.98
C LEU A 35 -3.09 -15.34 -9.09
N GLU A 36 -2.42 -15.61 -7.97
CA GLU A 36 -2.87 -16.64 -7.03
C GLU A 36 -3.90 -16.06 -6.06
N ALA A 37 -4.65 -15.07 -6.54
CA ALA A 37 -5.68 -14.44 -5.71
C ALA A 37 -6.68 -15.46 -5.20
N ASN A 38 -6.68 -16.65 -5.80
CA ASN A 38 -7.59 -17.70 -5.42
C ASN A 38 -9.03 -17.22 -5.42
N GLY A 39 -9.40 -16.49 -6.47
CA GLY A 39 -10.74 -15.96 -6.58
C GLY A 39 -10.78 -14.54 -7.09
N LYS A 40 -11.80 -13.79 -6.68
CA LYS A 40 -11.94 -12.40 -7.11
C LYS A 40 -11.78 -11.46 -5.92
N ILE A 41 -10.67 -10.74 -5.89
CA ILE A 41 -10.39 -9.80 -4.81
C ILE A 41 -11.62 -8.93 -4.50
N THR A 42 -11.87 -8.71 -3.22
CA THR A 42 -13.01 -7.91 -2.79
C THR A 42 -12.56 -6.65 -2.05
N ALA A 43 -11.37 -6.72 -1.46
CA ALA A 43 -10.81 -5.60 -0.73
C ALA A 43 -9.29 -5.63 -0.74
N TYR A 44 -8.68 -4.45 -0.75
CA TYR A 44 -7.23 -4.34 -0.78
C TYR A 44 -6.72 -3.58 0.45
N ILE A 45 -5.90 -4.24 1.25
CA ILE A 45 -5.34 -3.63 2.45
C ILE A 45 -3.90 -3.20 2.23
N LEU A 46 -3.65 -1.90 2.33
CA LEU A 46 -2.31 -1.35 2.14
C LEU A 46 -1.69 -0.96 3.47
N PHE A 47 -0.38 -1.12 3.58
CA PHE A 47 0.34 -0.79 4.80
C PHE A 47 1.56 0.08 4.50
N TYR A 48 1.74 1.14 5.27
CA TYR A 48 2.86 2.05 5.08
C TYR A 48 3.37 2.56 6.43
N THR A 49 4.69 2.76 6.51
CA THR A 49 5.31 3.25 7.74
C THR A 49 6.72 3.77 7.47
N LEU A 50 7.20 4.63 8.36
CA LEU A 50 8.53 5.21 8.22
C LEU A 50 9.57 4.35 8.94
N ASP A 51 9.10 3.51 9.85
CA ASP A 51 9.99 2.64 10.61
C ASP A 51 9.61 1.17 10.42
N LYS A 52 10.53 0.40 9.87
CA LYS A 52 10.30 -1.02 9.63
C LYS A 52 10.57 -1.85 10.89
N ASN A 53 11.27 -1.24 11.84
CA ASN A 53 11.61 -1.91 13.09
C ASN A 53 10.35 -2.51 13.73
N ILE A 54 9.23 -1.80 13.59
CA ILE A 54 7.97 -2.26 14.15
C ILE A 54 7.35 -3.35 13.29
N PRO A 55 6.50 -4.19 13.90
CA PRO A 55 5.82 -5.28 13.22
C PRO A 55 4.76 -4.78 12.24
N ILE A 56 4.69 -5.41 11.07
CA ILE A 56 3.71 -5.02 10.06
C ILE A 56 2.37 -4.68 10.69
N ASP A 57 2.09 -5.28 11.84
CA ASP A 57 0.84 -5.04 12.55
C ASP A 57 0.79 -3.62 13.08
N ASP A 58 1.88 -3.18 13.70
CA ASP A 58 1.96 -1.85 14.27
C ASP A 58 1.83 -0.78 13.17
N TRP A 59 2.19 -1.16 11.96
CA TRP A 59 2.13 -0.24 10.83
C TRP A 59 0.72 0.31 10.65
N ILE A 60 0.57 1.24 9.72
CA ILE A 60 -0.73 1.85 9.46
C ILE A 60 -1.46 1.13 8.33
N MET A 61 -2.41 0.28 8.69
CA MET A 61 -3.19 -0.47 7.71
C MET A 61 -4.31 0.38 7.14
N GLU A 62 -4.50 0.31 5.82
CA GLU A 62 -5.54 1.08 5.15
C GLU A 62 -6.38 0.18 4.26
N THR A 63 -7.69 0.21 4.47
CA THR A 63 -8.61 -0.60 3.68
C THR A 63 -8.96 0.09 2.36
N ILE A 64 -8.96 -0.68 1.28
CA ILE A 64 -9.29 -0.15 -0.04
C ILE A 64 -10.30 -1.02 -0.76
N SER A 65 -11.11 -0.41 -1.61
CA SER A 65 -12.13 -1.14 -2.37
C SER A 65 -11.47 -2.14 -3.32
N GLY A 66 -11.94 -3.38 -3.27
CA GLY A 66 -11.41 -4.42 -4.13
C GLY A 66 -11.40 -4.01 -5.58
N ASP A 67 -12.31 -3.11 -5.95
CA ASP A 67 -12.40 -2.63 -7.33
C ASP A 67 -11.23 -1.72 -7.67
N ARG A 68 -10.90 -0.83 -6.73
CA ARG A 68 -9.80 0.11 -6.94
C ARG A 68 -8.45 -0.59 -6.82
N LEU A 69 -7.44 -0.06 -7.50
CA LEU A 69 -6.11 -0.63 -7.47
C LEU A 69 -5.08 0.41 -7.05
N THR A 70 -5.55 1.48 -6.45
CA THR A 70 -4.67 2.55 -6.01
C THR A 70 -5.11 3.10 -4.65
N HIS A 71 -4.19 3.78 -3.96
CA HIS A 71 -4.49 4.35 -2.65
C HIS A 71 -3.70 5.63 -2.43
N GLN A 72 -4.40 6.71 -2.08
CA GLN A 72 -3.76 8.00 -1.84
C GLN A 72 -3.58 8.24 -0.34
N ILE A 73 -2.40 8.71 0.04
CA ILE A 73 -2.11 9.00 1.44
C ILE A 73 -1.88 10.49 1.66
N MET A 74 -2.25 10.96 2.86
CA MET A 74 -2.09 12.37 3.20
C MET A 74 -1.44 12.52 4.57
N ASP A 75 -0.78 13.65 4.78
CA ASP A 75 -0.12 13.93 6.05
C ASP A 75 1.15 13.08 6.20
N LEU A 76 2.00 13.12 5.19
CA LEU A 76 3.24 12.35 5.20
C LEU A 76 4.43 13.25 5.55
N ASN A 77 5.47 12.66 6.12
CA ASN A 77 6.67 13.40 6.50
C ASN A 77 7.39 13.93 5.26
N LEU A 78 8.26 14.90 5.48
CA LEU A 78 9.03 15.50 4.38
C LEU A 78 10.48 15.02 4.40
N ASP A 79 11.07 14.85 3.21
CA ASP A 79 12.45 14.41 3.10
C ASP A 79 12.69 13.16 3.95
N THR A 80 11.65 12.34 4.09
CA THR A 80 11.75 11.12 4.88
C THR A 80 11.35 9.90 4.06
N MET A 81 11.99 8.76 4.33
CA MET A 81 11.69 7.53 3.63
C MET A 81 10.45 6.85 4.19
N TYR A 82 9.65 6.26 3.31
CA TYR A 82 8.42 5.59 3.72
C TYR A 82 8.28 4.24 3.03
N TYR A 83 8.26 3.17 3.81
CA TYR A 83 8.13 1.82 3.27
C TYR A 83 6.68 1.52 2.92
N PHE A 84 6.47 0.88 1.77
CA PHE A 84 5.13 0.52 1.32
C PHE A 84 4.96 -0.99 1.28
N ARG A 85 3.80 -1.45 1.75
CA ARG A 85 3.51 -2.88 1.78
C ARG A 85 2.00 -3.13 1.67
N ILE A 86 1.57 -3.60 0.51
CA ILE A 86 0.15 -3.89 0.29
C ILE A 86 -0.08 -5.38 0.04
N GLN A 87 -1.33 -5.81 0.19
CA GLN A 87 -1.69 -7.20 -0.01
C GLN A 87 -3.07 -7.32 -0.64
N ALA A 88 -3.54 -8.56 -0.78
CA ALA A 88 -4.86 -8.81 -1.37
C ALA A 88 -5.76 -9.57 -0.40
N ARG A 89 -7.02 -9.17 -0.35
CA ARG A 89 -7.98 -9.82 0.54
C ARG A 89 -9.28 -10.10 -0.19
N ASN A 90 -9.70 -11.36 -0.17
CA ASN A 90 -10.94 -11.77 -0.83
C ASN A 90 -11.98 -12.24 0.18
N SER A 91 -13.20 -12.45 -0.28
CA SER A 91 -14.29 -12.88 0.59
C SER A 91 -13.78 -13.90 1.60
N LYS A 92 -12.80 -14.71 1.20
CA LYS A 92 -12.23 -15.72 2.08
C LYS A 92 -11.35 -15.08 3.15
N GLY A 93 -10.21 -14.52 2.74
CA GLY A 93 -9.32 -13.89 3.67
C GLY A 93 -8.27 -13.04 2.98
N VAL A 94 -7.14 -12.83 3.66
CA VAL A 94 -6.05 -12.02 3.11
C VAL A 94 -4.76 -12.82 3.05
N GLY A 95 -3.93 -12.53 2.05
CA GLY A 95 -2.66 -13.22 1.91
C GLY A 95 -1.48 -12.38 2.37
N PRO A 96 -0.28 -12.74 1.90
CA PRO A 96 0.95 -12.01 2.25
C PRO A 96 1.01 -10.63 1.62
N LEU A 97 2.07 -9.90 1.92
CA LEU A 97 2.25 -8.55 1.40
C LEU A 97 3.46 -8.49 0.47
N SER A 98 3.59 -7.37 -0.26
CA SER A 98 4.70 -7.20 -1.19
C SER A 98 5.92 -6.64 -0.46
N ASP A 99 7.05 -6.62 -1.16
CA ASP A 99 8.30 -6.12 -0.59
C ASP A 99 8.19 -4.63 -0.28
N PRO A 100 8.87 -4.19 0.79
CA PRO A 100 8.87 -2.80 1.23
C PRO A 100 9.61 -1.88 0.26
N ILE A 101 8.87 -1.01 -0.42
CA ILE A 101 9.46 -0.09 -1.37
C ILE A 101 9.98 1.16 -0.68
N LEU A 102 11.19 1.58 -1.04
CA LEU A 102 11.80 2.77 -0.46
C LEU A 102 11.51 4.01 -1.30
N PHE A 103 10.52 4.80 -0.87
CA PHE A 103 10.16 6.00 -1.59
C PHE A 103 10.27 7.23 -0.68
N ARG A 104 11.27 8.05 -0.95
CA ARG A 104 11.50 9.26 -0.15
C ARG A 104 10.64 10.42 -0.66
N THR A 105 9.79 10.95 0.21
CA THR A 105 8.92 12.07 -0.16
C THR A 105 9.73 13.24 -0.70
N LEU A 106 9.03 14.24 -1.22
CA LEU A 106 9.68 15.42 -1.78
C LEU A 106 10.28 16.27 -0.67
N LYS A 107 10.91 17.38 -1.06
CA LYS A 107 11.53 18.29 -0.10
C LYS A 107 10.81 19.62 -0.06
N VAL A 108 10.02 19.84 0.99
CA VAL A 108 9.27 21.07 1.15
C VAL A 108 9.23 21.52 2.61
N SER A 109 9.48 22.80 2.84
CA SER A 109 9.47 23.34 4.19
C SER A 109 8.42 24.44 4.34
N GLY A 110 8.53 25.47 3.50
CA GLY A 110 7.57 26.56 3.55
C GLY A 110 6.39 26.34 2.63
N PRO A 111 5.26 26.99 2.96
CA PRO A 111 4.03 26.88 2.17
C PRO A 111 4.15 27.55 0.80
N SER A 112 3.26 27.18 -0.11
CA SER A 112 3.27 27.75 -1.46
C SER A 112 2.66 29.15 -1.47
N SER A 113 3.00 29.94 -2.49
CA SER A 113 2.49 31.29 -2.60
C SER A 113 1.73 31.47 -3.92
N GLY A 114 0.78 32.40 -3.92
CA GLY A 114 -0.01 32.66 -5.12
C GLY A 114 -0.40 34.11 -5.25
N GLY A 1 -16.51 -28.35 11.32
CA GLY A 1 -16.19 -27.19 10.52
C GLY A 1 -17.14 -27.01 9.36
N SER A 2 -16.99 -27.85 8.34
CA SER A 2 -17.84 -27.79 7.16
C SER A 2 -17.67 -26.44 6.45
N SER A 3 -16.43 -25.97 6.40
CA SER A 3 -16.13 -24.68 5.76
C SER A 3 -14.66 -24.61 5.35
N GLY A 4 -14.39 -23.87 4.29
CA GLY A 4 -13.01 -23.72 3.82
C GLY A 4 -12.74 -22.34 3.24
N SER A 5 -12.37 -21.41 4.11
CA SER A 5 -12.09 -20.04 3.68
C SER A 5 -10.59 -19.85 3.47
N SER A 6 -10.17 -19.95 2.21
CA SER A 6 -8.76 -19.79 1.87
C SER A 6 -8.55 -18.55 0.99
N GLY A 7 -7.92 -17.54 1.55
CA GLY A 7 -7.66 -16.31 0.81
C GLY A 7 -6.52 -16.46 -0.17
N PRO A 8 -6.03 -15.31 -0.69
CA PRO A 8 -4.92 -15.30 -1.65
C PRO A 8 -3.59 -15.69 -1.01
N THR A 9 -2.74 -16.36 -1.79
CA THR A 9 -1.44 -16.81 -1.30
C THR A 9 -0.32 -15.97 -1.90
N SER A 10 -0.69 -14.95 -2.66
CA SER A 10 0.29 -14.08 -3.30
C SER A 10 -0.12 -12.61 -3.17
N ALA A 11 0.88 -11.73 -3.08
CA ALA A 11 0.61 -10.30 -2.95
C ALA A 11 0.48 -9.64 -4.33
N PRO A 12 0.01 -8.39 -4.33
CA PRO A 12 -0.17 -7.62 -5.58
C PRO A 12 1.17 -7.24 -6.22
N LYS A 13 1.09 -6.72 -7.44
CA LYS A 13 2.30 -6.31 -8.17
C LYS A 13 2.14 -4.90 -8.71
N ASP A 14 3.13 -4.45 -9.47
CA ASP A 14 3.11 -3.12 -10.06
C ASP A 14 2.90 -2.05 -8.98
N LEU A 15 3.39 -2.33 -7.77
CA LEU A 15 3.24 -1.41 -6.66
C LEU A 15 4.21 -0.24 -6.81
N THR A 16 3.67 0.92 -7.15
CA THR A 16 4.48 2.12 -7.32
C THR A 16 3.92 3.29 -6.51
N VAL A 17 4.80 4.11 -5.97
CA VAL A 17 4.39 5.27 -5.18
C VAL A 17 4.89 6.56 -5.80
N ILE A 18 3.95 7.39 -6.26
CA ILE A 18 4.30 8.67 -6.87
C ILE A 18 3.75 9.84 -6.06
N THR A 19 4.53 10.91 -5.96
CA THR A 19 4.13 12.09 -5.21
C THR A 19 3.16 12.94 -6.02
N ARG A 20 2.13 13.46 -5.36
CA ARG A 20 1.14 14.29 -6.02
C ARG A 20 1.79 15.51 -6.68
N GLU A 21 1.07 16.13 -7.60
CA GLU A 21 1.59 17.30 -8.31
C GLU A 21 1.49 18.55 -7.44
N GLY A 22 0.29 18.81 -6.92
CA GLY A 22 0.09 19.97 -6.07
C GLY A 22 0.05 19.61 -4.60
N LYS A 23 0.65 18.48 -4.25
CA LYS A 23 0.69 18.03 -2.87
C LYS A 23 1.88 17.12 -2.62
N PRO A 24 2.92 17.65 -1.95
CA PRO A 24 4.14 16.89 -1.64
C PRO A 24 3.89 15.80 -0.60
N ARG A 25 3.07 16.11 0.39
CA ARG A 25 2.75 15.15 1.45
C ARG A 25 1.77 14.10 0.96
N ALA A 26 1.32 14.25 -0.29
CA ALA A 26 0.38 13.31 -0.88
C ALA A 26 1.08 12.38 -1.87
N VAL A 27 0.63 11.13 -1.93
CA VAL A 27 1.22 10.16 -2.84
C VAL A 27 0.17 9.17 -3.33
N ILE A 28 0.25 8.82 -4.61
CA ILE A 28 -0.69 7.88 -5.20
C ILE A 28 -0.10 6.49 -5.30
N VAL A 29 -0.43 5.64 -4.33
CA VAL A 29 0.08 4.27 -4.31
C VAL A 29 -0.76 3.36 -5.19
N SER A 30 -0.20 2.96 -6.33
CA SER A 30 -0.91 2.09 -7.27
C SER A 30 -0.43 0.64 -7.13
N TRP A 31 -1.12 -0.27 -7.80
CA TRP A 31 -0.78 -1.68 -7.74
C TRP A 31 -1.65 -2.49 -8.70
N GLN A 32 -1.38 -3.79 -8.79
CA GLN A 32 -2.14 -4.67 -9.67
C GLN A 32 -2.60 -5.91 -8.91
N PRO A 33 -3.63 -6.58 -9.46
CA PRO A 33 -4.21 -7.79 -8.86
C PRO A 33 -3.26 -8.98 -8.94
N PRO A 34 -3.18 -9.76 -7.84
CA PRO A 34 -2.32 -10.93 -7.76
C PRO A 34 -2.81 -12.07 -8.66
N LEU A 35 -1.91 -13.02 -8.96
CA LEU A 35 -2.26 -14.16 -9.80
C LEU A 35 -2.93 -15.25 -8.99
N GLU A 36 -2.42 -15.49 -7.78
CA GLU A 36 -2.98 -16.51 -6.90
C GLU A 36 -4.06 -15.93 -6.00
N ALA A 37 -4.89 -15.07 -6.57
CA ALA A 37 -5.98 -14.44 -5.82
C ALA A 37 -6.91 -15.49 -5.22
N ASN A 38 -6.85 -16.71 -5.76
CA ASN A 38 -7.69 -17.80 -5.28
C ASN A 38 -9.17 -17.40 -5.30
N GLY A 39 -9.57 -16.67 -6.33
CA GLY A 39 -10.94 -16.24 -6.45
C GLY A 39 -11.06 -14.84 -7.02
N LYS A 40 -11.66 -13.93 -6.26
CA LYS A 40 -11.84 -12.55 -6.70
C LYS A 40 -11.66 -11.58 -5.54
N ILE A 41 -10.64 -10.73 -5.62
CA ILE A 41 -10.38 -9.75 -4.57
C ILE A 41 -11.59 -8.85 -4.34
N THR A 42 -11.92 -8.61 -3.08
CA THR A 42 -13.05 -7.76 -2.73
C THR A 42 -12.60 -6.59 -1.87
N ALA A 43 -11.35 -6.62 -1.42
CA ALA A 43 -10.81 -5.56 -0.58
C ALA A 43 -9.29 -5.57 -0.61
N TYR A 44 -8.69 -4.40 -0.76
CA TYR A 44 -7.24 -4.28 -0.80
C TYR A 44 -6.72 -3.53 0.42
N ILE A 45 -5.89 -4.20 1.20
CA ILE A 45 -5.32 -3.60 2.40
C ILE A 45 -3.87 -3.17 2.17
N LEU A 46 -3.61 -1.87 2.36
CA LEU A 46 -2.27 -1.33 2.17
C LEU A 46 -1.62 -1.03 3.51
N PHE A 47 -0.29 -1.15 3.57
CA PHE A 47 0.46 -0.88 4.79
C PHE A 47 1.68 -0.01 4.49
N TYR A 48 1.78 1.10 5.21
CA TYR A 48 2.90 2.02 5.03
C TYR A 48 3.41 2.54 6.37
N THR A 49 4.72 2.67 6.49
CA THR A 49 5.34 3.15 7.73
C THR A 49 6.73 3.71 7.46
N LEU A 50 7.25 4.45 8.43
CA LEU A 50 8.58 5.04 8.31
C LEU A 50 9.63 4.16 8.99
N ASP A 51 9.18 3.30 9.89
CA ASP A 51 10.08 2.41 10.61
C ASP A 51 9.67 0.95 10.42
N LYS A 52 10.57 0.15 9.91
CA LYS A 52 10.30 -1.27 9.67
C LYS A 52 10.58 -2.09 10.93
N ASN A 53 11.46 -1.58 11.79
CA ASN A 53 11.81 -2.26 13.03
C ASN A 53 10.56 -2.80 13.72
N ILE A 54 9.42 -2.20 13.41
CA ILE A 54 8.15 -2.62 14.00
C ILE A 54 7.46 -3.68 13.14
N PRO A 55 6.60 -4.49 13.79
CA PRO A 55 5.86 -5.55 13.09
C PRO A 55 4.79 -5.00 12.15
N ILE A 56 4.69 -5.60 10.97
CA ILE A 56 3.71 -5.16 9.98
C ILE A 56 2.40 -4.76 10.64
N ASP A 57 2.13 -5.34 11.81
CA ASP A 57 0.90 -5.05 12.54
C ASP A 57 0.92 -3.60 13.06
N ASP A 58 2.04 -3.21 13.66
CA ASP A 58 2.18 -1.86 14.20
C ASP A 58 2.09 -0.81 13.08
N TRP A 59 2.41 -1.24 11.86
CA TRP A 59 2.36 -0.34 10.71
C TRP A 59 0.97 0.27 10.55
N ILE A 60 0.84 1.19 9.60
CA ILE A 60 -0.44 1.85 9.35
C ILE A 60 -1.19 1.18 8.21
N MET A 61 -2.17 0.35 8.57
CA MET A 61 -2.98 -0.35 7.57
C MET A 61 -4.06 0.55 7.01
N GLU A 62 -4.42 0.32 5.75
CA GLU A 62 -5.45 1.12 5.09
C GLU A 62 -6.32 0.24 4.19
N THR A 63 -7.62 0.24 4.44
CA THR A 63 -8.56 -0.54 3.66
C THR A 63 -8.89 0.15 2.35
N ILE A 64 -8.94 -0.63 1.27
CA ILE A 64 -9.25 -0.09 -0.05
C ILE A 64 -10.29 -0.95 -0.76
N SER A 65 -11.15 -0.31 -1.54
CA SER A 65 -12.19 -1.01 -2.28
C SER A 65 -11.59 -2.06 -3.20
N GLY A 66 -12.17 -3.26 -3.18
CA GLY A 66 -11.67 -4.34 -4.03
C GLY A 66 -11.76 -4.01 -5.49
N ASP A 67 -12.43 -2.91 -5.82
CA ASP A 67 -12.59 -2.49 -7.20
C ASP A 67 -11.46 -1.55 -7.62
N ARG A 68 -10.89 -0.85 -6.64
CA ARG A 68 -9.81 0.08 -6.91
C ARG A 68 -8.45 -0.59 -6.72
N LEU A 69 -7.46 -0.13 -7.47
CA LEU A 69 -6.11 -0.69 -7.40
C LEU A 69 -5.11 0.38 -6.98
N THR A 70 -5.62 1.52 -6.51
CA THR A 70 -4.77 2.61 -6.08
C THR A 70 -5.24 3.18 -4.75
N HIS A 71 -4.35 3.90 -4.06
CA HIS A 71 -4.68 4.48 -2.76
C HIS A 71 -3.91 5.80 -2.56
N GLN A 72 -4.62 6.81 -2.08
CA GLN A 72 -4.00 8.12 -1.84
C GLN A 72 -3.73 8.33 -0.36
N ILE A 73 -2.53 8.76 -0.03
CA ILE A 73 -2.14 9.00 1.35
C ILE A 73 -1.93 10.50 1.62
N MET A 74 -2.29 10.94 2.81
CA MET A 74 -2.12 12.33 3.19
C MET A 74 -1.50 12.46 4.58
N ASP A 75 -1.00 13.65 4.89
CA ASP A 75 -0.38 13.90 6.18
C ASP A 75 0.88 13.05 6.36
N LEU A 76 1.78 13.12 5.37
CA LEU A 76 3.02 12.36 5.41
C LEU A 76 4.20 13.28 5.70
N ASN A 77 5.24 12.71 6.32
CA ASN A 77 6.44 13.48 6.64
C ASN A 77 7.10 14.02 5.38
N LEU A 78 8.12 14.86 5.56
CA LEU A 78 8.83 15.44 4.44
C LEU A 78 10.25 14.90 4.36
N ASP A 79 10.77 14.80 3.14
CA ASP A 79 12.13 14.29 2.93
C ASP A 79 12.42 13.11 3.84
N THR A 80 11.47 12.19 3.94
CA THR A 80 11.62 11.02 4.78
C THR A 80 11.30 9.74 4.01
N MET A 81 11.97 8.65 4.36
CA MET A 81 11.76 7.37 3.70
C MET A 81 10.53 6.66 4.26
N TYR A 82 9.62 6.25 3.39
CA TYR A 82 8.41 5.56 3.80
C TYR A 82 8.27 4.22 3.10
N TYR A 83 8.23 3.15 3.88
CA TYR A 83 8.11 1.81 3.34
C TYR A 83 6.67 1.49 2.97
N PHE A 84 6.47 0.90 1.79
CA PHE A 84 5.13 0.55 1.33
C PHE A 84 4.96 -0.97 1.27
N ARG A 85 3.78 -1.42 1.69
CA ARG A 85 3.49 -2.85 1.68
C ARG A 85 1.98 -3.10 1.58
N ILE A 86 1.54 -3.56 0.42
CA ILE A 86 0.13 -3.83 0.19
C ILE A 86 -0.11 -5.31 -0.06
N GLN A 87 -1.37 -5.74 0.09
CA GLN A 87 -1.73 -7.14 -0.11
C GLN A 87 -3.12 -7.25 -0.73
N ALA A 88 -3.56 -8.49 -0.94
CA ALA A 88 -4.88 -8.74 -1.52
C ALA A 88 -5.75 -9.56 -0.58
N ARG A 89 -7.01 -9.20 -0.48
CA ARG A 89 -7.95 -9.91 0.39
C ARG A 89 -9.26 -10.19 -0.34
N ASN A 90 -9.76 -11.41 -0.20
CA ASN A 90 -11.01 -11.81 -0.85
C ASN A 90 -12.03 -12.28 0.18
N SER A 91 -13.27 -12.42 -0.26
CA SER A 91 -14.35 -12.86 0.63
C SER A 91 -13.85 -13.94 1.58
N LYS A 92 -12.86 -14.71 1.14
CA LYS A 92 -12.30 -15.78 1.96
C LYS A 92 -11.41 -15.21 3.06
N GLY A 93 -10.26 -14.67 2.67
CA GLY A 93 -9.34 -14.10 3.63
C GLY A 93 -8.32 -13.19 2.99
N VAL A 94 -7.20 -12.98 3.67
CA VAL A 94 -6.14 -12.13 3.15
C VAL A 94 -4.81 -12.88 3.06
N GLY A 95 -4.04 -12.59 2.03
CA GLY A 95 -2.75 -13.26 1.84
C GLY A 95 -1.60 -12.43 2.37
N PRO A 96 -0.38 -12.76 1.92
CA PRO A 96 0.84 -12.06 2.34
C PRO A 96 0.90 -10.63 1.79
N LEU A 97 2.06 -10.00 1.93
CA LEU A 97 2.26 -8.64 1.45
C LEU A 97 3.48 -8.56 0.54
N SER A 98 3.57 -7.47 -0.22
CA SER A 98 4.68 -7.26 -1.14
C SER A 98 5.90 -6.73 -0.39
N ASP A 99 7.03 -6.65 -1.09
CA ASP A 99 8.27 -6.16 -0.49
C ASP A 99 8.17 -4.67 -0.19
N PRO A 100 8.88 -4.24 0.85
CA PRO A 100 8.89 -2.84 1.28
C PRO A 100 9.61 -1.93 0.29
N ILE A 101 8.88 -1.00 -0.31
CA ILE A 101 9.45 -0.09 -1.29
C ILE A 101 9.97 1.18 -0.60
N LEU A 102 11.17 1.59 -0.97
CA LEU A 102 11.78 2.79 -0.41
C LEU A 102 11.53 4.00 -1.29
N PHE A 103 10.61 4.86 -0.86
CA PHE A 103 10.28 6.06 -1.61
C PHE A 103 10.28 7.29 -0.70
N ARG A 104 11.17 8.23 -0.98
CA ARG A 104 11.27 9.46 -0.19
C ARG A 104 10.30 10.51 -0.71
N THR A 105 9.53 11.10 0.21
CA THR A 105 8.56 12.13 -0.16
C THR A 105 9.27 13.41 -0.61
N LEU A 106 8.56 14.23 -1.37
CA LEU A 106 9.11 15.48 -1.87
C LEU A 106 9.66 16.33 -0.72
N LYS A 107 10.20 17.49 -1.07
CA LYS A 107 10.76 18.40 -0.07
C LYS A 107 10.20 19.80 -0.23
N VAL A 108 9.90 20.45 0.90
CA VAL A 108 9.36 21.80 0.88
C VAL A 108 10.31 22.78 1.56
N SER A 109 11.20 22.26 2.39
CA SER A 109 12.17 23.09 3.09
C SER A 109 11.47 24.23 3.83
N GLY A 110 10.40 23.90 4.55
CA GLY A 110 9.66 24.91 5.29
C GLY A 110 8.95 25.89 4.38
N PRO A 111 7.69 26.18 4.68
CA PRO A 111 6.87 27.12 3.90
C PRO A 111 7.35 28.57 4.04
N SER A 112 7.77 29.16 2.92
CA SER A 112 8.26 30.52 2.92
C SER A 112 7.11 31.51 2.74
N SER A 113 6.88 32.33 3.76
CA SER A 113 5.80 33.32 3.72
C SER A 113 6.20 34.53 2.87
N GLY A 114 5.65 34.61 1.68
CA GLY A 114 5.96 35.72 0.79
C GLY A 114 4.83 36.73 0.70
N GLY A 1 -9.67 -30.10 4.96
CA GLY A 1 -9.79 -30.24 6.40
C GLY A 1 -10.88 -29.35 6.97
N SER A 2 -10.85 -29.18 8.29
CA SER A 2 -11.84 -28.34 8.97
C SER A 2 -12.00 -27.00 8.25
N SER A 3 -10.87 -26.34 7.99
CA SER A 3 -10.88 -25.05 7.32
C SER A 3 -11.43 -25.18 5.90
N GLY A 4 -11.97 -24.08 5.39
CA GLY A 4 -12.52 -24.08 4.04
C GLY A 4 -12.30 -22.77 3.32
N SER A 5 -12.54 -21.66 4.02
CA SER A 5 -12.36 -20.34 3.43
C SER A 5 -10.91 -19.90 3.51
N SER A 6 -10.19 -20.06 2.40
CA SER A 6 -8.78 -19.68 2.34
C SER A 6 -8.57 -18.51 1.40
N GLY A 7 -7.95 -17.44 1.91
CA GLY A 7 -7.70 -16.27 1.09
C GLY A 7 -6.56 -16.47 0.11
N PRO A 8 -6.08 -15.37 -0.48
CA PRO A 8 -4.99 -15.41 -1.46
C PRO A 8 -3.65 -15.78 -0.82
N THR A 9 -2.78 -16.39 -1.61
CA THR A 9 -1.46 -16.79 -1.11
C THR A 9 -0.36 -15.93 -1.74
N SER A 10 -0.75 -14.99 -2.59
CA SER A 10 0.20 -14.10 -3.24
C SER A 10 -0.13 -12.65 -2.98
N ALA A 11 0.71 -11.75 -3.48
CA ALA A 11 0.51 -10.32 -3.30
C ALA A 11 0.33 -9.62 -4.63
N PRO A 12 -0.11 -8.35 -4.59
CA PRO A 12 -0.34 -7.54 -5.79
C PRO A 12 0.97 -7.16 -6.48
N LYS A 13 0.85 -6.63 -7.70
CA LYS A 13 2.02 -6.23 -8.47
C LYS A 13 1.87 -4.80 -8.98
N ASP A 14 2.86 -4.33 -9.72
CA ASP A 14 2.84 -2.98 -10.27
C ASP A 14 2.74 -1.94 -9.15
N LEU A 15 3.23 -2.31 -7.97
CA LEU A 15 3.20 -1.41 -6.82
C LEU A 15 4.18 -0.25 -7.01
N THR A 16 3.63 0.93 -7.29
CA THR A 16 4.47 2.12 -7.50
C THR A 16 3.92 3.30 -6.71
N VAL A 17 4.82 4.05 -6.09
CA VAL A 17 4.43 5.21 -5.30
C VAL A 17 5.01 6.50 -5.88
N ILE A 18 4.13 7.41 -6.30
CA ILE A 18 4.56 8.67 -6.88
C ILE A 18 3.94 9.85 -6.14
N THR A 19 4.71 10.93 -6.02
CA THR A 19 4.23 12.12 -5.33
C THR A 19 3.27 12.92 -6.22
N ARG A 20 2.14 13.32 -5.65
CA ARG A 20 1.14 14.09 -6.38
C ARG A 20 1.77 15.32 -7.03
N GLU A 21 1.44 15.55 -8.30
CA GLU A 21 1.97 16.69 -9.03
C GLU A 21 1.39 17.99 -8.50
N GLY A 22 0.46 17.88 -7.55
CA GLY A 22 -0.17 19.06 -6.98
C GLY A 22 -0.08 19.07 -5.46
N LYS A 23 0.43 17.99 -4.89
CA LYS A 23 0.57 17.89 -3.44
C LYS A 23 1.81 17.09 -3.07
N PRO A 24 2.74 17.72 -2.35
CA PRO A 24 3.98 17.09 -1.91
C PRO A 24 3.74 16.02 -0.84
N ARG A 25 2.83 16.32 0.08
CA ARG A 25 2.51 15.40 1.17
C ARG A 25 1.53 14.33 0.68
N ALA A 26 1.23 14.35 -0.60
CA ALA A 26 0.30 13.38 -1.18
C ALA A 26 1.02 12.44 -2.15
N VAL A 27 0.67 11.16 -2.10
CA VAL A 27 1.28 10.17 -2.98
C VAL A 27 0.24 9.18 -3.50
N ILE A 28 0.35 8.84 -4.77
CA ILE A 28 -0.58 7.90 -5.39
C ILE A 28 0.02 6.50 -5.47
N VAL A 29 -0.36 5.64 -4.53
CA VAL A 29 0.14 4.27 -4.50
C VAL A 29 -0.72 3.35 -5.36
N SER A 30 -0.20 2.99 -6.53
CA SER A 30 -0.92 2.12 -7.45
C SER A 30 -0.45 0.67 -7.30
N TRP A 31 -1.16 -0.23 -7.97
CA TRP A 31 -0.82 -1.66 -7.90
C TRP A 31 -1.69 -2.47 -8.86
N GLN A 32 -1.54 -3.79 -8.82
CA GLN A 32 -2.32 -4.67 -9.67
C GLN A 32 -2.77 -5.91 -8.92
N PRO A 33 -3.77 -6.61 -9.48
CA PRO A 33 -4.31 -7.84 -8.86
C PRO A 33 -3.33 -8.99 -8.93
N PRO A 34 -3.23 -9.76 -7.83
CA PRO A 34 -2.33 -10.91 -7.74
C PRO A 34 -2.79 -12.07 -8.61
N LEU A 35 -1.85 -12.94 -8.98
CA LEU A 35 -2.16 -14.09 -9.81
C LEU A 35 -2.97 -15.12 -9.05
N GLU A 36 -2.40 -15.59 -7.93
CA GLU A 36 -3.08 -16.59 -7.10
C GLU A 36 -3.96 -15.92 -6.07
N ALA A 37 -4.90 -15.10 -6.54
CA ALA A 37 -5.81 -14.39 -5.64
C ALA A 37 -6.79 -15.35 -4.99
N ASN A 38 -6.68 -16.63 -5.35
CA ASN A 38 -7.57 -17.65 -4.80
C ASN A 38 -8.98 -17.10 -4.62
N GLY A 39 -9.45 -16.34 -5.60
CA GLY A 39 -10.78 -15.77 -5.52
C GLY A 39 -10.79 -14.27 -5.73
N LYS A 40 -11.61 -13.80 -6.65
CA LYS A 40 -11.70 -12.38 -6.94
C LYS A 40 -11.50 -11.54 -5.68
N ILE A 41 -10.73 -10.47 -5.81
CA ILE A 41 -10.46 -9.59 -4.67
C ILE A 41 -11.64 -8.67 -4.39
N THR A 42 -12.02 -8.59 -3.12
CA THR A 42 -13.14 -7.74 -2.71
C THR A 42 -12.66 -6.54 -1.91
N ALA A 43 -11.39 -6.58 -1.50
CA ALA A 43 -10.81 -5.48 -0.72
C ALA A 43 -9.28 -5.55 -0.75
N TYR A 44 -8.65 -4.38 -0.68
CA TYR A 44 -7.19 -4.31 -0.71
C TYR A 44 -6.67 -3.55 0.52
N ILE A 45 -5.85 -4.23 1.32
CA ILE A 45 -5.29 -3.63 2.52
C ILE A 45 -3.84 -3.20 2.29
N LEU A 46 -3.57 -1.91 2.47
CA LEU A 46 -2.23 -1.37 2.29
C LEU A 46 -1.59 -1.02 3.63
N PHE A 47 -0.29 -1.24 3.73
CA PHE A 47 0.44 -0.94 4.96
C PHE A 47 1.66 -0.07 4.68
N TYR A 48 1.82 1.00 5.44
CA TYR A 48 2.94 1.91 5.27
C TYR A 48 3.46 2.41 6.62
N THR A 49 4.75 2.72 6.67
CA THR A 49 5.36 3.20 7.90
C THR A 49 6.76 3.77 7.62
N LEU A 50 7.23 4.62 8.53
CA LEU A 50 8.54 5.23 8.40
C LEU A 50 9.62 4.36 9.06
N ASP A 51 9.19 3.48 9.95
CA ASP A 51 10.11 2.60 10.65
C ASP A 51 9.71 1.14 10.46
N LYS A 52 10.67 0.31 10.07
CA LYS A 52 10.43 -1.10 9.85
C LYS A 52 10.67 -1.90 11.12
N ASN A 53 11.60 -1.43 11.95
CA ASN A 53 11.93 -2.10 13.20
C ASN A 53 10.68 -2.66 13.86
N ILE A 54 9.54 -2.02 13.61
CA ILE A 54 8.27 -2.45 14.18
C ILE A 54 7.63 -3.53 13.32
N PRO A 55 6.76 -4.35 13.95
CA PRO A 55 6.07 -5.44 13.26
C PRO A 55 5.02 -4.93 12.28
N ILE A 56 4.95 -5.55 11.10
CA ILE A 56 3.99 -5.16 10.09
C ILE A 56 2.65 -4.78 10.72
N ASP A 57 2.37 -5.33 11.88
CA ASP A 57 1.12 -5.05 12.58
C ASP A 57 1.10 -3.62 13.09
N ASP A 58 2.17 -3.22 13.77
CA ASP A 58 2.27 -1.87 14.31
C ASP A 58 2.15 -0.83 13.20
N TRP A 59 2.49 -1.24 11.99
CA TRP A 59 2.43 -0.34 10.84
C TRP A 59 1.02 0.23 10.66
N ILE A 60 0.87 1.14 9.71
CA ILE A 60 -0.42 1.76 9.45
C ILE A 60 -1.16 1.04 8.32
N MET A 61 -2.18 0.27 8.69
CA MET A 61 -2.97 -0.47 7.72
C MET A 61 -4.10 0.39 7.15
N GLU A 62 -4.39 0.21 5.87
CA GLU A 62 -5.43 0.98 5.21
C GLU A 62 -6.30 0.08 4.34
N THR A 63 -7.61 0.16 4.53
CA THR A 63 -8.56 -0.64 3.77
C THR A 63 -8.94 0.04 2.46
N ILE A 64 -8.91 -0.72 1.38
CA ILE A 64 -9.25 -0.18 0.06
C ILE A 64 -10.29 -1.06 -0.64
N SER A 65 -11.06 -0.46 -1.54
CA SER A 65 -12.09 -1.19 -2.27
C SER A 65 -11.47 -2.11 -3.30
N GLY A 66 -11.97 -3.34 -3.36
CA GLY A 66 -11.45 -4.31 -4.31
C GLY A 66 -11.58 -3.84 -5.74
N ASP A 67 -12.45 -2.87 -5.97
CA ASP A 67 -12.67 -2.33 -7.31
C ASP A 67 -11.50 -1.44 -7.73
N ARG A 68 -10.96 -0.69 -6.77
CA ARG A 68 -9.84 0.20 -7.05
C ARG A 68 -8.51 -0.52 -6.87
N LEU A 69 -7.50 -0.08 -7.61
CA LEU A 69 -6.17 -0.69 -7.54
C LEU A 69 -5.13 0.34 -7.11
N THR A 70 -5.59 1.46 -6.55
CA THR A 70 -4.70 2.51 -6.10
C THR A 70 -5.16 3.08 -4.76
N HIS A 71 -4.26 3.80 -4.08
CA HIS A 71 -4.57 4.39 -2.79
C HIS A 71 -3.82 5.71 -2.60
N GLN A 72 -4.55 6.76 -2.25
CA GLN A 72 -3.95 8.07 -2.04
C GLN A 72 -3.80 8.37 -0.55
N ILE A 73 -2.57 8.69 -0.14
CA ILE A 73 -2.29 9.00 1.26
C ILE A 73 -2.10 10.50 1.46
N MET A 74 -2.64 11.01 2.56
CA MET A 74 -2.51 12.44 2.87
C MET A 74 -1.93 12.63 4.27
N ASP A 75 -1.28 13.78 4.48
CA ASP A 75 -0.68 14.09 5.76
C ASP A 75 0.57 13.24 6.00
N LEU A 76 1.46 13.23 5.02
CA LEU A 76 2.69 12.46 5.11
C LEU A 76 3.88 13.36 5.39
N ASN A 77 4.88 12.83 6.08
CA ASN A 77 6.08 13.59 6.41
C ASN A 77 6.94 13.83 5.17
N LEU A 78 7.74 14.89 5.21
CA LEU A 78 8.61 15.23 4.09
C LEU A 78 10.05 14.84 4.38
N ASP A 79 10.89 14.87 3.36
CA ASP A 79 12.30 14.51 3.51
C ASP A 79 12.47 13.34 4.46
N THR A 80 11.52 12.41 4.42
CA THR A 80 11.56 11.24 5.29
C THR A 80 11.25 9.97 4.51
N MET A 81 12.03 8.92 4.75
CA MET A 81 11.82 7.64 4.08
C MET A 81 10.54 6.97 4.54
N TYR A 82 9.83 6.35 3.61
CA TYR A 82 8.58 5.67 3.93
C TYR A 82 8.47 4.35 3.19
N TYR A 83 8.11 3.29 3.92
CA TYR A 83 7.98 1.97 3.33
C TYR A 83 6.55 1.72 2.87
N PHE A 84 6.39 0.85 1.88
CA PHE A 84 5.07 0.51 1.35
C PHE A 84 4.90 -1.00 1.22
N ARG A 85 3.79 -1.50 1.77
CA ARG A 85 3.50 -2.93 1.73
C ARG A 85 2.00 -3.18 1.62
N ILE A 86 1.56 -3.58 0.44
CA ILE A 86 0.15 -3.86 0.21
C ILE A 86 -0.10 -5.35 0.01
N GLN A 87 -1.37 -5.75 0.06
CA GLN A 87 -1.73 -7.15 -0.11
C GLN A 87 -3.12 -7.27 -0.72
N ALA A 88 -3.62 -8.51 -0.83
CA ALA A 88 -4.93 -8.76 -1.40
C ALA A 88 -5.83 -9.50 -0.41
N ARG A 89 -7.10 -9.14 -0.39
CA ARG A 89 -8.06 -9.76 0.52
C ARG A 89 -9.37 -10.07 -0.21
N ASN A 90 -9.78 -11.33 -0.16
CA ASN A 90 -11.01 -11.76 -0.80
C ASN A 90 -12.04 -12.22 0.22
N SER A 91 -13.27 -12.42 -0.22
CA SER A 91 -14.35 -12.85 0.66
C SER A 91 -13.84 -13.89 1.66
N LYS A 92 -12.86 -14.67 1.23
CA LYS A 92 -12.27 -15.70 2.09
C LYS A 92 -11.37 -15.09 3.15
N GLY A 93 -10.22 -14.58 2.72
CA GLY A 93 -9.28 -13.96 3.65
C GLY A 93 -8.24 -13.13 2.95
N VAL A 94 -7.12 -12.88 3.62
CA VAL A 94 -6.05 -12.08 3.06
C VAL A 94 -4.74 -12.86 3.02
N GLY A 95 -3.92 -12.60 2.01
CA GLY A 95 -2.65 -13.28 1.88
C GLY A 95 -1.48 -12.43 2.35
N PRO A 96 -0.27 -12.76 1.85
CA PRO A 96 0.95 -12.03 2.21
C PRO A 96 0.98 -10.62 1.64
N LEU A 97 1.99 -9.85 2.02
CA LEU A 97 2.13 -8.48 1.55
C LEU A 97 3.33 -8.35 0.61
N SER A 98 3.37 -7.26 -0.15
CA SER A 98 4.47 -7.01 -1.07
C SER A 98 5.69 -6.46 -0.35
N ASP A 99 6.83 -6.47 -1.03
CA ASP A 99 8.07 -5.97 -0.45
C ASP A 99 7.96 -4.50 -0.10
N PRO A 100 8.64 -4.09 0.98
CA PRO A 100 8.63 -2.70 1.45
C PRO A 100 9.37 -1.76 0.50
N ILE A 101 8.63 -1.04 -0.31
CA ILE A 101 9.22 -0.09 -1.27
C ILE A 101 9.73 1.15 -0.56
N LEU A 102 10.95 1.56 -0.90
CA LEU A 102 11.55 2.75 -0.30
C LEU A 102 11.38 3.96 -1.21
N PHE A 103 10.56 4.91 -0.77
CA PHE A 103 10.32 6.12 -1.54
C PHE A 103 10.35 7.35 -0.64
N ARG A 104 11.33 8.22 -0.88
CA ARG A 104 11.47 9.44 -0.09
C ARG A 104 10.48 10.51 -0.55
N THR A 105 9.69 11.02 0.39
CA THR A 105 8.71 12.04 0.09
C THR A 105 9.36 13.31 -0.44
N LEU A 106 8.57 14.16 -1.08
CA LEU A 106 9.09 15.42 -1.63
C LEU A 106 9.66 16.30 -0.53
N LYS A 107 10.50 17.25 -0.92
CA LYS A 107 11.11 18.17 0.03
C LYS A 107 10.76 19.62 -0.32
N VAL A 108 10.04 20.28 0.59
CA VAL A 108 9.64 21.67 0.38
C VAL A 108 10.76 22.63 0.78
N SER A 109 11.98 22.30 0.36
CA SER A 109 13.14 23.14 0.69
C SER A 109 12.80 24.61 0.53
N GLY A 110 11.94 24.93 -0.42
CA GLY A 110 11.55 26.30 -0.66
C GLY A 110 10.11 26.57 -0.27
N PRO A 111 9.73 27.86 -0.26
CA PRO A 111 8.37 28.28 0.09
C PRO A 111 7.35 27.89 -0.97
N SER A 112 6.07 28.05 -0.65
CA SER A 112 5.00 27.70 -1.57
C SER A 112 4.89 28.74 -2.69
N SER A 113 5.60 28.49 -3.78
CA SER A 113 5.58 29.40 -4.93
C SER A 113 5.87 28.65 -6.23
N GLY A 114 5.81 29.37 -7.34
CA GLY A 114 6.07 28.76 -8.63
C GLY A 114 7.00 29.59 -9.49
N GLY A 1 -11.94 -18.17 -12.60
CA GLY A 1 -10.78 -18.86 -12.06
C GLY A 1 -11.05 -20.32 -11.76
N SER A 2 -10.37 -20.85 -10.75
CA SER A 2 -10.54 -22.25 -10.37
C SER A 2 -9.90 -22.52 -9.01
N SER A 3 -10.66 -23.18 -8.13
CA SER A 3 -10.17 -23.50 -6.80
C SER A 3 -9.57 -22.26 -6.13
N GLY A 4 -10.26 -21.15 -6.25
CA GLY A 4 -9.79 -19.91 -5.65
C GLY A 4 -10.48 -19.60 -4.33
N SER A 5 -9.80 -19.93 -3.23
CA SER A 5 -10.35 -19.69 -1.91
C SER A 5 -9.26 -19.75 -0.84
N SER A 6 -9.67 -19.64 0.42
CA SER A 6 -8.72 -19.68 1.53
C SER A 6 -7.75 -18.50 1.46
N GLY A 7 -8.26 -17.37 0.98
CA GLY A 7 -7.42 -16.18 0.87
C GLY A 7 -6.30 -16.35 -0.13
N PRO A 8 -5.82 -15.23 -0.69
CA PRO A 8 -4.74 -15.24 -1.68
C PRO A 8 -3.40 -15.62 -1.07
N THR A 9 -2.54 -16.25 -1.86
CA THR A 9 -1.23 -16.67 -1.39
C THR A 9 -0.12 -15.86 -2.07
N SER A 10 -0.51 -14.78 -2.74
CA SER A 10 0.45 -13.92 -3.43
C SER A 10 0.05 -12.46 -3.33
N ALA A 11 1.04 -11.61 -3.07
CA ALA A 11 0.79 -10.17 -2.94
C ALA A 11 0.59 -9.53 -4.31
N PRO A 12 0.09 -8.28 -4.31
CA PRO A 12 -0.17 -7.53 -5.54
C PRO A 12 1.13 -7.12 -6.25
N LYS A 13 1.00 -6.64 -7.48
CA LYS A 13 2.15 -6.21 -8.26
C LYS A 13 1.96 -4.79 -8.76
N ASP A 14 2.97 -4.27 -9.45
CA ASP A 14 2.92 -2.92 -9.99
C ASP A 14 2.80 -1.89 -8.87
N LEU A 15 3.37 -2.22 -7.71
CA LEU A 15 3.32 -1.32 -6.57
C LEU A 15 4.26 -0.14 -6.75
N THR A 16 3.71 0.98 -7.21
CA THR A 16 4.51 2.19 -7.43
C THR A 16 3.95 3.36 -6.62
N VAL A 17 4.86 4.12 -6.01
CA VAL A 17 4.47 5.29 -5.22
C VAL A 17 5.00 6.57 -5.82
N ILE A 18 4.12 7.55 -6.00
CA ILE A 18 4.51 8.84 -6.56
C ILE A 18 3.84 9.99 -5.82
N THR A 19 4.56 11.10 -5.68
CA THR A 19 4.05 12.27 -4.99
C THR A 19 3.08 13.05 -5.89
N ARG A 20 1.88 13.31 -5.37
CA ARG A 20 0.87 14.04 -6.12
C ARG A 20 1.41 15.40 -6.58
N GLU A 21 0.88 15.89 -7.69
CA GLU A 21 1.30 17.17 -8.24
C GLU A 21 0.64 18.33 -7.50
N GLY A 22 -0.54 18.07 -6.95
CA GLY A 22 -1.25 19.10 -6.21
C GLY A 22 -0.83 19.17 -4.76
N LYS A 23 -0.30 18.08 -4.24
CA LYS A 23 0.15 18.02 -2.85
C LYS A 23 1.36 17.10 -2.71
N PRO A 24 2.43 17.62 -2.10
CA PRO A 24 3.66 16.86 -1.88
C PRO A 24 3.49 15.76 -0.84
N ARG A 25 2.95 16.12 0.32
CA ARG A 25 2.73 15.17 1.40
C ARG A 25 1.81 14.04 0.94
N ALA A 26 1.20 14.21 -0.22
CA ALA A 26 0.30 13.21 -0.78
C ALA A 26 1.02 12.32 -1.79
N VAL A 27 0.52 11.10 -1.96
CA VAL A 27 1.10 10.15 -2.90
C VAL A 27 0.06 9.21 -3.46
N ILE A 28 0.28 8.74 -4.69
CA ILE A 28 -0.65 7.82 -5.34
C ILE A 28 -0.05 6.43 -5.43
N VAL A 29 -0.37 5.58 -4.46
CA VAL A 29 0.13 4.21 -4.44
C VAL A 29 -0.70 3.31 -5.36
N SER A 30 -0.13 2.98 -6.51
CA SER A 30 -0.82 2.12 -7.47
C SER A 30 -0.40 0.66 -7.29
N TRP A 31 -1.13 -0.23 -7.95
CA TRP A 31 -0.84 -1.66 -7.87
C TRP A 31 -1.75 -2.46 -8.81
N GLN A 32 -1.63 -3.77 -8.76
CA GLN A 32 -2.44 -4.65 -9.61
C GLN A 32 -2.81 -5.93 -8.87
N PRO A 33 -3.88 -6.59 -9.33
CA PRO A 33 -4.37 -7.83 -8.72
C PRO A 33 -3.42 -9.00 -8.98
N PRO A 34 -3.15 -9.78 -7.93
CA PRO A 34 -2.27 -10.95 -8.01
C PRO A 34 -2.88 -12.09 -8.82
N LEU A 35 -2.04 -13.00 -9.28
CA LEU A 35 -2.50 -14.14 -10.06
C LEU A 35 -3.16 -15.19 -9.16
N GLU A 36 -2.50 -15.54 -8.07
CA GLU A 36 -3.03 -16.53 -7.14
C GLU A 36 -3.99 -15.87 -6.15
N ALA A 37 -4.82 -14.97 -6.66
CA ALA A 37 -5.79 -14.27 -5.83
C ALA A 37 -6.65 -15.26 -5.04
N ASN A 38 -6.68 -16.50 -5.51
CA ASN A 38 -7.47 -17.53 -4.84
C ASN A 38 -8.87 -17.04 -4.49
N GLY A 39 -9.43 -16.22 -5.38
CA GLY A 39 -10.75 -15.69 -5.16
C GLY A 39 -10.85 -14.21 -5.48
N LYS A 40 -11.72 -13.86 -6.42
CA LYS A 40 -11.91 -12.48 -6.83
C LYS A 40 -11.72 -11.53 -5.65
N ILE A 41 -10.69 -10.70 -5.72
CA ILE A 41 -10.41 -9.74 -4.66
C ILE A 41 -11.61 -8.84 -4.39
N THR A 42 -11.94 -8.69 -3.11
CA THR A 42 -13.08 -7.86 -2.71
C THR A 42 -12.61 -6.62 -1.95
N ALA A 43 -11.38 -6.67 -1.46
CA ALA A 43 -10.80 -5.55 -0.71
C ALA A 43 -9.28 -5.58 -0.76
N TYR A 44 -8.67 -4.41 -0.66
CA TYR A 44 -7.22 -4.29 -0.70
C TYR A 44 -6.70 -3.54 0.53
N ILE A 45 -5.87 -4.21 1.31
CA ILE A 45 -5.30 -3.60 2.51
C ILE A 45 -3.84 -3.20 2.29
N LEU A 46 -3.58 -1.90 2.36
CA LEU A 46 -2.22 -1.39 2.17
C LEU A 46 -1.60 -0.97 3.50
N PHE A 47 -0.29 -1.11 3.59
CA PHE A 47 0.43 -0.75 4.82
C PHE A 47 1.66 0.10 4.50
N TYR A 48 1.83 1.19 5.24
CA TYR A 48 2.96 2.08 5.04
C TYR A 48 3.49 2.61 6.37
N THR A 49 4.80 2.78 6.45
CA THR A 49 5.43 3.27 7.67
C THR A 49 6.88 3.69 7.41
N LEU A 50 7.31 4.75 8.08
CA LEU A 50 8.67 5.26 7.92
C LEU A 50 9.68 4.33 8.60
N ASP A 51 9.19 3.54 9.55
CA ASP A 51 10.05 2.61 10.28
C ASP A 51 9.58 1.17 10.08
N LYS A 52 10.53 0.29 9.77
CA LYS A 52 10.21 -1.12 9.54
C LYS A 52 10.47 -1.94 10.80
N ASN A 53 11.40 -1.47 11.64
CA ASN A 53 11.74 -2.16 12.87
C ASN A 53 10.48 -2.65 13.59
N ILE A 54 9.39 -1.88 13.45
CA ILE A 54 8.12 -2.25 14.08
C ILE A 54 7.43 -3.36 13.31
N PRO A 55 6.57 -4.12 14.00
CA PRO A 55 5.81 -5.22 13.41
C PRO A 55 4.76 -4.73 12.43
N ILE A 56 4.65 -5.41 11.28
CA ILE A 56 3.67 -5.06 10.27
C ILE A 56 2.35 -4.61 10.90
N ASP A 57 2.09 -5.11 12.11
CA ASP A 57 0.86 -4.77 12.82
C ASP A 57 0.89 -3.31 13.26
N ASP A 58 2.00 -2.88 13.85
CA ASP A 58 2.15 -1.51 14.32
C ASP A 58 2.04 -0.53 13.16
N TRP A 59 2.33 -1.00 11.95
CA TRP A 59 2.26 -0.16 10.76
C TRP A 59 0.87 0.43 10.59
N ILE A 60 0.71 1.27 9.58
CA ILE A 60 -0.57 1.91 9.32
C ILE A 60 -1.33 1.18 8.22
N MET A 61 -2.29 0.35 8.62
CA MET A 61 -3.10 -0.41 7.67
C MET A 61 -4.21 0.45 7.08
N GLU A 62 -4.42 0.32 5.78
CA GLU A 62 -5.47 1.09 5.10
C GLU A 62 -6.34 0.19 4.24
N THR A 63 -7.65 0.25 4.45
CA THR A 63 -8.60 -0.56 3.69
C THR A 63 -8.96 0.10 2.37
N ILE A 64 -9.03 -0.69 1.32
CA ILE A 64 -9.38 -0.18 0.00
C ILE A 64 -10.38 -1.09 -0.71
N SER A 65 -11.08 -0.54 -1.70
CA SER A 65 -12.07 -1.30 -2.44
C SER A 65 -11.39 -2.23 -3.46
N GLY A 66 -11.79 -3.50 -3.45
CA GLY A 66 -11.22 -4.45 -4.37
C GLY A 66 -11.30 -4.01 -5.82
N ASP A 67 -12.22 -3.09 -6.10
CA ASP A 67 -12.40 -2.57 -7.44
C ASP A 67 -11.23 -1.68 -7.85
N ARG A 68 -10.87 -0.76 -6.96
CA ARG A 68 -9.76 0.17 -7.23
C ARG A 68 -8.42 -0.53 -7.02
N LEU A 69 -7.40 -0.06 -7.71
CA LEU A 69 -6.06 -0.62 -7.60
C LEU A 69 -5.05 0.43 -7.16
N THR A 70 -5.55 1.55 -6.63
CA THR A 70 -4.70 2.63 -6.18
C THR A 70 -5.14 3.14 -4.81
N HIS A 71 -4.22 3.80 -4.11
CA HIS A 71 -4.52 4.34 -2.78
C HIS A 71 -3.76 5.65 -2.55
N GLN A 72 -4.50 6.70 -2.22
CA GLN A 72 -3.90 8.01 -1.97
C GLN A 72 -3.73 8.25 -0.47
N ILE A 73 -2.52 8.62 -0.08
CA ILE A 73 -2.22 8.88 1.33
C ILE A 73 -1.99 10.37 1.57
N MET A 74 -2.33 10.83 2.77
CA MET A 74 -2.15 12.24 3.13
C MET A 74 -1.51 12.37 4.51
N ASP A 75 -1.13 13.59 4.86
CA ASP A 75 -0.50 13.85 6.15
C ASP A 75 0.75 13.00 6.33
N LEU A 76 1.64 13.05 5.35
CA LEU A 76 2.89 12.29 5.39
C LEU A 76 4.06 13.17 5.79
N ASN A 77 5.09 12.56 6.36
CA ASN A 77 6.28 13.28 6.78
C ASN A 77 7.02 13.85 5.58
N LEU A 78 7.89 14.83 5.84
CA LEU A 78 8.67 15.46 4.77
C LEU A 78 10.13 15.02 4.83
N ASP A 79 10.68 14.67 3.68
CA ASP A 79 12.07 14.23 3.60
C ASP A 79 12.30 13.01 4.49
N THR A 80 11.39 12.05 4.43
CA THR A 80 11.50 10.84 5.22
C THR A 80 11.11 9.60 4.41
N MET A 81 11.94 8.58 4.48
CA MET A 81 11.69 7.34 3.75
C MET A 81 10.46 6.62 4.31
N TYR A 82 9.58 6.16 3.42
CA TYR A 82 8.37 5.46 3.83
C TYR A 82 8.24 4.13 3.10
N TYR A 83 8.26 3.04 3.86
CA TYR A 83 8.15 1.71 3.28
C TYR A 83 6.71 1.41 2.90
N PHE A 84 6.52 0.82 1.72
CA PHE A 84 5.19 0.48 1.24
C PHE A 84 5.00 -1.04 1.20
N ARG A 85 3.88 -1.50 1.74
CA ARG A 85 3.58 -2.93 1.76
C ARG A 85 2.07 -3.17 1.68
N ILE A 86 1.61 -3.63 0.53
CA ILE A 86 0.19 -3.90 0.32
C ILE A 86 -0.05 -5.39 0.09
N GLN A 87 -1.31 -5.79 0.19
CA GLN A 87 -1.69 -7.19 0.00
C GLN A 87 -3.07 -7.31 -0.61
N ALA A 88 -3.55 -8.53 -0.78
CA ALA A 88 -4.86 -8.79 -1.36
C ALA A 88 -5.75 -9.56 -0.39
N ARG A 89 -7.03 -9.20 -0.36
CA ARG A 89 -7.99 -9.86 0.52
C ARG A 89 -9.28 -10.18 -0.21
N ASN A 90 -9.71 -11.44 -0.14
CA ASN A 90 -10.94 -11.86 -0.79
C ASN A 90 -12.00 -12.24 0.23
N SER A 91 -13.23 -12.45 -0.25
CA SER A 91 -14.34 -12.80 0.63
C SER A 91 -13.91 -13.86 1.65
N LYS A 92 -12.85 -14.60 1.31
CA LYS A 92 -12.34 -15.63 2.19
C LYS A 92 -11.43 -15.04 3.26
N GLY A 93 -10.20 -14.69 2.85
CA GLY A 93 -9.25 -14.10 3.79
C GLY A 93 -8.27 -13.18 3.10
N VAL A 94 -7.15 -12.90 3.77
CA VAL A 94 -6.12 -12.03 3.22
C VAL A 94 -4.78 -12.76 3.12
N GLY A 95 -4.06 -12.50 2.04
CA GLY A 95 -2.78 -13.13 1.83
C GLY A 95 -1.63 -12.29 2.34
N PRO A 96 -0.40 -12.64 1.92
CA PRO A 96 0.80 -11.92 2.34
C PRO A 96 0.89 -10.52 1.74
N LEU A 97 2.02 -9.85 1.95
CA LEU A 97 2.22 -8.51 1.42
C LEU A 97 3.43 -8.46 0.48
N SER A 98 3.52 -7.38 -0.29
CA SER A 98 4.62 -7.21 -1.23
C SER A 98 5.87 -6.69 -0.53
N ASP A 99 6.98 -6.63 -1.26
CA ASP A 99 8.24 -6.14 -0.71
C ASP A 99 8.13 -4.65 -0.37
N PRO A 100 8.83 -4.24 0.69
CA PRO A 100 8.84 -2.85 1.14
C PRO A 100 9.59 -1.93 0.18
N ILE A 101 8.85 -1.04 -0.46
CA ILE A 101 9.45 -0.10 -1.42
C ILE A 101 9.96 1.15 -0.70
N LEU A 102 11.15 1.60 -1.11
CA LEU A 102 11.75 2.79 -0.51
C LEU A 102 11.48 4.02 -1.36
N PHE A 103 10.54 4.84 -0.92
CA PHE A 103 10.18 6.05 -1.64
C PHE A 103 10.24 7.27 -0.71
N ARG A 104 11.22 8.13 -0.92
CA ARG A 104 11.39 9.32 -0.12
C ARG A 104 10.41 10.41 -0.53
N THR A 105 9.67 10.94 0.44
CA THR A 105 8.68 11.98 0.16
C THR A 105 9.37 13.29 -0.23
N LEU A 106 8.63 14.13 -0.95
CA LEU A 106 9.17 15.42 -1.39
C LEU A 106 9.61 16.26 -0.20
N LYS A 107 10.23 17.40 -0.48
CA LYS A 107 10.70 18.30 0.57
C LYS A 107 10.18 19.72 0.34
N VAL A 108 9.23 20.12 1.16
CA VAL A 108 8.64 21.46 1.05
C VAL A 108 8.77 22.21 2.37
N SER A 109 8.89 23.54 2.27
CA SER A 109 9.02 24.38 3.46
C SER A 109 7.86 25.38 3.55
N GLY A 110 7.03 25.22 4.57
CA GLY A 110 5.90 26.10 4.75
C GLY A 110 4.94 26.07 3.57
N PRO A 111 3.64 25.94 3.86
CA PRO A 111 2.60 25.90 2.83
C PRO A 111 2.41 27.24 2.14
N SER A 112 3.18 27.46 1.07
CA SER A 112 3.10 28.71 0.33
C SER A 112 2.32 28.52 -0.98
N SER A 113 1.93 29.63 -1.59
CA SER A 113 1.18 29.58 -2.84
C SER A 113 2.12 29.34 -4.04
N GLY A 114 3.25 30.04 -4.05
CA GLY A 114 4.20 29.89 -5.12
C GLY A 114 4.46 31.19 -5.85
N GLY A 1 -18.98 -23.76 -9.80
CA GLY A 1 -19.14 -22.33 -9.74
C GLY A 1 -18.10 -21.66 -8.88
N SER A 2 -17.99 -22.11 -7.62
CA SER A 2 -17.02 -21.54 -6.70
C SER A 2 -15.76 -22.39 -6.65
N SER A 3 -14.80 -22.04 -7.51
CA SER A 3 -13.54 -22.77 -7.57
C SER A 3 -12.36 -21.87 -7.19
N GLY A 4 -11.85 -22.07 -5.98
CA GLY A 4 -10.73 -21.27 -5.52
C GLY A 4 -11.18 -20.00 -4.83
N SER A 5 -11.37 -20.08 -3.51
CA SER A 5 -11.81 -18.93 -2.73
C SER A 5 -10.86 -18.66 -1.57
N SER A 6 -10.39 -19.73 -0.94
CA SER A 6 -9.47 -19.62 0.19
C SER A 6 -8.55 -18.41 0.03
N GLY A 7 -8.21 -17.78 1.15
CA GLY A 7 -7.34 -16.62 1.09
C GLY A 7 -6.31 -16.71 -0.01
N PRO A 8 -5.93 -15.54 -0.57
CA PRO A 8 -4.95 -15.47 -1.65
C PRO A 8 -3.54 -15.81 -1.18
N THR A 9 -2.79 -16.50 -2.03
CA THR A 9 -1.43 -16.89 -1.70
C THR A 9 -0.41 -16.12 -2.54
N SER A 10 -0.80 -14.93 -2.98
CA SER A 10 0.07 -14.09 -3.79
C SER A 10 -0.23 -12.61 -3.57
N ALA A 11 0.81 -11.83 -3.32
CA ALA A 11 0.65 -10.40 -3.09
C ALA A 11 0.53 -9.65 -4.42
N PRO A 12 0.09 -8.39 -4.35
CA PRO A 12 -0.08 -7.53 -5.52
C PRO A 12 1.25 -7.13 -6.15
N LYS A 13 1.21 -6.69 -7.41
CA LYS A 13 2.41 -6.28 -8.12
C LYS A 13 2.25 -4.87 -8.67
N ASP A 14 3.24 -4.43 -9.43
CA ASP A 14 3.21 -3.09 -10.03
C ASP A 14 3.02 -2.02 -8.96
N LEU A 15 3.52 -2.30 -7.75
CA LEU A 15 3.38 -1.36 -6.64
C LEU A 15 4.32 -0.17 -6.82
N THR A 16 3.74 0.97 -7.17
CA THR A 16 4.52 2.19 -7.38
C THR A 16 3.92 3.36 -6.62
N VAL A 17 4.79 4.17 -6.00
CA VAL A 17 4.35 5.33 -5.24
C VAL A 17 4.93 6.62 -5.82
N ILE A 18 4.05 7.54 -6.18
CA ILE A 18 4.48 8.82 -6.73
C ILE A 18 3.86 9.99 -5.98
N THR A 19 4.59 11.10 -5.91
CA THR A 19 4.11 12.29 -5.21
C THR A 19 3.08 13.04 -6.05
N ARG A 20 1.90 13.26 -5.47
CA ARG A 20 0.83 13.96 -6.15
C ARG A 20 1.29 15.34 -6.61
N GLU A 21 1.44 15.51 -7.92
CA GLU A 21 1.88 16.78 -8.48
C GLU A 21 1.13 17.96 -7.83
N GLY A 22 -0.14 17.73 -7.51
CA GLY A 22 -0.95 18.76 -6.90
C GLY A 22 -0.58 18.99 -5.44
N LYS A 23 -0.09 17.96 -4.79
CA LYS A 23 0.31 18.05 -3.38
C LYS A 23 1.46 17.09 -3.08
N PRO A 24 2.54 17.63 -2.48
CA PRO A 24 3.71 16.84 -2.11
C PRO A 24 3.43 15.87 -0.97
N ARG A 25 2.84 16.37 0.11
CA ARG A 25 2.52 15.55 1.26
C ARG A 25 1.61 14.38 0.87
N ALA A 26 1.02 14.48 -0.32
CA ALA A 26 0.13 13.44 -0.82
C ALA A 26 0.83 12.58 -1.88
N VAL A 27 0.47 11.30 -1.92
CA VAL A 27 1.06 10.38 -2.88
C VAL A 27 0.01 9.41 -3.43
N ILE A 28 0.28 8.85 -4.61
CA ILE A 28 -0.64 7.91 -5.23
C ILE A 28 -0.01 6.53 -5.33
N VAL A 29 -0.36 5.64 -4.41
CA VAL A 29 0.16 4.29 -4.41
C VAL A 29 -0.68 3.37 -5.29
N SER A 30 -0.11 2.97 -6.42
CA SER A 30 -0.81 2.09 -7.35
C SER A 30 -0.33 0.65 -7.21
N TRP A 31 -1.05 -0.27 -7.84
CA TRP A 31 -0.70 -1.69 -7.78
C TRP A 31 -1.57 -2.51 -8.73
N GLN A 32 -1.28 -3.80 -8.82
CA GLN A 32 -2.04 -4.70 -9.69
C GLN A 32 -2.49 -5.94 -8.93
N PRO A 33 -3.53 -6.60 -9.47
CA PRO A 33 -4.08 -7.82 -8.86
C PRO A 33 -3.13 -9.00 -8.97
N PRO A 34 -3.04 -9.79 -7.88
CA PRO A 34 -2.18 -10.98 -7.83
C PRO A 34 -2.67 -12.10 -8.73
N LEU A 35 -1.81 -13.07 -8.99
CA LEU A 35 -2.17 -14.20 -9.84
C LEU A 35 -2.92 -15.26 -9.05
N GLU A 36 -2.35 -15.67 -7.92
CA GLU A 36 -2.97 -16.67 -7.07
C GLU A 36 -4.02 -16.04 -6.16
N ALA A 37 -4.77 -15.08 -6.70
CA ALA A 37 -5.80 -14.40 -5.93
C ALA A 37 -6.78 -15.39 -5.31
N ASN A 38 -6.88 -16.58 -5.91
CA ASN A 38 -7.76 -17.62 -5.41
C ASN A 38 -9.17 -17.07 -5.20
N GLY A 39 -9.59 -16.17 -6.09
CA GLY A 39 -10.92 -15.59 -5.97
C GLY A 39 -10.91 -14.09 -6.17
N LYS A 40 -11.77 -13.59 -7.06
CA LYS A 40 -11.84 -12.17 -7.33
C LYS A 40 -11.74 -11.35 -6.04
N ILE A 41 -10.61 -10.68 -5.87
CA ILE A 41 -10.38 -9.86 -4.68
C ILE A 41 -11.59 -8.98 -4.38
N THR A 42 -11.91 -8.85 -3.10
CA THR A 42 -13.04 -8.03 -2.67
C THR A 42 -12.57 -6.75 -1.98
N ALA A 43 -11.39 -6.81 -1.38
CA ALA A 43 -10.83 -5.65 -0.70
C ALA A 43 -9.30 -5.66 -0.75
N TYR A 44 -8.70 -4.48 -0.69
CA TYR A 44 -7.25 -4.36 -0.74
C TYR A 44 -6.73 -3.58 0.46
N ILE A 45 -5.91 -4.22 1.28
CA ILE A 45 -5.35 -3.58 2.46
C ILE A 45 -3.90 -3.15 2.21
N LEU A 46 -3.61 -1.88 2.49
CA LEU A 46 -2.27 -1.35 2.30
C LEU A 46 -1.60 -1.07 3.65
N PHE A 47 -0.28 -1.18 3.68
CA PHE A 47 0.48 -0.92 4.89
C PHE A 47 1.70 -0.06 4.61
N TYR A 48 1.80 1.07 5.28
CA TYR A 48 2.92 1.98 5.10
C TYR A 48 3.43 2.49 6.44
N THR A 49 4.74 2.72 6.52
CA THR A 49 5.36 3.21 7.74
C THR A 49 6.78 3.69 7.49
N LEU A 50 7.22 4.68 8.26
CA LEU A 50 8.56 5.24 8.12
C LEU A 50 9.59 4.35 8.81
N ASP A 51 9.13 3.54 9.76
CA ASP A 51 10.00 2.64 10.49
C ASP A 51 9.62 1.19 10.26
N LYS A 52 10.59 0.37 9.84
CA LYS A 52 10.35 -1.04 9.58
C LYS A 52 10.63 -1.87 10.81
N ASN A 53 11.52 -1.38 11.67
CA ASN A 53 11.88 -2.08 12.90
C ASN A 53 10.64 -2.65 13.58
N ILE A 54 9.50 -2.00 13.36
CA ILE A 54 8.24 -2.45 13.96
C ILE A 54 7.60 -3.55 13.13
N PRO A 55 6.76 -4.38 13.78
CA PRO A 55 6.07 -5.48 13.11
C PRO A 55 4.99 -4.99 12.15
N ILE A 56 4.89 -5.65 11.00
CA ILE A 56 3.90 -5.29 9.99
C ILE A 56 2.56 -4.94 10.63
N ASP A 57 2.33 -5.49 11.82
CA ASP A 57 1.09 -5.24 12.55
C ASP A 57 1.04 -3.81 13.07
N ASP A 58 2.14 -3.37 13.67
CA ASP A 58 2.22 -2.02 14.22
C ASP A 58 2.11 -0.97 13.11
N TRP A 59 2.47 -1.37 11.89
CA TRP A 59 2.42 -0.47 10.75
C TRP A 59 1.03 0.15 10.61
N ILE A 60 0.88 1.05 9.65
CA ILE A 60 -0.39 1.72 9.41
C ILE A 60 -1.19 1.02 8.32
N MET A 61 -2.18 0.23 8.73
CA MET A 61 -3.01 -0.50 7.78
C MET A 61 -4.10 0.41 7.20
N GLU A 62 -4.45 0.16 5.94
CA GLU A 62 -5.47 0.96 5.27
C GLU A 62 -6.35 0.08 4.37
N THR A 63 -7.65 0.24 4.49
CA THR A 63 -8.60 -0.54 3.70
C THR A 63 -8.90 0.16 2.37
N ILE A 64 -8.96 -0.62 1.30
CA ILE A 64 -9.25 -0.08 -0.02
C ILE A 64 -10.27 -0.94 -0.76
N SER A 65 -11.08 -0.29 -1.60
CA SER A 65 -12.10 -1.00 -2.36
C SER A 65 -11.47 -1.96 -3.36
N GLY A 66 -11.99 -3.19 -3.39
CA GLY A 66 -11.45 -4.19 -4.30
C GLY A 66 -11.53 -3.76 -5.76
N ASP A 67 -12.41 -2.80 -6.04
CA ASP A 67 -12.58 -2.30 -7.39
C ASP A 67 -11.41 -1.40 -7.80
N ARG A 68 -10.86 -0.69 -6.81
CA ARG A 68 -9.73 0.20 -7.07
C ARG A 68 -8.40 -0.53 -6.87
N LEU A 69 -7.37 -0.08 -7.57
CA LEU A 69 -6.04 -0.69 -7.46
C LEU A 69 -5.01 0.34 -7.02
N THR A 70 -5.48 1.45 -6.47
CA THR A 70 -4.60 2.52 -6.01
C THR A 70 -5.06 3.06 -4.67
N HIS A 71 -4.16 3.76 -3.97
CA HIS A 71 -4.47 4.34 -2.68
C HIS A 71 -3.73 5.67 -2.48
N GLN A 72 -4.49 6.72 -2.20
CA GLN A 72 -3.91 8.04 -2.00
C GLN A 72 -3.77 8.34 -0.51
N ILE A 73 -2.60 8.83 -0.12
CA ILE A 73 -2.33 9.17 1.28
C ILE A 73 -2.13 10.67 1.45
N MET A 74 -2.41 11.16 2.65
CA MET A 74 -2.25 12.58 2.96
C MET A 74 -1.54 12.78 4.30
N ASP A 75 -1.24 14.03 4.62
CA ASP A 75 -0.57 14.36 5.87
C ASP A 75 0.63 13.45 6.09
N LEU A 76 1.53 13.42 5.11
CA LEU A 76 2.73 12.59 5.20
C LEU A 76 3.97 13.45 5.45
N ASN A 77 5.05 12.80 5.89
CA ASN A 77 6.29 13.51 6.16
C ASN A 77 7.03 13.86 4.86
N LEU A 78 7.70 15.00 4.86
CA LEU A 78 8.44 15.45 3.68
C LEU A 78 9.93 15.17 3.83
N ASP A 79 10.53 14.61 2.79
CA ASP A 79 11.96 14.30 2.81
C ASP A 79 12.26 13.19 3.81
N THR A 80 11.43 12.15 3.80
CA THR A 80 11.62 11.03 4.70
C THR A 80 11.34 9.70 4.00
N MET A 81 12.06 8.66 4.40
CA MET A 81 11.89 7.34 3.81
C MET A 81 10.59 6.68 4.31
N TYR A 82 9.74 6.28 3.37
CA TYR A 82 8.48 5.65 3.70
C TYR A 82 8.33 4.30 3.00
N TYR A 83 8.18 3.24 3.77
CA TYR A 83 8.02 1.91 3.22
C TYR A 83 6.57 1.63 2.84
N PHE A 84 6.39 0.86 1.77
CA PHE A 84 5.05 0.52 1.29
C PHE A 84 4.88 -1.00 1.20
N ARG A 85 3.75 -1.49 1.73
CA ARG A 85 3.47 -2.92 1.71
C ARG A 85 1.96 -3.16 1.63
N ILE A 86 1.50 -3.59 0.46
CA ILE A 86 0.09 -3.87 0.24
C ILE A 86 -0.16 -5.36 0.00
N GLN A 87 -1.39 -5.78 0.19
CA GLN A 87 -1.76 -7.19 -0.01
C GLN A 87 -3.16 -7.30 -0.61
N ALA A 88 -3.59 -8.54 -0.85
CA ALA A 88 -4.91 -8.79 -1.42
C ALA A 88 -5.80 -9.53 -0.43
N ARG A 89 -7.08 -9.17 -0.40
CA ARG A 89 -8.04 -9.80 0.49
C ARG A 89 -9.32 -10.14 -0.24
N ASN A 90 -9.80 -11.37 -0.07
CA ASN A 90 -11.03 -11.81 -0.71
C ASN A 90 -12.13 -12.07 0.32
N SER A 91 -13.35 -12.28 -0.16
CA SER A 91 -14.48 -12.53 0.72
C SER A 91 -14.13 -13.57 1.78
N LYS A 92 -13.08 -14.35 1.52
CA LYS A 92 -12.64 -15.38 2.45
C LYS A 92 -11.66 -14.81 3.46
N GLY A 93 -10.42 -14.57 3.01
CA GLY A 93 -9.41 -14.03 3.89
C GLY A 93 -8.42 -13.14 3.17
N VAL A 94 -7.26 -12.92 3.78
CA VAL A 94 -6.23 -12.08 3.17
C VAL A 94 -4.92 -12.84 3.05
N GLY A 95 -4.19 -12.59 1.96
CA GLY A 95 -2.92 -13.26 1.74
C GLY A 95 -1.75 -12.46 2.26
N PRO A 96 -0.53 -12.82 1.83
CA PRO A 96 0.70 -12.14 2.24
C PRO A 96 0.81 -10.74 1.67
N LEU A 97 1.92 -10.08 1.96
CA LEU A 97 2.16 -8.73 1.47
C LEU A 97 3.33 -8.69 0.50
N SER A 98 3.52 -7.55 -0.16
CA SER A 98 4.60 -7.38 -1.13
C SER A 98 5.83 -6.79 -0.45
N ASP A 99 6.95 -6.79 -1.18
CA ASP A 99 8.21 -6.23 -0.66
C ASP A 99 8.07 -4.74 -0.38
N PRO A 100 8.75 -4.27 0.67
CA PRO A 100 8.73 -2.86 1.06
C PRO A 100 9.45 -1.96 0.06
N ILE A 101 8.75 -0.95 -0.44
CA ILE A 101 9.33 -0.03 -1.40
C ILE A 101 9.83 1.24 -0.72
N LEU A 102 11.03 1.67 -1.09
CA LEU A 102 11.63 2.87 -0.52
C LEU A 102 11.35 4.09 -1.39
N PHE A 103 10.38 4.89 -0.99
CA PHE A 103 10.02 6.10 -1.74
C PHE A 103 10.17 7.34 -0.86
N ARG A 104 11.17 8.15 -1.18
CA ARG A 104 11.43 9.37 -0.43
C ARG A 104 10.45 10.48 -0.83
N THR A 105 9.66 10.95 0.12
CA THR A 105 8.69 12.00 -0.14
C THR A 105 9.38 13.27 -0.65
N LEU A 106 8.58 14.21 -1.14
CA LEU A 106 9.11 15.46 -1.66
C LEU A 106 9.75 16.29 -0.54
N LYS A 107 10.37 17.39 -0.92
CA LYS A 107 11.03 18.28 0.05
C LYS A 107 10.60 19.72 -0.15
N VAL A 108 9.76 20.21 0.74
CA VAL A 108 9.27 21.59 0.67
C VAL A 108 9.86 22.45 1.78
N SER A 109 10.93 23.17 1.46
CA SER A 109 11.60 24.02 2.43
C SER A 109 11.34 25.50 2.12
N GLY A 110 11.69 26.36 3.06
CA GLY A 110 11.50 27.79 2.87
C GLY A 110 12.70 28.60 3.30
N PRO A 111 12.52 29.92 3.41
CA PRO A 111 13.58 30.85 3.83
C PRO A 111 13.95 30.68 5.29
N SER A 112 12.95 30.64 6.16
CA SER A 112 13.17 30.50 7.59
C SER A 112 11.85 30.26 8.32
N SER A 113 11.91 29.54 9.43
CA SER A 113 10.72 29.24 10.23
C SER A 113 9.77 28.32 9.46
N GLY A 114 10.33 27.31 8.81
CA GLY A 114 9.52 26.38 8.04
C GLY A 114 8.66 27.08 7.01
N GLY A 1 -20.23 -28.07 -3.16
CA GLY A 1 -19.58 -27.66 -1.94
C GLY A 1 -19.60 -26.15 -1.75
N SER A 2 -19.89 -25.71 -0.53
CA SER A 2 -19.96 -24.29 -0.23
C SER A 2 -18.97 -23.92 0.88
N SER A 3 -18.98 -24.70 1.96
CA SER A 3 -18.09 -24.46 3.08
C SER A 3 -16.64 -24.73 2.70
N GLY A 4 -15.93 -23.69 2.30
CA GLY A 4 -14.55 -23.84 1.90
C GLY A 4 -13.94 -22.54 1.38
N SER A 5 -13.39 -21.74 2.29
CA SER A 5 -12.79 -20.48 1.91
C SER A 5 -11.44 -20.29 2.61
N SER A 6 -10.48 -19.71 1.89
CA SER A 6 -9.15 -19.48 2.43
C SER A 6 -8.67 -18.07 2.12
N GLY A 7 -8.39 -17.80 0.85
CA GLY A 7 -7.93 -16.49 0.44
C GLY A 7 -6.76 -16.56 -0.53
N PRO A 8 -6.27 -15.38 -0.96
CA PRO A 8 -5.15 -15.29 -1.90
C PRO A 8 -3.83 -15.72 -1.27
N THR A 9 -3.03 -16.46 -2.03
CA THR A 9 -1.74 -16.94 -1.54
C THR A 9 -0.60 -16.15 -2.17
N SER A 10 -0.89 -14.92 -2.59
CA SER A 10 0.12 -14.06 -3.20
C SER A 10 -0.21 -12.58 -2.98
N ALA A 11 0.79 -11.72 -3.14
CA ALA A 11 0.60 -10.29 -2.95
C ALA A 11 0.47 -9.58 -4.29
N PRO A 12 0.03 -8.31 -4.25
CA PRO A 12 -0.14 -7.49 -5.45
C PRO A 12 1.19 -7.12 -6.10
N LYS A 13 1.14 -6.72 -7.36
CA LYS A 13 2.34 -6.33 -8.10
C LYS A 13 2.20 -4.92 -8.65
N ASP A 14 3.21 -4.49 -9.40
CA ASP A 14 3.20 -3.15 -10.00
C ASP A 14 2.96 -2.09 -8.94
N LEU A 15 3.46 -2.33 -7.73
CA LEU A 15 3.30 -1.39 -6.63
C LEU A 15 4.22 -0.18 -6.81
N THR A 16 3.63 0.95 -7.18
CA THR A 16 4.40 2.17 -7.39
C THR A 16 3.85 3.31 -6.53
N VAL A 17 4.72 4.24 -6.15
CA VAL A 17 4.33 5.37 -5.33
C VAL A 17 4.89 6.68 -5.89
N ILE A 18 4.00 7.61 -6.21
CA ILE A 18 4.41 8.90 -6.75
C ILE A 18 3.81 10.05 -5.95
N THR A 19 4.55 11.15 -5.86
CA THR A 19 4.09 12.32 -5.12
C THR A 19 3.10 13.14 -5.95
N ARG A 20 1.87 13.25 -5.44
CA ARG A 20 0.83 13.99 -6.13
C ARG A 20 1.34 15.37 -6.55
N GLU A 21 1.08 15.73 -7.81
CA GLU A 21 1.52 17.02 -8.34
C GLU A 21 0.80 18.17 -7.64
N GLY A 22 -0.44 17.92 -7.23
CA GLY A 22 -1.23 18.94 -6.56
C GLY A 22 -0.85 19.09 -5.11
N LYS A 23 -0.32 18.03 -4.51
CA LYS A 23 0.08 18.05 -3.11
C LYS A 23 1.28 17.14 -2.89
N PRO A 24 2.33 17.69 -2.25
CA PRO A 24 3.56 16.94 -1.96
C PRO A 24 3.35 15.88 -0.89
N ARG A 25 2.76 16.29 0.24
CA ARG A 25 2.50 15.38 1.34
C ARG A 25 1.60 14.24 0.90
N ALA A 26 1.02 14.37 -0.29
CA ALA A 26 0.12 13.35 -0.83
C ALA A 26 0.83 12.49 -1.86
N VAL A 27 0.47 11.22 -1.91
CA VAL A 27 1.08 10.29 -2.86
C VAL A 27 0.03 9.32 -3.41
N ILE A 28 0.27 8.84 -4.64
CA ILE A 28 -0.65 7.91 -5.28
C ILE A 28 -0.03 6.51 -5.37
N VAL A 29 -0.38 5.65 -4.40
CA VAL A 29 0.13 4.29 -4.38
C VAL A 29 -0.73 3.37 -5.23
N SER A 30 -0.20 2.96 -6.38
CA SER A 30 -0.92 2.08 -7.29
C SER A 30 -0.41 0.65 -7.17
N TRP A 31 -1.11 -0.28 -7.81
CA TRP A 31 -0.73 -1.69 -7.77
C TRP A 31 -1.58 -2.51 -8.75
N GLN A 32 -1.32 -3.81 -8.80
CA GLN A 32 -2.06 -4.70 -9.69
C GLN A 32 -2.55 -5.93 -8.94
N PRO A 33 -3.59 -6.57 -9.48
CA PRO A 33 -4.19 -7.78 -8.88
C PRO A 33 -3.26 -8.98 -8.96
N PRO A 34 -3.14 -9.71 -7.84
CA PRO A 34 -2.28 -10.89 -7.75
C PRO A 34 -2.85 -12.07 -8.57
N LEU A 35 -1.94 -12.86 -9.15
CA LEU A 35 -2.35 -14.01 -9.95
C LEU A 35 -3.04 -15.06 -9.08
N GLU A 36 -2.43 -15.36 -7.93
CA GLU A 36 -2.98 -16.35 -7.02
C GLU A 36 -4.09 -15.74 -6.16
N ALA A 37 -5.00 -15.02 -6.80
CA ALA A 37 -6.10 -14.38 -6.09
C ALA A 37 -7.15 -15.40 -5.67
N ASN A 38 -6.93 -16.66 -6.06
CA ASN A 38 -7.85 -17.74 -5.72
C ASN A 38 -9.31 -17.26 -5.81
N GLY A 39 -9.59 -16.46 -6.83
CA GLY A 39 -10.94 -15.95 -7.01
C GLY A 39 -10.95 -14.51 -7.48
N LYS A 40 -11.75 -13.67 -6.81
CA LYS A 40 -11.86 -12.26 -7.15
C LYS A 40 -11.72 -11.39 -5.92
N ILE A 41 -10.63 -10.61 -5.87
CA ILE A 41 -10.39 -9.73 -4.74
C ILE A 41 -11.62 -8.87 -4.44
N THR A 42 -11.90 -8.69 -3.14
CA THR A 42 -13.03 -7.89 -2.72
C THR A 42 -12.58 -6.68 -1.90
N ALA A 43 -11.38 -6.75 -1.37
CA ALA A 43 -10.83 -5.66 -0.57
C ALA A 43 -9.30 -5.67 -0.61
N TYR A 44 -8.71 -4.48 -0.62
CA TYR A 44 -7.27 -4.33 -0.67
C TYR A 44 -6.75 -3.56 0.54
N ILE A 45 -5.91 -4.19 1.33
CA ILE A 45 -5.35 -3.55 2.52
C ILE A 45 -3.91 -3.12 2.28
N LEU A 46 -3.64 -1.83 2.49
CA LEU A 46 -2.29 -1.28 2.30
C LEU A 46 -1.66 -0.92 3.64
N PHE A 47 -0.34 -1.01 3.70
CA PHE A 47 0.39 -0.69 4.92
C PHE A 47 1.63 0.15 4.60
N TYR A 48 1.80 1.23 5.34
CA TYR A 48 2.96 2.12 5.14
C TYR A 48 3.55 2.55 6.47
N THR A 49 4.87 2.74 6.49
CA THR A 49 5.56 3.15 7.71
C THR A 49 6.99 3.58 7.40
N LEU A 50 7.67 4.12 8.40
CA LEU A 50 9.05 4.57 8.24
C LEU A 50 9.96 3.88 9.25
N ASP A 51 9.38 3.02 10.09
CA ASP A 51 10.15 2.30 11.09
C ASP A 51 9.90 0.80 10.99
N LYS A 52 10.27 0.22 9.84
CA LYS A 52 10.08 -1.20 9.60
C LYS A 52 10.35 -2.00 10.87
N ASN A 53 11.18 -1.45 11.76
CA ASN A 53 11.52 -2.10 13.01
C ASN A 53 10.28 -2.75 13.63
N ILE A 54 9.15 -2.05 13.55
CA ILE A 54 7.90 -2.55 14.11
C ILE A 54 7.26 -3.56 13.17
N PRO A 55 6.42 -4.45 13.75
CA PRO A 55 5.72 -5.48 12.98
C PRO A 55 4.64 -4.89 12.07
N ILE A 56 4.52 -5.45 10.87
CA ILE A 56 3.52 -4.99 9.91
C ILE A 56 2.21 -4.63 10.60
N ASP A 57 1.97 -5.25 11.75
CA ASP A 57 0.76 -4.99 12.52
C ASP A 57 0.73 -3.56 13.04
N ASP A 58 1.85 -3.12 13.60
CA ASP A 58 1.96 -1.77 14.13
C ASP A 58 1.87 -0.73 13.01
N TRP A 59 2.22 -1.15 11.81
CA TRP A 59 2.19 -0.26 10.66
C TRP A 59 0.79 0.35 10.48
N ILE A 60 0.68 1.30 9.54
CA ILE A 60 -0.60 1.95 9.28
C ILE A 60 -1.37 1.21 8.19
N MET A 61 -2.37 0.43 8.60
CA MET A 61 -3.19 -0.31 7.65
C MET A 61 -4.26 0.57 7.04
N GLU A 62 -4.61 0.30 5.78
CA GLU A 62 -5.61 1.08 5.09
C GLU A 62 -6.47 0.18 4.20
N THR A 63 -7.77 0.19 4.44
CA THR A 63 -8.71 -0.62 3.67
C THR A 63 -9.07 0.06 2.35
N ILE A 64 -9.00 -0.71 1.27
CA ILE A 64 -9.32 -0.18 -0.05
C ILE A 64 -10.34 -1.06 -0.76
N SER A 65 -11.07 -0.47 -1.70
CA SER A 65 -12.08 -1.20 -2.45
C SER A 65 -11.44 -2.16 -3.45
N GLY A 66 -11.80 -3.44 -3.35
CA GLY A 66 -11.24 -4.43 -4.25
C GLY A 66 -11.31 -4.01 -5.71
N ASP A 67 -12.21 -3.07 -6.01
CA ASP A 67 -12.38 -2.58 -7.37
C ASP A 67 -11.22 -1.68 -7.77
N ARG A 68 -10.78 -0.84 -6.83
CA ARG A 68 -9.68 0.08 -7.09
C ARG A 68 -8.34 -0.60 -6.86
N LEU A 69 -7.31 -0.13 -7.56
CA LEU A 69 -5.97 -0.70 -7.44
C LEU A 69 -4.97 0.37 -7.01
N THR A 70 -5.48 1.48 -6.49
CA THR A 70 -4.63 2.57 -6.04
C THR A 70 -5.12 3.14 -4.71
N HIS A 71 -4.22 3.82 -4.00
CA HIS A 71 -4.57 4.41 -2.72
C HIS A 71 -3.80 5.71 -2.50
N GLN A 72 -4.52 6.77 -2.11
CA GLN A 72 -3.90 8.06 -1.87
C GLN A 72 -3.74 8.31 -0.37
N ILE A 73 -2.54 8.71 0.02
CA ILE A 73 -2.25 8.99 1.43
C ILE A 73 -2.03 10.48 1.66
N MET A 74 -2.34 10.93 2.87
CA MET A 74 -2.17 12.34 3.23
C MET A 74 -1.46 12.49 4.57
N ASP A 75 -0.85 13.64 4.78
CA ASP A 75 -0.13 13.90 6.02
C ASP A 75 1.09 13.00 6.16
N LEU A 76 1.93 13.00 5.12
CA LEU A 76 3.13 12.18 5.12
C LEU A 76 4.38 13.03 5.36
N ASN A 77 5.27 12.53 6.21
CA ASN A 77 6.51 13.25 6.53
C ASN A 77 7.25 13.64 5.25
N LEU A 78 8.10 14.66 5.36
CA LEU A 78 8.87 15.14 4.22
C LEU A 78 10.34 14.73 4.35
N ASP A 79 11.00 14.58 3.21
CA ASP A 79 12.41 14.20 3.19
C ASP A 79 12.64 12.96 4.06
N THR A 80 11.63 12.11 4.16
CA THR A 80 11.72 10.89 4.96
C THR A 80 11.29 9.68 4.15
N MET A 81 12.12 8.64 4.15
CA MET A 81 11.83 7.42 3.42
C MET A 81 10.64 6.69 4.04
N TYR A 82 9.74 6.20 3.20
CA TYR A 82 8.56 5.48 3.67
C TYR A 82 8.42 4.13 2.97
N TYR A 83 8.36 3.07 3.78
CA TYR A 83 8.23 1.72 3.24
C TYR A 83 6.77 1.38 2.96
N PHE A 84 6.49 0.98 1.72
CA PHE A 84 5.14 0.61 1.32
C PHE A 84 4.96 -0.89 1.29
N ARG A 85 3.80 -1.35 1.76
CA ARG A 85 3.51 -2.78 1.78
C ARG A 85 2.00 -3.03 1.71
N ILE A 86 1.54 -3.51 0.56
CA ILE A 86 0.13 -3.78 0.36
C ILE A 86 -0.12 -5.27 0.18
N GLN A 87 -1.38 -5.68 0.31
CA GLN A 87 -1.75 -7.09 0.16
C GLN A 87 -3.11 -7.22 -0.51
N ALA A 88 -3.53 -8.46 -0.73
CA ALA A 88 -4.82 -8.73 -1.36
C ALA A 88 -5.73 -9.54 -0.44
N ARG A 89 -7.01 -9.20 -0.43
CA ARG A 89 -7.98 -9.90 0.41
C ARG A 89 -9.31 -10.06 -0.31
N ASN A 90 -9.82 -11.29 -0.32
CA ASN A 90 -11.08 -11.59 -0.99
C ASN A 90 -12.11 -12.12 0.01
N SER A 91 -13.36 -12.23 -0.44
CA SER A 91 -14.43 -12.72 0.42
C SER A 91 -13.98 -13.94 1.22
N LYS A 92 -12.97 -14.63 0.71
CA LYS A 92 -12.43 -15.81 1.38
C LYS A 92 -11.51 -15.42 2.53
N GLY A 93 -10.45 -14.70 2.21
CA GLY A 93 -9.51 -14.28 3.23
C GLY A 93 -8.47 -13.30 2.71
N VAL A 94 -7.33 -13.22 3.38
CA VAL A 94 -6.26 -12.33 2.97
C VAL A 94 -4.95 -13.07 2.81
N GLY A 95 -4.15 -12.67 1.81
CA GLY A 95 -2.87 -13.31 1.57
C GLY A 95 -1.72 -12.57 2.21
N PRO A 96 -0.49 -12.87 1.77
CA PRO A 96 0.72 -12.24 2.29
C PRO A 96 0.84 -10.78 1.86
N LEU A 97 2.04 -10.23 1.98
CA LEU A 97 2.27 -8.83 1.61
C LEU A 97 3.33 -8.73 0.51
N SER A 98 3.68 -7.51 0.14
CA SER A 98 4.67 -7.28 -0.90
C SER A 98 5.95 -6.68 -0.32
N ASP A 99 7.01 -6.66 -1.13
CA ASP A 99 8.29 -6.11 -0.70
C ASP A 99 8.16 -4.63 -0.37
N PRO A 100 8.87 -4.19 0.68
CA PRO A 100 8.86 -2.79 1.13
C PRO A 100 9.56 -1.87 0.14
N ILE A 101 8.81 -0.95 -0.45
CA ILE A 101 9.37 0.00 -1.41
C ILE A 101 9.91 1.23 -0.71
N LEU A 102 11.12 1.64 -1.09
CA LEU A 102 11.75 2.82 -0.50
C LEU A 102 11.50 4.05 -1.35
N PHE A 103 10.55 4.87 -0.93
CA PHE A 103 10.21 6.10 -1.65
C PHE A 103 10.34 7.32 -0.75
N ARG A 104 11.34 8.15 -1.01
CA ARG A 104 11.56 9.35 -0.22
C ARG A 104 10.60 10.46 -0.63
N THR A 105 9.87 10.98 0.35
CA THR A 105 8.90 12.05 0.10
C THR A 105 9.60 13.32 -0.38
N LEU A 106 8.83 14.22 -0.96
CA LEU A 106 9.38 15.49 -1.46
C LEU A 106 9.91 16.35 -0.31
N LYS A 107 10.52 17.47 -0.66
CA LYS A 107 11.08 18.38 0.34
C LYS A 107 10.67 19.82 0.04
N VAL A 108 9.97 20.45 0.97
CA VAL A 108 9.54 21.82 0.82
C VAL A 108 10.66 22.80 1.13
N SER A 109 11.84 22.54 0.57
CA SER A 109 12.99 23.40 0.79
C SER A 109 12.60 24.87 0.78
N GLY A 110 11.89 25.28 -0.27
CA GLY A 110 11.45 26.65 -0.38
C GLY A 110 10.35 26.84 -1.41
N PRO A 111 10.02 28.10 -1.71
CA PRO A 111 8.98 28.44 -2.68
C PRO A 111 9.39 28.11 -4.11
N SER A 112 8.40 27.85 -4.96
CA SER A 112 8.66 27.53 -6.36
C SER A 112 8.40 28.72 -7.26
N SER A 113 9.46 29.25 -7.86
CA SER A 113 9.33 30.41 -8.75
C SER A 113 8.16 30.22 -9.71
N GLY A 114 8.15 29.12 -10.44
CA GLY A 114 7.08 28.86 -11.38
C GLY A 114 6.84 30.02 -12.32
N GLY A 1 -3.54 -25.61 10.58
CA GLY A 1 -4.15 -24.48 9.92
C GLY A 1 -4.89 -24.87 8.66
N SER A 2 -5.64 -25.98 8.73
CA SER A 2 -6.39 -26.46 7.58
C SER A 2 -7.74 -25.77 7.48
N SER A 3 -7.74 -24.46 7.71
CA SER A 3 -8.98 -23.68 7.64
C SER A 3 -9.64 -23.82 6.28
N GLY A 4 -10.92 -23.44 6.22
CA GLY A 4 -11.65 -23.54 4.97
C GLY A 4 -11.44 -22.33 4.08
N SER A 5 -11.70 -21.14 4.63
CA SER A 5 -11.56 -19.90 3.87
C SER A 5 -10.08 -19.60 3.63
N SER A 6 -9.59 -20.00 2.47
CA SER A 6 -8.20 -19.78 2.11
C SER A 6 -8.07 -18.61 1.14
N GLY A 7 -7.56 -17.49 1.65
CA GLY A 7 -7.38 -16.31 0.82
C GLY A 7 -6.26 -16.46 -0.19
N PRO A 8 -5.79 -15.33 -0.74
CA PRO A 8 -4.71 -15.31 -1.73
C PRO A 8 -3.37 -15.69 -1.12
N THR A 9 -2.55 -16.40 -1.89
CA THR A 9 -1.23 -16.83 -1.43
C THR A 9 -0.13 -16.02 -2.12
N SER A 10 -0.48 -14.82 -2.58
CA SER A 10 0.49 -13.96 -3.24
C SER A 10 0.06 -12.50 -3.17
N ALA A 11 1.03 -11.61 -2.95
CA ALA A 11 0.76 -10.19 -2.85
C ALA A 11 0.61 -9.56 -4.23
N PRO A 12 0.11 -8.32 -4.27
CA PRO A 12 -0.10 -7.58 -5.51
C PRO A 12 1.21 -7.17 -6.17
N LYS A 13 1.12 -6.68 -7.40
CA LYS A 13 2.31 -6.25 -8.14
C LYS A 13 2.12 -4.83 -8.68
N ASP A 14 3.10 -4.37 -9.46
CA ASP A 14 3.04 -3.04 -10.04
C ASP A 14 2.84 -1.98 -8.96
N LEU A 15 3.32 -2.27 -7.76
CA LEU A 15 3.20 -1.34 -6.65
C LEU A 15 4.15 -0.17 -6.81
N THR A 16 3.60 1.01 -7.08
CA THR A 16 4.40 2.22 -7.25
C THR A 16 3.87 3.36 -6.40
N VAL A 17 4.76 4.26 -6.00
CA VAL A 17 4.38 5.40 -5.18
C VAL A 17 4.92 6.70 -5.77
N ILE A 18 4.00 7.56 -6.22
CA ILE A 18 4.39 8.84 -6.80
C ILE A 18 3.84 10.01 -5.99
N THR A 19 4.59 11.10 -5.94
CA THR A 19 4.18 12.28 -5.19
C THR A 19 3.15 13.09 -5.97
N ARG A 20 1.96 13.27 -5.39
CA ARG A 20 0.90 14.02 -6.03
C ARG A 20 1.39 15.39 -6.48
N GLU A 21 1.52 15.58 -7.78
CA GLU A 21 1.98 16.85 -8.34
C GLU A 21 1.29 18.02 -7.67
N GLY A 22 0.01 17.83 -7.33
CA GLY A 22 -0.75 18.88 -6.68
C GLY A 22 -0.33 19.10 -5.23
N LYS A 23 0.15 18.04 -4.59
CA LYS A 23 0.59 18.12 -3.21
C LYS A 23 1.70 17.12 -2.93
N PRO A 24 2.81 17.62 -2.35
CA PRO A 24 3.97 16.78 -2.02
C PRO A 24 3.68 15.82 -0.88
N ARG A 25 3.00 16.32 0.15
CA ARG A 25 2.66 15.51 1.32
C ARG A 25 1.74 14.36 0.92
N ALA A 26 1.18 14.43 -0.30
CA ALA A 26 0.28 13.40 -0.78
C ALA A 26 0.95 12.57 -1.87
N VAL A 27 0.60 11.28 -1.92
CA VAL A 27 1.17 10.37 -2.91
C VAL A 27 0.11 9.41 -3.44
N ILE A 28 0.33 8.89 -4.64
CA ILE A 28 -0.60 7.95 -5.26
C ILE A 28 0.00 6.55 -5.32
N VAL A 29 -0.40 5.69 -4.40
CA VAL A 29 0.09 4.32 -4.35
C VAL A 29 -0.77 3.40 -5.22
N SER A 30 -0.24 3.02 -6.38
CA SER A 30 -0.96 2.14 -7.30
C SER A 30 -0.48 0.69 -7.14
N TRP A 31 -1.18 -0.21 -7.81
CA TRP A 31 -0.84 -1.63 -7.76
C TRP A 31 -1.72 -2.44 -8.69
N GLN A 32 -1.43 -3.73 -8.80
CA GLN A 32 -2.20 -4.63 -9.67
C GLN A 32 -2.63 -5.88 -8.93
N PRO A 33 -3.66 -6.55 -9.44
CA PRO A 33 -4.20 -7.78 -8.84
C PRO A 33 -3.24 -8.95 -8.98
N PRO A 34 -3.08 -9.72 -7.88
CA PRO A 34 -2.19 -10.89 -7.87
C PRO A 34 -2.73 -12.04 -8.71
N LEU A 35 -1.83 -12.91 -9.15
CA LEU A 35 -2.21 -14.05 -9.97
C LEU A 35 -2.84 -15.15 -9.13
N GLU A 36 -2.22 -15.42 -7.97
CA GLU A 36 -2.73 -16.44 -7.06
C GLU A 36 -3.85 -15.89 -6.19
N ALA A 37 -4.72 -15.08 -6.78
CA ALA A 37 -5.83 -14.49 -6.06
C ALA A 37 -6.84 -15.55 -5.62
N ASN A 38 -6.61 -16.79 -6.06
CA ASN A 38 -7.49 -17.90 -5.72
C ASN A 38 -8.95 -17.47 -5.78
N GLY A 39 -9.30 -16.69 -6.80
CA GLY A 39 -10.67 -16.23 -6.95
C GLY A 39 -10.73 -14.78 -7.38
N LYS A 40 -11.70 -14.05 -6.84
CA LYS A 40 -11.89 -12.64 -7.17
C LYS A 40 -11.78 -11.77 -5.92
N ILE A 41 -10.70 -10.99 -5.84
CA ILE A 41 -10.49 -10.11 -4.70
C ILE A 41 -11.75 -9.31 -4.38
N THR A 42 -11.92 -8.97 -3.10
CA THR A 42 -13.07 -8.20 -2.67
C THR A 42 -12.65 -6.91 -1.97
N ALA A 43 -11.42 -6.90 -1.48
CA ALA A 43 -10.89 -5.72 -0.79
C ALA A 43 -9.36 -5.70 -0.84
N TYR A 44 -8.79 -4.50 -0.71
CA TYR A 44 -7.35 -4.35 -0.75
C TYR A 44 -6.85 -3.60 0.49
N ILE A 45 -5.95 -4.22 1.24
CA ILE A 45 -5.40 -3.62 2.44
C ILE A 45 -3.96 -3.18 2.22
N LEU A 46 -3.73 -1.87 2.25
CA LEU A 46 -2.40 -1.31 2.05
C LEU A 46 -1.77 -0.92 3.38
N PHE A 47 -0.46 -1.05 3.50
CA PHE A 47 0.26 -0.70 4.71
C PHE A 47 1.47 0.16 4.40
N TYR A 48 1.57 1.30 5.08
CA TYR A 48 2.69 2.22 4.88
C TYR A 48 3.25 2.70 6.21
N THR A 49 4.57 2.89 6.25
CA THR A 49 5.23 3.35 7.47
C THR A 49 6.64 3.84 7.17
N LEU A 50 7.16 4.68 8.06
CA LEU A 50 8.50 5.24 7.89
C LEU A 50 9.56 4.34 8.53
N ASP A 51 9.11 3.42 9.39
CA ASP A 51 10.01 2.51 10.08
C ASP A 51 9.59 1.06 9.82
N LYS A 52 10.53 0.24 9.38
CA LYS A 52 10.27 -1.16 9.09
C LYS A 52 10.55 -2.03 10.31
N ASN A 53 11.52 -1.60 11.12
CA ASN A 53 11.90 -2.33 12.32
C ASN A 53 10.66 -2.87 13.04
N ILE A 54 9.54 -2.19 12.84
CA ILE A 54 8.29 -2.61 13.47
C ILE A 54 7.55 -3.64 12.62
N PRO A 55 6.71 -4.46 13.26
CA PRO A 55 5.94 -5.50 12.59
C PRO A 55 4.85 -4.92 11.70
N ILE A 56 4.69 -5.49 10.51
CA ILE A 56 3.69 -5.03 9.56
C ILE A 56 2.39 -4.64 10.29
N ASP A 57 2.17 -5.25 11.44
CA ASP A 57 0.98 -4.97 12.22
C ASP A 57 1.00 -3.55 12.78
N ASP A 58 2.15 -3.16 13.32
CA ASP A 58 2.31 -1.82 13.88
C ASP A 58 2.13 -0.76 12.81
N TRP A 59 2.41 -1.12 11.57
CA TRP A 59 2.28 -0.21 10.45
C TRP A 59 0.89 0.40 10.40
N ILE A 60 0.63 1.18 9.34
CA ILE A 60 -0.68 1.82 9.18
C ILE A 60 -1.50 1.11 8.10
N MET A 61 -2.44 0.28 8.54
CA MET A 61 -3.30 -0.45 7.61
C MET A 61 -4.42 0.43 7.11
N GLU A 62 -4.71 0.34 5.81
CA GLU A 62 -5.78 1.13 5.20
C GLU A 62 -6.61 0.28 4.25
N THR A 63 -7.88 0.12 4.58
CA THR A 63 -8.80 -0.68 3.76
C THR A 63 -9.11 0.04 2.44
N ILE A 64 -9.12 -0.71 1.35
CA ILE A 64 -9.41 -0.14 0.04
C ILE A 64 -10.39 -1.01 -0.73
N SER A 65 -11.22 -0.38 -1.56
CA SER A 65 -12.21 -1.09 -2.34
C SER A 65 -11.54 -2.05 -3.32
N GLY A 66 -12.06 -3.27 -3.39
CA GLY A 66 -11.50 -4.27 -4.28
C GLY A 66 -11.50 -3.81 -5.73
N ASP A 67 -12.41 -2.90 -6.06
CA ASP A 67 -12.52 -2.38 -7.42
C ASP A 67 -11.33 -1.50 -7.76
N ARG A 68 -10.94 -0.65 -6.81
CA ARG A 68 -9.82 0.25 -7.01
C ARG A 68 -8.48 -0.47 -6.80
N LEU A 69 -7.44 0.01 -7.48
CA LEU A 69 -6.13 -0.60 -7.37
C LEU A 69 -5.09 0.44 -6.95
N THR A 70 -5.57 1.56 -6.41
CA THR A 70 -4.68 2.62 -5.96
C THR A 70 -5.14 3.17 -4.62
N HIS A 71 -4.23 3.86 -3.92
CA HIS A 71 -4.54 4.44 -2.62
C HIS A 71 -3.78 5.75 -2.42
N GLN A 72 -4.51 6.82 -2.13
CA GLN A 72 -3.91 8.13 -1.91
C GLN A 72 -3.72 8.40 -0.43
N ILE A 73 -2.51 8.80 -0.05
CA ILE A 73 -2.20 9.09 1.34
C ILE A 73 -1.97 10.58 1.55
N MET A 74 -2.31 11.06 2.74
CA MET A 74 -2.15 12.48 3.06
C MET A 74 -1.48 12.64 4.43
N ASP A 75 -0.79 13.76 4.61
CA ASP A 75 -0.12 14.05 5.88
C ASP A 75 1.12 13.15 6.03
N LEU A 76 2.00 13.18 5.05
CA LEU A 76 3.21 12.37 5.08
C LEU A 76 4.44 13.24 5.32
N ASN A 77 5.35 12.74 6.14
CA ASN A 77 6.57 13.48 6.46
C ASN A 77 7.28 13.91 5.19
N LEU A 78 8.29 14.77 5.34
CA LEU A 78 9.05 15.27 4.20
C LEU A 78 10.53 14.93 4.35
N ASP A 79 11.09 14.31 3.32
CA ASP A 79 12.51 13.93 3.33
C ASP A 79 12.74 12.74 4.27
N THR A 80 11.76 11.85 4.33
CA THR A 80 11.86 10.67 5.18
C THR A 80 11.51 9.41 4.41
N MET A 81 12.34 8.38 4.55
CA MET A 81 12.10 7.11 3.87
C MET A 81 10.79 6.49 4.32
N TYR A 82 9.94 6.16 3.35
CA TYR A 82 8.64 5.57 3.64
C TYR A 82 8.48 4.23 2.91
N TYR A 83 8.25 3.17 3.68
CA TYR A 83 8.08 1.84 3.11
C TYR A 83 6.63 1.59 2.74
N PHE A 84 6.41 0.77 1.71
CA PHE A 84 5.07 0.45 1.26
C PHE A 84 4.90 -1.06 1.11
N ARG A 85 3.88 -1.60 1.77
CA ARG A 85 3.61 -3.04 1.71
C ARG A 85 2.11 -3.30 1.68
N ILE A 86 1.60 -3.66 0.51
CA ILE A 86 0.18 -3.94 0.34
C ILE A 86 -0.06 -5.43 0.09
N GLN A 87 -1.31 -5.85 0.22
CA GLN A 87 -1.68 -7.25 0.01
C GLN A 87 -3.06 -7.36 -0.61
N ALA A 88 -3.54 -8.59 -0.76
CA ALA A 88 -4.86 -8.84 -1.34
C ALA A 88 -5.74 -9.63 -0.39
N ARG A 89 -7.01 -9.27 -0.32
CA ARG A 89 -7.96 -9.95 0.55
C ARG A 89 -9.25 -10.29 -0.20
N ASN A 90 -9.67 -11.55 -0.10
CA ASN A 90 -10.89 -12.00 -0.77
C ASN A 90 -11.89 -12.55 0.24
N SER A 91 -13.11 -12.80 -0.22
CA SER A 91 -14.16 -13.33 0.64
C SER A 91 -13.59 -14.35 1.63
N LYS A 92 -12.56 -15.06 1.19
CA LYS A 92 -11.92 -16.07 2.05
C LYS A 92 -11.05 -15.41 3.11
N GLY A 93 -9.93 -14.84 2.68
CA GLY A 93 -9.03 -14.18 3.62
C GLY A 93 -8.01 -13.30 2.92
N VAL A 94 -6.94 -12.97 3.62
CA VAL A 94 -5.88 -12.13 3.07
C VAL A 94 -4.55 -12.86 3.06
N GLY A 95 -3.75 -12.61 2.03
CA GLY A 95 -2.45 -13.24 1.93
C GLY A 95 -1.33 -12.35 2.41
N PRO A 96 -0.08 -12.67 2.01
CA PRO A 96 1.10 -11.90 2.41
C PRO A 96 1.15 -10.53 1.75
N LEU A 97 2.17 -9.75 2.07
CA LEU A 97 2.33 -8.42 1.51
C LEU A 97 3.53 -8.36 0.57
N SER A 98 3.66 -7.25 -0.15
CA SER A 98 4.75 -7.07 -1.10
C SER A 98 5.96 -6.45 -0.40
N ASP A 99 7.09 -6.41 -1.11
CA ASP A 99 8.31 -5.84 -0.57
C ASP A 99 8.13 -4.38 -0.22
N PRO A 100 8.71 -3.96 0.92
CA PRO A 100 8.62 -2.57 1.39
C PRO A 100 9.41 -1.61 0.50
N ILE A 101 8.76 -1.13 -0.56
CA ILE A 101 9.40 -0.20 -1.48
C ILE A 101 9.95 1.01 -0.74
N LEU A 102 11.19 1.38 -1.06
CA LEU A 102 11.83 2.53 -0.43
C LEU A 102 11.61 3.80 -1.24
N PHE A 103 10.68 4.63 -0.80
CA PHE A 103 10.38 5.88 -1.49
C PHE A 103 10.56 7.08 -0.56
N ARG A 104 11.38 8.03 -0.99
CA ARG A 104 11.63 9.23 -0.19
C ARG A 104 10.71 10.37 -0.61
N THR A 105 9.89 10.84 0.32
CA THR A 105 8.96 11.93 0.03
C THR A 105 9.71 13.18 -0.43
N LEU A 106 9.00 14.06 -1.13
CA LEU A 106 9.59 15.30 -1.63
C LEU A 106 10.07 16.17 -0.47
N LYS A 107 10.89 17.16 -0.79
CA LYS A 107 11.42 18.07 0.21
C LYS A 107 11.11 19.53 -0.15
N VAL A 108 10.06 20.07 0.45
CA VAL A 108 9.65 21.45 0.19
C VAL A 108 10.59 22.43 0.87
N SER A 109 10.45 23.71 0.54
CA SER A 109 11.28 24.75 1.12
C SER A 109 10.46 25.98 1.46
N GLY A 110 11.12 27.02 1.98
CA GLY A 110 10.43 28.24 2.33
C GLY A 110 10.30 29.20 1.17
N PRO A 111 9.14 29.86 1.06
CA PRO A 111 8.86 30.81 -0.01
C PRO A 111 9.68 32.09 0.12
N SER A 112 10.42 32.21 1.23
CA SER A 112 11.25 33.38 1.47
C SER A 112 12.41 33.44 0.50
N SER A 113 12.21 34.16 -0.61
CA SER A 113 13.25 34.29 -1.63
C SER A 113 13.69 35.74 -1.76
N GLY A 114 12.75 36.62 -2.05
CA GLY A 114 13.05 38.03 -2.20
C GLY A 114 13.22 38.43 -3.66
N GLY A 1 -18.48 -28.94 9.22
CA GLY A 1 -19.28 -28.59 8.06
C GLY A 1 -18.48 -28.60 6.78
N SER A 2 -18.22 -27.42 6.23
CA SER A 2 -17.46 -27.30 4.99
C SER A 2 -16.14 -26.57 5.23
N SER A 3 -15.25 -26.63 4.24
CA SER A 3 -13.94 -25.99 4.34
C SER A 3 -13.45 -25.55 2.97
N GLY A 4 -13.32 -24.24 2.78
CA GLY A 4 -12.85 -23.71 1.51
C GLY A 4 -12.88 -22.19 1.48
N SER A 5 -12.17 -21.57 2.42
CA SER A 5 -12.12 -20.12 2.49
C SER A 5 -10.67 -19.63 2.56
N SER A 6 -9.82 -20.20 1.72
CA SER A 6 -8.41 -19.83 1.70
C SER A 6 -8.19 -18.61 0.82
N GLY A 7 -7.63 -17.55 1.42
CA GLY A 7 -7.37 -16.33 0.67
C GLY A 7 -6.31 -16.52 -0.40
N PRO A 8 -5.85 -15.40 -0.97
CA PRO A 8 -4.82 -15.42 -2.01
C PRO A 8 -3.46 -15.85 -1.49
N THR A 9 -2.73 -16.61 -2.29
CA THR A 9 -1.40 -17.09 -1.90
C THR A 9 -0.30 -16.25 -2.55
N SER A 10 -0.67 -15.03 -2.97
CA SER A 10 0.29 -14.13 -3.61
C SER A 10 -0.09 -12.68 -3.37
N ALA A 11 0.91 -11.84 -3.16
CA ALA A 11 0.67 -10.42 -2.92
C ALA A 11 0.53 -9.66 -4.24
N PRO A 12 0.09 -8.39 -4.16
CA PRO A 12 -0.11 -7.54 -5.32
C PRO A 12 1.21 -7.14 -5.97
N LYS A 13 1.15 -6.74 -7.24
CA LYS A 13 2.33 -6.32 -7.98
C LYS A 13 2.18 -4.92 -8.52
N ASP A 14 3.15 -4.48 -9.31
CA ASP A 14 3.12 -3.14 -9.90
C ASP A 14 2.91 -2.08 -8.82
N LEU A 15 3.53 -2.27 -7.67
CA LEU A 15 3.40 -1.33 -6.57
C LEU A 15 4.32 -0.14 -6.76
N THR A 16 3.74 1.00 -7.11
CA THR A 16 4.51 2.23 -7.34
C THR A 16 3.94 3.39 -6.53
N VAL A 17 4.84 4.23 -6.01
CA VAL A 17 4.42 5.38 -5.22
C VAL A 17 4.96 6.67 -5.81
N ILE A 18 4.06 7.56 -6.21
CA ILE A 18 4.44 8.84 -6.80
C ILE A 18 3.95 10.01 -5.94
N THR A 19 4.69 11.12 -5.99
CA THR A 19 4.33 12.30 -5.22
C THR A 19 3.23 13.10 -5.91
N ARG A 20 2.07 13.18 -5.29
CA ARG A 20 0.93 13.90 -5.85
C ARG A 20 1.39 15.23 -6.45
N GLU A 21 1.17 15.39 -7.75
CA GLU A 21 1.56 16.62 -8.45
C GLU A 21 0.88 17.84 -7.84
N GLY A 22 -0.28 17.61 -7.23
CA GLY A 22 -1.02 18.69 -6.60
C GLY A 22 -0.66 18.90 -5.15
N LYS A 23 -0.02 17.89 -4.56
CA LYS A 23 0.39 17.95 -3.16
C LYS A 23 1.63 17.10 -2.91
N PRO A 24 2.64 17.71 -2.29
CA PRO A 24 3.90 17.01 -1.98
C PRO A 24 3.73 15.95 -0.90
N ARG A 25 3.02 16.31 0.17
CA ARG A 25 2.78 15.39 1.27
C ARG A 25 1.87 14.25 0.84
N ALA A 26 1.14 14.46 -0.25
CA ALA A 26 0.22 13.45 -0.76
C ALA A 26 0.91 12.57 -1.80
N VAL A 27 0.40 11.35 -1.96
CA VAL A 27 0.97 10.41 -2.91
C VAL A 27 -0.10 9.46 -3.45
N ILE A 28 0.18 8.83 -4.58
CA ILE A 28 -0.75 7.90 -5.20
C ILE A 28 -0.14 6.51 -5.34
N VAL A 29 -0.41 5.65 -4.37
CA VAL A 29 0.13 4.29 -4.39
C VAL A 29 -0.72 3.38 -5.28
N SER A 30 -0.13 2.97 -6.41
CA SER A 30 -0.84 2.10 -7.35
C SER A 30 -0.37 0.65 -7.19
N TRP A 31 -1.07 -0.25 -7.87
CA TRP A 31 -0.74 -1.68 -7.82
C TRP A 31 -1.60 -2.48 -8.77
N GLN A 32 -1.33 -3.78 -8.85
CA GLN A 32 -2.10 -4.67 -9.74
C GLN A 32 -2.57 -5.90 -8.98
N PRO A 33 -3.63 -6.54 -9.50
CA PRO A 33 -4.20 -7.75 -8.89
C PRO A 33 -3.28 -8.96 -9.04
N PRO A 34 -3.13 -9.72 -7.95
CA PRO A 34 -2.28 -10.91 -7.92
C PRO A 34 -2.87 -12.05 -8.75
N LEU A 35 -1.99 -12.82 -9.39
CA LEU A 35 -2.43 -13.95 -10.22
C LEU A 35 -3.07 -15.03 -9.35
N GLU A 36 -2.39 -15.40 -8.27
CA GLU A 36 -2.90 -16.43 -7.38
C GLU A 36 -3.96 -15.85 -6.43
N ALA A 37 -4.88 -15.09 -7.00
CA ALA A 37 -5.95 -14.47 -6.21
C ALA A 37 -6.94 -15.53 -5.73
N ASN A 38 -6.81 -16.74 -6.24
CA ASN A 38 -7.69 -17.84 -5.87
C ASN A 38 -9.15 -17.39 -5.90
N GLY A 39 -9.45 -16.44 -6.77
CA GLY A 39 -10.81 -15.93 -6.89
C GLY A 39 -10.85 -14.48 -7.31
N LYS A 40 -11.86 -13.76 -6.83
CA LYS A 40 -12.02 -12.34 -7.17
C LYS A 40 -11.86 -11.47 -5.93
N ILE A 41 -10.77 -10.73 -5.87
CA ILE A 41 -10.50 -9.85 -4.74
C ILE A 41 -11.74 -9.03 -4.38
N THR A 42 -11.94 -8.82 -3.08
CA THR A 42 -13.09 -8.05 -2.60
C THR A 42 -12.64 -6.79 -1.88
N ALA A 43 -11.38 -6.78 -1.43
CA ALA A 43 -10.83 -5.64 -0.72
C ALA A 43 -9.31 -5.63 -0.79
N TYR A 44 -8.72 -4.45 -0.65
CA TYR A 44 -7.27 -4.31 -0.70
C TYR A 44 -6.76 -3.54 0.52
N ILE A 45 -5.90 -4.20 1.29
CA ILE A 45 -5.33 -3.58 2.49
C ILE A 45 -3.89 -3.15 2.25
N LEU A 46 -3.65 -1.85 2.36
CA LEU A 46 -2.30 -1.29 2.16
C LEU A 46 -1.69 -0.88 3.49
N PHE A 47 -0.36 -1.03 3.58
CA PHE A 47 0.36 -0.66 4.80
C PHE A 47 1.56 0.20 4.47
N TYR A 48 1.71 1.31 5.20
CA TYR A 48 2.81 2.24 4.99
C TYR A 48 3.35 2.76 6.32
N THR A 49 4.66 2.96 6.40
CA THR A 49 5.29 3.45 7.61
C THR A 49 6.71 3.91 7.33
N LEU A 50 7.25 4.72 8.24
CA LEU A 50 8.61 5.24 8.10
C LEU A 50 9.60 4.38 8.87
N ASP A 51 9.08 3.51 9.73
CA ASP A 51 9.92 2.64 10.53
C ASP A 51 9.55 1.17 10.31
N LYS A 52 10.49 0.39 9.80
CA LYS A 52 10.26 -1.02 9.54
C LYS A 52 10.53 -1.85 10.79
N ASN A 53 11.43 -1.37 11.64
CA ASN A 53 11.77 -2.07 12.87
C ASN A 53 10.53 -2.61 13.56
N ILE A 54 9.40 -1.94 13.34
CA ILE A 54 8.13 -2.35 13.93
C ILE A 54 7.45 -3.41 13.09
N PRO A 55 6.59 -4.22 13.73
CA PRO A 55 5.85 -5.30 13.06
C PRO A 55 4.78 -4.76 12.12
N ILE A 56 4.67 -5.38 10.95
CA ILE A 56 3.68 -4.97 9.96
C ILE A 56 2.36 -4.57 10.62
N ASP A 57 2.09 -5.15 11.79
CA ASP A 57 0.87 -4.87 12.52
C ASP A 57 0.88 -3.44 13.05
N ASP A 58 2.00 -3.03 13.64
CA ASP A 58 2.14 -1.69 14.18
C ASP A 58 2.03 -0.64 13.09
N TRP A 59 2.34 -1.04 11.86
CA TRP A 59 2.28 -0.14 10.72
C TRP A 59 0.88 0.46 10.57
N ILE A 60 0.70 1.28 9.55
CA ILE A 60 -0.59 1.91 9.29
C ILE A 60 -1.36 1.18 8.20
N MET A 61 -2.30 0.34 8.61
CA MET A 61 -3.12 -0.41 7.66
C MET A 61 -4.25 0.44 7.10
N GLU A 62 -4.49 0.32 5.80
CA GLU A 62 -5.54 1.08 5.14
C GLU A 62 -6.41 0.18 4.26
N THR A 63 -7.72 0.24 4.48
CA THR A 63 -8.65 -0.57 3.71
C THR A 63 -9.02 0.11 2.39
N ILE A 64 -9.00 -0.65 1.31
CA ILE A 64 -9.34 -0.12 -0.01
C ILE A 64 -10.37 -1.00 -0.71
N SER A 65 -11.13 -0.40 -1.62
CA SER A 65 -12.16 -1.13 -2.36
C SER A 65 -11.52 -2.10 -3.36
N GLY A 66 -11.91 -3.36 -3.25
CA GLY A 66 -11.37 -4.37 -4.15
C GLY A 66 -11.41 -3.94 -5.60
N ASP A 67 -12.33 -3.05 -5.93
CA ASP A 67 -12.47 -2.54 -7.29
C ASP A 67 -11.32 -1.62 -7.65
N ARG A 68 -10.89 -0.81 -6.68
CA ARG A 68 -9.79 0.13 -6.91
C ARG A 68 -8.45 -0.57 -6.77
N LEU A 69 -7.44 -0.02 -7.43
CA LEU A 69 -6.09 -0.59 -7.38
C LEU A 69 -5.07 0.46 -6.95
N THR A 70 -5.56 1.56 -6.41
CA THR A 70 -4.69 2.65 -5.96
C THR A 70 -5.13 3.17 -4.60
N HIS A 71 -4.22 3.87 -3.91
CA HIS A 71 -4.52 4.42 -2.60
C HIS A 71 -3.76 5.73 -2.39
N GLN A 72 -4.50 6.79 -2.04
CA GLN A 72 -3.90 8.09 -1.81
C GLN A 72 -3.70 8.34 -0.31
N ILE A 73 -2.51 8.81 0.04
CA ILE A 73 -2.19 9.09 1.44
C ILE A 73 -1.93 10.57 1.66
N MET A 74 -2.18 11.04 2.88
CA MET A 74 -1.97 12.44 3.22
C MET A 74 -1.23 12.58 4.55
N ASP A 75 -0.77 13.79 4.84
CA ASP A 75 -0.05 14.05 6.08
C ASP A 75 1.17 13.14 6.20
N LEU A 76 2.03 13.17 5.19
CA LEU A 76 3.23 12.35 5.18
C LEU A 76 4.47 13.19 5.47
N ASN A 77 5.43 12.60 6.19
CA ASN A 77 6.66 13.30 6.54
C ASN A 77 7.33 13.85 5.29
N LEU A 78 8.28 14.77 5.49
CA LEU A 78 9.01 15.39 4.38
C LEU A 78 10.43 14.84 4.30
N ASP A 79 10.92 14.67 3.09
CA ASP A 79 12.27 14.17 2.88
C ASP A 79 12.56 12.98 3.79
N THR A 80 11.60 12.07 3.88
CA THR A 80 11.75 10.89 4.73
C THR A 80 11.40 9.63 3.96
N MET A 81 12.13 8.55 4.24
CA MET A 81 11.89 7.27 3.58
C MET A 81 10.67 6.58 4.15
N TYR A 82 9.74 6.19 3.27
CA TYR A 82 8.52 5.52 3.68
C TYR A 82 8.37 4.17 3.00
N TYR A 83 8.32 3.12 3.80
CA TYR A 83 8.19 1.76 3.27
C TYR A 83 6.74 1.44 2.93
N PHE A 84 6.51 0.94 1.72
CA PHE A 84 5.17 0.60 1.26
C PHE A 84 4.97 -0.91 1.23
N ARG A 85 3.85 -1.37 1.75
CA ARG A 85 3.54 -2.79 1.79
C ARG A 85 2.03 -3.03 1.72
N ILE A 86 1.57 -3.55 0.59
CA ILE A 86 0.14 -3.82 0.40
C ILE A 86 -0.10 -5.30 0.19
N GLN A 87 -1.35 -5.72 0.39
CA GLN A 87 -1.72 -7.13 0.22
C GLN A 87 -3.07 -7.25 -0.46
N ALA A 88 -3.52 -8.49 -0.66
CA ALA A 88 -4.81 -8.74 -1.32
C ALA A 88 -5.70 -9.58 -0.43
N ARG A 89 -6.99 -9.22 -0.39
CA ARG A 89 -7.97 -9.95 0.42
C ARG A 89 -9.22 -10.25 -0.39
N ASN A 90 -9.62 -11.53 -0.39
CA ASN A 90 -10.81 -11.95 -1.12
C ASN A 90 -11.94 -12.31 -0.16
N SER A 91 -13.13 -12.52 -0.71
CA SER A 91 -14.30 -12.87 0.10
C SER A 91 -13.97 -14.01 1.05
N LYS A 92 -12.88 -14.72 0.77
CA LYS A 92 -12.46 -15.84 1.61
C LYS A 92 -11.54 -15.37 2.73
N GLY A 93 -10.32 -14.98 2.35
CA GLY A 93 -9.36 -14.50 3.33
C GLY A 93 -8.37 -13.52 2.74
N VAL A 94 -7.23 -13.36 3.40
CA VAL A 94 -6.20 -12.43 2.94
C VAL A 94 -4.85 -13.13 2.80
N GLY A 95 -4.15 -12.84 1.71
CA GLY A 95 -2.85 -13.45 1.48
C GLY A 95 -1.72 -12.70 2.16
N PRO A 96 -0.49 -13.00 1.76
CA PRO A 96 0.70 -12.35 2.33
C PRO A 96 0.83 -10.89 1.92
N LEU A 97 2.02 -10.33 2.09
CA LEU A 97 2.26 -8.94 1.73
C LEU A 97 3.31 -8.83 0.62
N SER A 98 3.56 -7.61 0.17
CA SER A 98 4.53 -7.38 -0.89
C SER A 98 5.82 -6.78 -0.32
N ASP A 99 6.89 -6.82 -1.11
CA ASP A 99 8.18 -6.29 -0.70
C ASP A 99 8.08 -4.79 -0.42
N PRO A 100 8.80 -4.33 0.62
CA PRO A 100 8.80 -2.91 1.01
C PRO A 100 9.52 -2.04 -0.01
N ILE A 101 8.83 -1.01 -0.49
CA ILE A 101 9.40 -0.09 -1.46
C ILE A 101 9.95 1.16 -0.78
N LEU A 102 11.12 1.61 -1.22
CA LEU A 102 11.75 2.80 -0.66
C LEU A 102 11.44 4.02 -1.51
N PHE A 103 10.48 4.83 -1.05
CA PHE A 103 10.09 6.04 -1.76
C PHE A 103 10.19 7.26 -0.85
N ARG A 104 11.22 8.07 -1.05
CA ARG A 104 11.43 9.26 -0.25
C ARG A 104 10.52 10.40 -0.72
N THR A 105 9.75 10.95 0.21
CA THR A 105 8.84 12.05 -0.11
C THR A 105 9.59 13.24 -0.66
N LEU A 106 8.88 14.08 -1.41
CA LEU A 106 9.47 15.28 -2.00
C LEU A 106 9.94 16.24 -0.92
N LYS A 107 10.84 17.15 -1.29
CA LYS A 107 11.37 18.13 -0.36
C LYS A 107 10.61 19.45 -0.46
N VAL A 108 10.15 19.96 0.68
CA VAL A 108 9.41 21.21 0.71
C VAL A 108 10.13 22.25 1.57
N SER A 109 11.46 22.15 1.62
CA SER A 109 12.26 23.08 2.42
C SER A 109 12.31 24.45 1.74
N GLY A 110 12.38 25.50 2.56
CA GLY A 110 12.44 26.85 2.03
C GLY A 110 11.18 27.24 1.28
N PRO A 111 11.01 28.54 1.03
CA PRO A 111 9.85 29.06 0.31
C PRO A 111 9.86 28.68 -1.17
N SER A 112 8.91 27.83 -1.56
CA SER A 112 8.82 27.38 -2.95
C SER A 112 9.13 28.53 -3.91
N SER A 113 10.13 28.32 -4.76
CA SER A 113 10.53 29.33 -5.72
C SER A 113 10.45 28.78 -7.15
N GLY A 114 10.31 29.69 -8.12
CA GLY A 114 10.21 29.28 -9.51
C GLY A 114 9.03 29.91 -10.22
N GLY A 1 -4.80 -28.55 4.24
CA GLY A 1 -5.32 -27.30 3.70
C GLY A 1 -6.07 -26.49 4.75
N SER A 2 -6.55 -25.32 4.35
CA SER A 2 -7.28 -24.44 5.26
C SER A 2 -8.75 -24.80 5.30
N SER A 3 -9.27 -25.02 6.50
CA SER A 3 -10.68 -25.38 6.67
C SER A 3 -11.55 -24.14 6.86
N GLY A 4 -11.98 -23.55 5.74
CA GLY A 4 -12.80 -22.36 5.81
C GLY A 4 -12.44 -21.35 4.74
N SER A 5 -11.37 -20.59 4.99
CA SER A 5 -10.93 -19.57 4.05
C SER A 5 -9.46 -19.79 3.65
N SER A 6 -9.22 -19.95 2.37
CA SER A 6 -7.87 -20.18 1.86
C SER A 6 -7.16 -18.85 1.61
N GLY A 7 -7.90 -17.89 1.07
CA GLY A 7 -7.32 -16.58 0.78
C GLY A 7 -6.20 -16.66 -0.23
N PRO A 8 -5.78 -15.49 -0.74
CA PRO A 8 -4.70 -15.40 -1.73
C PRO A 8 -3.35 -15.75 -1.15
N THR A 9 -2.54 -16.48 -1.92
CA THR A 9 -1.21 -16.89 -1.47
C THR A 9 -0.13 -16.03 -2.13
N SER A 10 -0.54 -14.90 -2.69
CA SER A 10 0.40 -14.00 -3.36
C SER A 10 0.00 -12.55 -3.16
N ALA A 11 0.97 -11.65 -3.28
CA ALA A 11 0.72 -10.22 -3.12
C ALA A 11 0.55 -9.54 -4.46
N PRO A 12 0.03 -8.30 -4.43
CA PRO A 12 -0.20 -7.51 -5.64
C PRO A 12 1.09 -7.05 -6.29
N LYS A 13 1.01 -6.64 -7.56
CA LYS A 13 2.18 -6.18 -8.30
C LYS A 13 1.99 -4.75 -8.78
N ASP A 14 2.95 -4.26 -9.56
CA ASP A 14 2.88 -2.90 -10.08
C ASP A 14 2.80 -1.88 -8.96
N LEU A 15 3.34 -2.24 -7.80
CA LEU A 15 3.32 -1.36 -6.65
C LEU A 15 4.25 -0.17 -6.85
N THR A 16 3.68 0.97 -7.20
CA THR A 16 4.47 2.18 -7.43
C THR A 16 3.92 3.36 -6.64
N VAL A 17 4.81 4.14 -6.04
CA VAL A 17 4.42 5.29 -5.25
C VAL A 17 4.97 6.59 -5.84
N ILE A 18 4.07 7.52 -6.16
CA ILE A 18 4.47 8.79 -6.74
C ILE A 18 3.82 9.96 -6.01
N THR A 19 4.56 11.05 -5.84
CA THR A 19 4.05 12.23 -5.16
C THR A 19 3.04 12.97 -6.03
N ARG A 20 2.03 13.55 -5.39
CA ARG A 20 1.00 14.29 -6.09
C ARG A 20 1.57 15.56 -6.72
N GLU A 21 1.19 15.82 -7.96
CA GLU A 21 1.66 17.00 -8.68
C GLU A 21 1.14 18.28 -8.02
N GLY A 22 0.06 18.16 -7.26
CA GLY A 22 -0.51 19.30 -6.59
C GLY A 22 -0.43 19.20 -5.08
N LYS A 23 0.23 18.15 -4.60
CA LYS A 23 0.39 17.93 -3.16
C LYS A 23 1.62 17.10 -2.87
N PRO A 24 2.62 17.72 -2.21
CA PRO A 24 3.87 17.05 -1.85
C PRO A 24 3.68 15.99 -0.77
N ARG A 25 2.82 16.30 0.20
CA ARG A 25 2.55 15.38 1.30
C ARG A 25 1.60 14.27 0.84
N ALA A 26 1.31 14.23 -0.45
CA ALA A 26 0.42 13.23 -1.00
C ALA A 26 1.17 12.27 -1.91
N VAL A 27 0.68 11.03 -2.01
CA VAL A 27 1.31 10.02 -2.86
C VAL A 27 0.28 9.03 -3.39
N ILE A 28 0.35 8.75 -4.69
CA ILE A 28 -0.58 7.83 -5.31
C ILE A 28 0.03 6.43 -5.42
N VAL A 29 -0.32 5.56 -4.47
CA VAL A 29 0.19 4.20 -4.44
C VAL A 29 -0.66 3.29 -5.32
N SER A 30 -0.15 2.97 -6.51
CA SER A 30 -0.87 2.11 -7.44
C SER A 30 -0.40 0.66 -7.31
N TRP A 31 -1.11 -0.24 -7.97
CA TRP A 31 -0.76 -1.66 -7.94
C TRP A 31 -1.66 -2.47 -8.87
N GLN A 32 -1.48 -3.78 -8.87
CA GLN A 32 -2.28 -4.66 -9.71
C GLN A 32 -2.72 -5.91 -8.94
N PRO A 33 -3.73 -6.60 -9.47
CA PRO A 33 -4.27 -7.82 -8.86
C PRO A 33 -3.30 -8.98 -8.93
N PRO A 34 -3.19 -9.74 -7.83
CA PRO A 34 -2.31 -10.90 -7.76
C PRO A 34 -2.78 -12.06 -8.63
N LEU A 35 -1.84 -12.89 -9.07
CA LEU A 35 -2.16 -14.03 -9.92
C LEU A 35 -2.86 -15.13 -9.11
N GLU A 36 -2.25 -15.49 -7.97
CA GLU A 36 -2.81 -16.52 -7.11
C GLU A 36 -3.83 -15.93 -6.14
N ALA A 37 -4.78 -15.17 -6.68
CA ALA A 37 -5.82 -14.56 -5.86
C ALA A 37 -6.79 -15.59 -5.32
N ASN A 38 -6.65 -16.83 -5.78
CA ASN A 38 -7.52 -17.91 -5.34
C ASN A 38 -8.99 -17.48 -5.36
N GLY A 39 -9.35 -16.67 -6.35
CA GLY A 39 -10.72 -16.20 -6.46
C GLY A 39 -10.80 -14.78 -6.98
N LYS A 40 -11.72 -13.99 -6.42
CA LYS A 40 -11.90 -12.61 -6.83
C LYS A 40 -11.74 -11.66 -5.64
N ILE A 41 -10.68 -10.87 -5.66
CA ILE A 41 -10.42 -9.92 -4.59
C ILE A 41 -11.65 -9.06 -4.30
N THR A 42 -11.93 -8.86 -3.02
CA THR A 42 -13.08 -8.05 -2.61
C THR A 42 -12.64 -6.82 -1.83
N ALA A 43 -11.37 -6.79 -1.45
CA ALA A 43 -10.81 -5.66 -0.71
C ALA A 43 -9.29 -5.68 -0.72
N TYR A 44 -8.70 -4.50 -0.76
CA TYR A 44 -7.24 -4.38 -0.79
C TYR A 44 -6.74 -3.59 0.43
N ILE A 45 -5.93 -4.25 1.25
CA ILE A 45 -5.37 -3.62 2.44
C ILE A 45 -3.93 -3.17 2.22
N LEU A 46 -3.68 -1.89 2.36
CA LEU A 46 -2.34 -1.33 2.18
C LEU A 46 -1.73 -0.96 3.51
N PHE A 47 -0.40 -1.09 3.60
CA PHE A 47 0.32 -0.75 4.83
C PHE A 47 1.54 0.11 4.53
N TYR A 48 1.77 1.12 5.36
CA TYR A 48 2.89 2.02 5.18
C TYR A 48 3.45 2.49 6.52
N THR A 49 4.76 2.68 6.59
CA THR A 49 5.40 3.12 7.81
C THR A 49 6.78 3.71 7.53
N LEU A 50 7.46 4.18 8.57
CA LEU A 50 8.79 4.76 8.43
C LEU A 50 9.75 4.15 9.44
N ASP A 51 9.27 3.19 10.21
CA ASP A 51 10.10 2.52 11.21
C ASP A 51 9.92 1.00 11.14
N LYS A 52 10.40 0.41 10.05
CA LYS A 52 10.29 -1.04 9.86
C LYS A 52 10.51 -1.78 11.17
N ASN A 53 11.25 -1.15 12.08
CA ASN A 53 11.53 -1.75 13.38
C ASN A 53 10.29 -2.44 13.95
N ILE A 54 9.14 -1.81 13.76
CA ILE A 54 7.88 -2.36 14.26
C ILE A 54 7.32 -3.39 13.29
N PRO A 55 6.50 -4.32 13.82
CA PRO A 55 5.88 -5.37 13.01
C PRO A 55 4.81 -4.83 12.07
N ILE A 56 4.75 -5.40 10.87
CA ILE A 56 3.78 -4.97 9.87
C ILE A 56 2.42 -4.70 10.51
N ASP A 57 2.14 -5.40 11.60
CA ASP A 57 0.87 -5.23 12.31
C ASP A 57 0.77 -3.83 12.91
N ASP A 58 1.86 -3.37 13.51
CA ASP A 58 1.89 -2.05 14.13
C ASP A 58 1.78 -0.95 13.07
N TRP A 59 2.21 -1.27 11.85
CA TRP A 59 2.16 -0.31 10.75
C TRP A 59 0.74 0.23 10.58
N ILE A 60 0.60 1.25 9.74
CA ILE A 60 -0.68 1.87 9.48
C ILE A 60 -1.41 1.17 8.34
N MET A 61 -2.38 0.32 8.69
CA MET A 61 -3.15 -0.42 7.70
C MET A 61 -4.26 0.45 7.11
N GLU A 62 -4.52 0.28 5.83
CA GLU A 62 -5.56 1.05 5.15
C GLU A 62 -6.40 0.16 4.25
N THR A 63 -7.72 0.19 4.46
CA THR A 63 -8.64 -0.62 3.67
C THR A 63 -8.98 0.07 2.34
N ILE A 64 -8.88 -0.69 1.26
CA ILE A 64 -9.18 -0.15 -0.07
C ILE A 64 -10.23 -1.01 -0.79
N SER A 65 -11.07 -0.35 -1.58
CA SER A 65 -12.12 -1.05 -2.32
C SER A 65 -11.51 -2.06 -3.29
N GLY A 66 -11.98 -3.30 -3.20
CA GLY A 66 -11.49 -4.35 -4.08
C GLY A 66 -11.51 -3.93 -5.54
N ASP A 67 -12.36 -2.98 -5.87
CA ASP A 67 -12.47 -2.50 -7.24
C ASP A 67 -11.28 -1.62 -7.62
N ARG A 68 -10.91 -0.73 -6.71
CA ARG A 68 -9.78 0.17 -6.94
C ARG A 68 -8.46 -0.55 -6.74
N LEU A 69 -7.44 -0.13 -7.48
CA LEU A 69 -6.11 -0.74 -7.39
C LEU A 69 -5.07 0.30 -6.98
N THR A 70 -5.53 1.41 -6.43
CA THR A 70 -4.64 2.48 -6.00
C THR A 70 -5.09 3.08 -4.68
N HIS A 71 -4.17 3.75 -3.99
CA HIS A 71 -4.49 4.38 -2.71
C HIS A 71 -3.68 5.67 -2.53
N GLN A 72 -4.35 6.71 -2.06
CA GLN A 72 -3.71 8.00 -1.84
C GLN A 72 -3.56 8.29 -0.35
N ILE A 73 -2.34 8.65 0.06
CA ILE A 73 -2.06 8.95 1.45
C ILE A 73 -1.85 10.45 1.66
N MET A 74 -2.30 10.95 2.80
CA MET A 74 -2.16 12.37 3.13
C MET A 74 -1.50 12.55 4.49
N ASP A 75 -0.85 13.69 4.68
CA ASP A 75 -0.18 13.98 5.94
C ASP A 75 1.05 13.12 6.13
N LEU A 76 1.92 13.11 5.12
CA LEU A 76 3.15 12.32 5.16
C LEU A 76 4.35 13.19 5.48
N ASN A 77 5.28 12.65 6.26
CA ASN A 77 6.48 13.39 6.65
C ASN A 77 7.17 13.98 5.42
N LEU A 78 7.98 15.01 5.64
CA LEU A 78 8.70 15.67 4.55
C LEU A 78 10.16 15.24 4.53
N ASP A 79 10.63 14.80 3.37
CA ASP A 79 12.01 14.36 3.22
C ASP A 79 12.31 13.19 4.14
N THR A 80 11.50 12.15 4.05
CA THR A 80 11.68 10.96 4.88
C THR A 80 11.30 9.70 4.12
N MET A 81 12.09 8.63 4.30
CA MET A 81 11.83 7.37 3.64
C MET A 81 10.57 6.71 4.19
N TYR A 82 9.72 6.23 3.30
CA TYR A 82 8.48 5.57 3.70
C TYR A 82 8.34 4.20 3.03
N TYR A 83 8.21 3.17 3.85
CA TYR A 83 8.08 1.80 3.34
C TYR A 83 6.62 1.50 2.99
N PHE A 84 6.42 0.89 1.82
CA PHE A 84 5.07 0.54 1.36
C PHE A 84 4.91 -0.97 1.28
N ARG A 85 3.76 -1.46 1.75
CA ARG A 85 3.48 -2.89 1.72
C ARG A 85 1.97 -3.14 1.63
N ILE A 86 1.52 -3.57 0.46
CA ILE A 86 0.10 -3.85 0.24
C ILE A 86 -0.13 -5.34 0.02
N GLN A 87 -1.38 -5.76 0.18
CA GLN A 87 -1.75 -7.16 -0.01
C GLN A 87 -3.13 -7.29 -0.63
N ALA A 88 -3.58 -8.52 -0.81
CA ALA A 88 -4.90 -8.78 -1.38
C ALA A 88 -5.77 -9.59 -0.43
N ARG A 89 -7.06 -9.26 -0.40
CA ARG A 89 -8.00 -9.97 0.47
C ARG A 89 -9.26 -10.33 -0.29
N ASN A 90 -9.62 -11.61 -0.25
CA ASN A 90 -10.81 -12.09 -0.94
C ASN A 90 -11.85 -12.59 0.05
N SER A 91 -13.06 -12.85 -0.43
CA SER A 91 -14.14 -13.33 0.43
C SER A 91 -13.63 -14.33 1.45
N LYS A 92 -12.53 -15.00 1.11
CA LYS A 92 -11.92 -15.99 2.00
C LYS A 92 -11.11 -15.30 3.10
N GLY A 93 -10.02 -14.66 2.71
CA GLY A 93 -9.18 -13.97 3.67
C GLY A 93 -8.14 -13.08 3.01
N VAL A 94 -7.07 -12.78 3.72
CA VAL A 94 -6.00 -11.93 3.20
C VAL A 94 -4.68 -12.68 3.16
N GLY A 95 -3.95 -12.52 2.05
CA GLY A 95 -2.68 -13.18 1.90
C GLY A 95 -1.51 -12.31 2.37
N PRO A 96 -0.30 -12.65 1.91
CA PRO A 96 0.91 -11.91 2.29
C PRO A 96 0.96 -10.51 1.67
N LEU A 97 2.03 -9.79 1.93
CA LEU A 97 2.20 -8.44 1.41
C LEU A 97 3.42 -8.35 0.51
N SER A 98 3.57 -7.22 -0.17
CA SER A 98 4.70 -7.02 -1.07
C SER A 98 5.90 -6.45 -0.32
N ASP A 99 7.05 -6.46 -0.97
CA ASP A 99 8.28 -5.95 -0.36
C ASP A 99 8.15 -4.46 -0.03
N PRO A 100 8.81 -4.03 1.06
CA PRO A 100 8.77 -2.63 1.50
C PRO A 100 9.53 -1.71 0.55
N ILE A 101 8.79 -1.07 -0.36
CA ILE A 101 9.39 -0.15 -1.32
C ILE A 101 9.96 1.08 -0.62
N LEU A 102 11.08 1.57 -1.12
CA LEU A 102 11.73 2.75 -0.55
C LEU A 102 11.43 3.99 -1.39
N PHE A 103 10.53 4.84 -0.90
CA PHE A 103 10.17 6.05 -1.60
C PHE A 103 10.24 7.26 -0.67
N ARG A 104 11.10 8.21 -1.01
CA ARG A 104 11.27 9.42 -0.21
C ARG A 104 10.28 10.50 -0.63
N THR A 105 9.66 11.14 0.35
CA THR A 105 8.68 12.19 0.08
C THR A 105 9.38 13.50 -0.31
N LEU A 106 8.67 14.33 -1.07
CA LEU A 106 9.22 15.61 -1.51
C LEU A 106 9.52 16.51 -0.32
N LYS A 107 10.39 17.50 -0.54
CA LYS A 107 10.77 18.43 0.52
C LYS A 107 10.33 19.85 0.17
N VAL A 108 9.20 20.28 0.72
CA VAL A 108 8.68 21.61 0.48
C VAL A 108 9.30 22.63 1.42
N SER A 109 10.12 23.53 0.88
CA SER A 109 10.77 24.55 1.69
C SER A 109 9.78 25.65 2.08
N GLY A 110 9.19 26.29 1.07
CA GLY A 110 8.24 27.35 1.34
C GLY A 110 7.30 27.60 0.16
N PRO A 111 6.06 27.96 0.45
CA PRO A 111 5.04 28.23 -0.57
C PRO A 111 5.33 29.51 -1.35
N SER A 112 6.15 29.39 -2.39
CA SER A 112 6.50 30.55 -3.21
C SER A 112 5.64 30.62 -4.46
N SER A 113 5.12 31.80 -4.76
CA SER A 113 4.28 32.00 -5.93
C SER A 113 5.07 32.62 -7.07
N GLY A 114 4.54 32.50 -8.29
CA GLY A 114 5.21 33.06 -9.45
C GLY A 114 6.62 32.51 -9.62
N GLY A 1 -12.04 -30.24 9.69
CA GLY A 1 -10.95 -30.27 8.72
C GLY A 1 -11.00 -29.10 7.76
N SER A 2 -11.77 -29.26 6.68
CA SER A 2 -11.89 -28.21 5.67
C SER A 2 -12.80 -27.09 6.16
N SER A 3 -12.21 -26.02 6.67
CA SER A 3 -12.97 -24.88 7.16
C SER A 3 -13.61 -24.11 6.02
N GLY A 4 -12.79 -23.74 5.03
CA GLY A 4 -13.30 -23.00 3.90
C GLY A 4 -12.49 -21.74 3.61
N SER A 5 -12.93 -20.62 4.18
CA SER A 5 -12.25 -19.36 3.98
C SER A 5 -10.73 -19.53 4.06
N SER A 6 -10.07 -19.46 2.91
CA SER A 6 -8.62 -19.62 2.85
C SER A 6 -7.94 -18.29 2.57
N GLY A 7 -8.25 -17.71 1.41
CA GLY A 7 -7.66 -16.44 1.04
C GLY A 7 -6.52 -16.59 0.06
N PRO A 8 -6.02 -15.46 -0.47
CA PRO A 8 -4.91 -15.45 -1.43
C PRO A 8 -3.58 -15.84 -0.79
N THR A 9 -2.69 -16.40 -1.60
CA THR A 9 -1.38 -16.82 -1.11
C THR A 9 -0.27 -15.99 -1.74
N SER A 10 -0.64 -14.87 -2.33
CA SER A 10 0.33 -13.98 -2.98
C SER A 10 -0.10 -12.52 -2.86
N ALA A 11 0.87 -11.62 -3.00
CA ALA A 11 0.59 -10.19 -2.91
C ALA A 11 0.42 -9.57 -4.29
N PRO A 12 -0.07 -8.32 -4.32
CA PRO A 12 -0.30 -7.60 -5.58
C PRO A 12 1.01 -7.21 -6.28
N LYS A 13 0.90 -6.71 -7.49
CA LYS A 13 2.06 -6.30 -8.26
C LYS A 13 1.91 -4.87 -8.78
N ASP A 14 2.88 -4.42 -9.55
CA ASP A 14 2.85 -3.07 -10.11
C ASP A 14 2.72 -2.03 -9.01
N LEU A 15 3.28 -2.33 -7.84
CA LEU A 15 3.22 -1.41 -6.71
C LEU A 15 4.16 -0.22 -6.92
N THR A 16 3.58 0.94 -7.22
CA THR A 16 4.36 2.15 -7.44
C THR A 16 3.83 3.30 -6.59
N VAL A 17 4.75 4.11 -6.06
CA VAL A 17 4.38 5.25 -5.24
C VAL A 17 4.94 6.55 -5.81
N ILE A 18 4.04 7.47 -6.14
CA ILE A 18 4.46 8.77 -6.70
C ILE A 18 3.78 9.91 -5.98
N THR A 19 4.51 11.00 -5.77
CA THR A 19 3.99 12.17 -5.09
C THR A 19 3.00 12.92 -5.98
N ARG A 20 1.95 13.48 -5.36
CA ARG A 20 0.94 14.21 -6.11
C ARG A 20 1.46 15.59 -6.51
N GLU A 21 1.07 16.04 -7.70
CA GLU A 21 1.49 17.34 -8.20
C GLU A 21 0.80 18.47 -7.45
N GLY A 22 -0.36 18.17 -6.86
CA GLY A 22 -1.11 19.17 -6.13
C GLY A 22 -0.68 19.24 -4.67
N LYS A 23 -0.12 18.16 -4.16
CA LYS A 23 0.33 18.10 -2.77
C LYS A 23 1.45 17.09 -2.61
N PRO A 24 2.57 17.53 -2.01
CA PRO A 24 3.74 16.68 -1.78
C PRO A 24 3.48 15.62 -0.71
N ARG A 25 2.79 16.01 0.36
CA ARG A 25 2.48 15.09 1.45
C ARG A 25 1.56 13.97 0.96
N ALA A 26 0.98 14.17 -0.21
CA ALA A 26 0.08 13.16 -0.78
C ALA A 26 0.80 12.31 -1.83
N VAL A 27 0.45 11.03 -1.88
CA VAL A 27 1.06 10.11 -2.83
C VAL A 27 0.02 9.16 -3.43
N ILE A 28 0.27 8.71 -4.64
CA ILE A 28 -0.63 7.78 -5.31
C ILE A 28 -0.04 6.38 -5.38
N VAL A 29 -0.44 5.52 -4.44
CA VAL A 29 0.05 4.16 -4.40
C VAL A 29 -0.77 3.25 -5.31
N SER A 30 -0.21 2.92 -6.47
CA SER A 30 -0.89 2.06 -7.43
C SER A 30 -0.48 0.60 -7.25
N TRP A 31 -1.20 -0.30 -7.91
CA TRP A 31 -0.92 -1.73 -7.82
C TRP A 31 -1.80 -2.52 -8.77
N GLN A 32 -1.69 -3.85 -8.71
CA GLN A 32 -2.48 -4.72 -9.57
C GLN A 32 -2.85 -6.01 -8.84
N PRO A 33 -3.91 -6.68 -9.32
CA PRO A 33 -4.38 -7.92 -8.72
C PRO A 33 -3.42 -9.09 -8.96
N PRO A 34 -3.16 -9.87 -7.91
CA PRO A 34 -2.25 -11.01 -7.97
C PRO A 34 -2.84 -12.17 -8.78
N LEU A 35 -2.00 -13.12 -9.16
CA LEU A 35 -2.43 -14.26 -9.94
C LEU A 35 -2.96 -15.37 -9.04
N GLU A 36 -2.37 -15.50 -7.85
CA GLU A 36 -2.80 -16.51 -6.89
C GLU A 36 -3.95 -16.01 -6.05
N ALA A 37 -4.76 -15.11 -6.61
CA ALA A 37 -5.91 -14.55 -5.92
C ALA A 37 -6.87 -15.65 -5.47
N ASN A 38 -6.64 -16.86 -5.98
CA ASN A 38 -7.50 -17.99 -5.64
C ASN A 38 -8.97 -17.62 -5.74
N GLY A 39 -9.29 -16.76 -6.69
CA GLY A 39 -10.67 -16.33 -6.88
C GLY A 39 -10.77 -14.90 -7.38
N LYS A 40 -11.61 -14.11 -6.72
CA LYS A 40 -11.81 -12.72 -7.10
C LYS A 40 -11.68 -11.81 -5.89
N ILE A 41 -10.62 -11.00 -5.86
CA ILE A 41 -10.39 -10.09 -4.76
C ILE A 41 -11.63 -9.23 -4.48
N THR A 42 -11.78 -8.79 -3.23
CA THR A 42 -12.91 -7.98 -2.84
C THR A 42 -12.46 -6.68 -2.18
N ALA A 43 -11.33 -6.74 -1.49
CA ALA A 43 -10.78 -5.56 -0.82
C ALA A 43 -9.25 -5.56 -0.87
N TYR A 44 -8.66 -4.38 -0.73
CA TYR A 44 -7.21 -4.24 -0.78
C TYR A 44 -6.71 -3.47 0.44
N ILE A 45 -5.88 -4.13 1.25
CA ILE A 45 -5.33 -3.50 2.45
C ILE A 45 -3.89 -3.05 2.21
N LEU A 46 -3.66 -1.76 2.32
CA LEU A 46 -2.32 -1.20 2.12
C LEU A 46 -1.67 -0.86 3.46
N PHE A 47 -0.35 -0.98 3.51
CA PHE A 47 0.39 -0.68 4.73
C PHE A 47 1.62 0.16 4.43
N TYR A 48 1.87 1.17 5.26
CA TYR A 48 3.01 2.05 5.08
C TYR A 48 3.54 2.54 6.43
N THR A 49 4.86 2.72 6.51
CA THR A 49 5.49 3.19 7.74
C THR A 49 6.94 3.58 7.49
N LEU A 50 7.40 4.60 8.21
CA LEU A 50 8.77 5.08 8.07
C LEU A 50 9.74 4.17 8.82
N ASP A 51 9.20 3.34 9.70
CA ASP A 51 10.01 2.41 10.48
C ASP A 51 9.56 0.97 10.28
N LYS A 52 10.47 0.12 9.82
CA LYS A 52 10.16 -1.28 9.58
C LYS A 52 10.41 -2.11 10.83
N ASN A 53 11.30 -1.63 11.70
CA ASN A 53 11.63 -2.32 12.93
C ASN A 53 10.37 -2.82 13.64
N ILE A 54 9.28 -2.09 13.45
CA ILE A 54 8.00 -2.46 14.06
C ILE A 54 7.31 -3.56 13.27
N PRO A 55 6.44 -4.31 13.94
CA PRO A 55 5.68 -5.41 13.31
C PRO A 55 4.64 -4.90 12.33
N ILE A 56 4.55 -5.56 11.18
CA ILE A 56 3.59 -5.18 10.15
C ILE A 56 2.27 -4.73 10.77
N ASP A 57 1.97 -5.26 11.95
CA ASP A 57 0.74 -4.92 12.65
C ASP A 57 0.76 -3.46 13.11
N ASP A 58 1.87 -3.06 13.73
CA ASP A 58 2.02 -1.69 14.21
C ASP A 58 1.93 -0.69 13.07
N TRP A 59 2.25 -1.15 11.86
CA TRP A 59 2.20 -0.30 10.67
C TRP A 59 0.82 0.30 10.49
N ILE A 60 0.70 1.25 9.57
CA ILE A 60 -0.58 1.90 9.30
C ILE A 60 -1.34 1.18 8.20
N MET A 61 -2.31 0.36 8.60
CA MET A 61 -3.11 -0.38 7.64
C MET A 61 -4.23 0.49 7.06
N GLU A 62 -4.46 0.34 5.76
CA GLU A 62 -5.49 1.12 5.08
C GLU A 62 -6.36 0.23 4.20
N THR A 63 -7.67 0.29 4.42
CA THR A 63 -8.62 -0.52 3.66
C THR A 63 -8.96 0.16 2.33
N ILE A 64 -9.04 -0.65 1.27
CA ILE A 64 -9.37 -0.13 -0.06
C ILE A 64 -10.37 -1.04 -0.77
N SER A 65 -11.16 -0.46 -1.67
CA SER A 65 -12.15 -1.21 -2.41
C SER A 65 -11.48 -2.17 -3.40
N GLY A 66 -11.94 -3.42 -3.42
CA GLY A 66 -11.37 -4.40 -4.32
C GLY A 66 -11.49 -4.00 -5.77
N ASP A 67 -12.31 -2.99 -6.04
CA ASP A 67 -12.50 -2.50 -7.40
C ASP A 67 -11.33 -1.63 -7.84
N ARG A 68 -10.89 -0.75 -6.95
CA ARG A 68 -9.79 0.16 -7.23
C ARG A 68 -8.44 -0.54 -7.00
N LEU A 69 -7.43 -0.10 -7.73
CA LEU A 69 -6.09 -0.69 -7.61
C LEU A 69 -5.08 0.37 -7.17
N THR A 70 -5.58 1.46 -6.61
CA THR A 70 -4.72 2.54 -6.15
C THR A 70 -5.21 3.10 -4.82
N HIS A 71 -4.32 3.78 -4.10
CA HIS A 71 -4.66 4.37 -2.81
C HIS A 71 -3.88 5.66 -2.57
N GLN A 72 -4.59 6.73 -2.23
CA GLN A 72 -3.96 8.01 -1.97
C GLN A 72 -3.83 8.27 -0.47
N ILE A 73 -2.61 8.53 -0.02
CA ILE A 73 -2.36 8.80 1.39
C ILE A 73 -2.19 10.29 1.64
N MET A 74 -2.66 10.74 2.81
CA MET A 74 -2.57 12.15 3.17
C MET A 74 -1.94 12.31 4.55
N ASP A 75 -1.31 13.45 4.79
CA ASP A 75 -0.67 13.72 6.07
C ASP A 75 0.57 12.85 6.26
N LEU A 76 1.47 12.89 5.29
CA LEU A 76 2.70 12.11 5.34
C LEU A 76 3.89 12.99 5.70
N ASN A 77 4.92 12.37 6.27
CA ASN A 77 6.13 13.10 6.66
C ASN A 77 6.99 13.42 5.44
N LEU A 78 7.56 14.62 5.42
CA LEU A 78 8.41 15.05 4.31
C LEU A 78 9.87 14.68 4.57
N ASP A 79 10.65 14.58 3.50
CA ASP A 79 12.06 14.24 3.62
C ASP A 79 12.27 13.09 4.59
N THR A 80 11.45 12.05 4.46
CA THR A 80 11.53 10.89 5.34
C THR A 80 11.28 9.60 4.57
N MET A 81 12.03 8.56 4.91
CA MET A 81 11.89 7.27 4.24
C MET A 81 10.61 6.56 4.69
N TYR A 82 9.83 6.10 3.72
CA TYR A 82 8.58 5.42 4.03
C TYR A 82 8.49 4.09 3.25
N TYR A 83 8.28 3.00 3.98
CA TYR A 83 8.17 1.69 3.37
C TYR A 83 6.72 1.38 2.99
N PHE A 84 6.54 0.86 1.79
CA PHE A 84 5.19 0.51 1.31
C PHE A 84 5.03 -1.00 1.22
N ARG A 85 3.87 -1.49 1.67
CA ARG A 85 3.57 -2.92 1.64
C ARG A 85 2.07 -3.17 1.58
N ILE A 86 1.59 -3.56 0.41
CA ILE A 86 0.17 -3.83 0.22
C ILE A 86 -0.07 -5.32 0.00
N GLN A 87 -1.34 -5.72 0.11
CA GLN A 87 -1.71 -7.12 -0.07
C GLN A 87 -3.11 -7.23 -0.66
N ALA A 88 -3.55 -8.47 -0.90
CA ALA A 88 -4.87 -8.72 -1.46
C ALA A 88 -5.75 -9.50 -0.49
N ARG A 89 -7.01 -9.09 -0.38
CA ARG A 89 -7.95 -9.75 0.52
C ARG A 89 -9.25 -10.07 -0.21
N ASN A 90 -9.70 -11.31 -0.07
CA ASN A 90 -10.93 -11.75 -0.71
C ASN A 90 -11.95 -12.23 0.32
N SER A 91 -13.17 -12.47 -0.13
CA SER A 91 -14.24 -12.93 0.76
C SER A 91 -13.70 -13.92 1.79
N LYS A 92 -12.68 -14.67 1.39
CA LYS A 92 -12.06 -15.66 2.27
C LYS A 92 -11.17 -14.99 3.31
N GLY A 93 -10.04 -14.47 2.87
CA GLY A 93 -9.12 -13.81 3.77
C GLY A 93 -8.08 -12.97 3.04
N VAL A 94 -6.98 -12.67 3.71
CA VAL A 94 -5.92 -11.87 3.12
C VAL A 94 -4.59 -12.63 3.13
N GLY A 95 -3.80 -12.45 2.08
CA GLY A 95 -2.52 -13.11 1.99
C GLY A 95 -1.37 -12.23 2.44
N PRO A 96 -0.15 -12.56 1.99
CA PRO A 96 1.05 -11.80 2.36
C PRO A 96 1.08 -10.42 1.72
N LEU A 97 2.15 -9.67 1.97
CA LEU A 97 2.30 -8.33 1.41
C LEU A 97 3.50 -8.27 0.47
N SER A 98 3.53 -7.23 -0.35
CA SER A 98 4.62 -7.04 -1.31
C SER A 98 5.87 -6.53 -0.61
N ASP A 99 6.99 -6.52 -1.32
CA ASP A 99 8.25 -6.06 -0.78
C ASP A 99 8.18 -4.58 -0.41
N PRO A 100 8.89 -4.19 0.65
CA PRO A 100 8.91 -2.81 1.14
C PRO A 100 9.64 -1.87 0.19
N ILE A 101 8.88 -1.07 -0.55
CA ILE A 101 9.45 -0.13 -1.50
C ILE A 101 9.96 1.12 -0.80
N LEU A 102 11.18 1.53 -1.15
CA LEU A 102 11.79 2.72 -0.55
C LEU A 102 11.49 3.96 -1.39
N PHE A 103 10.64 4.84 -0.86
CA PHE A 103 10.28 6.07 -1.56
C PHE A 103 10.34 7.27 -0.62
N ARG A 104 11.35 8.12 -0.83
CA ARG A 104 11.53 9.30 0.00
C ARG A 104 10.58 10.41 -0.44
N THR A 105 9.75 10.87 0.51
CA THR A 105 8.79 11.93 0.22
C THR A 105 9.48 13.16 -0.35
N LEU A 106 8.70 14.06 -0.94
CA LEU A 106 9.23 15.29 -1.53
C LEU A 106 9.92 16.14 -0.46
N LYS A 107 10.58 17.21 -0.91
CA LYS A 107 11.26 18.11 0.00
C LYS A 107 10.88 19.56 -0.28
N VAL A 108 10.17 20.18 0.66
CA VAL A 108 9.76 21.56 0.51
C VAL A 108 10.88 22.53 0.87
N SER A 109 12.07 22.26 0.34
CA SER A 109 13.23 23.10 0.61
C SER A 109 13.07 24.49 -0.01
N GLY A 110 12.81 24.51 -1.31
CA GLY A 110 12.63 25.76 -2.02
C GLY A 110 12.95 25.67 -3.49
N PRO A 111 12.16 26.35 -4.32
CA PRO A 111 12.34 26.35 -5.77
C PRO A 111 13.60 27.09 -6.21
N SER A 112 14.27 26.59 -7.24
CA SER A 112 15.48 27.21 -7.74
C SER A 112 15.29 28.71 -7.93
N SER A 113 15.88 29.50 -7.03
CA SER A 113 15.78 30.94 -7.10
C SER A 113 16.21 31.47 -8.46
N GLY A 114 17.39 31.06 -8.90
CA GLY A 114 17.89 31.49 -10.19
C GLY A 114 19.05 30.64 -10.67
N GLY A 1 -17.77 -31.27 -3.71
CA GLY A 1 -18.06 -31.82 -2.39
C GLY A 1 -18.17 -30.74 -1.32
N SER A 2 -17.03 -30.35 -0.77
CA SER A 2 -17.01 -29.33 0.27
C SER A 2 -16.31 -28.06 -0.23
N SER A 3 -16.78 -26.91 0.24
CA SER A 3 -16.21 -25.63 -0.16
C SER A 3 -15.32 -25.06 0.95
N GLY A 4 -14.01 -25.09 0.73
CA GLY A 4 -13.08 -24.57 1.71
C GLY A 4 -12.75 -23.12 1.49
N SER A 5 -12.57 -22.37 2.58
CA SER A 5 -12.26 -20.95 2.49
C SER A 5 -10.77 -20.72 2.69
N SER A 6 -10.14 -20.07 1.71
CA SER A 6 -8.71 -19.79 1.77
C SER A 6 -8.37 -18.55 0.95
N GLY A 7 -7.98 -17.48 1.64
CA GLY A 7 -7.63 -16.24 0.97
C GLY A 7 -6.55 -16.44 -0.07
N PRO A 8 -6.05 -15.33 -0.63
CA PRO A 8 -5.00 -15.35 -1.66
C PRO A 8 -3.66 -15.80 -1.10
N THR A 9 -2.85 -16.44 -1.95
CA THR A 9 -1.54 -16.91 -1.54
C THR A 9 -0.43 -16.13 -2.24
N SER A 10 -0.77 -14.95 -2.74
CA SER A 10 0.20 -14.11 -3.44
C SER A 10 -0.18 -12.63 -3.31
N ALA A 11 0.83 -11.78 -3.15
CA ALA A 11 0.61 -10.35 -3.02
C ALA A 11 0.47 -9.70 -4.39
N PRO A 12 0.04 -8.42 -4.39
CA PRO A 12 -0.15 -7.65 -5.63
C PRO A 12 1.17 -7.32 -6.31
N LYS A 13 1.09 -6.76 -7.51
CA LYS A 13 2.28 -6.39 -8.27
C LYS A 13 2.15 -4.97 -8.80
N ASP A 14 3.16 -4.55 -9.57
CA ASP A 14 3.16 -3.20 -10.15
C ASP A 14 2.88 -2.15 -9.08
N LEU A 15 3.40 -2.38 -7.88
CA LEU A 15 3.21 -1.45 -6.77
C LEU A 15 4.16 -0.27 -6.89
N THR A 16 3.60 0.90 -7.20
CA THR A 16 4.39 2.11 -7.34
C THR A 16 3.84 3.24 -6.48
N VAL A 17 4.71 4.17 -6.08
CA VAL A 17 4.30 5.29 -5.26
C VAL A 17 4.84 6.60 -5.81
N ILE A 18 3.95 7.55 -6.07
CA ILE A 18 4.34 8.85 -6.61
C ILE A 18 3.71 9.99 -5.80
N THR A 19 4.42 11.11 -5.73
CA THR A 19 3.93 12.27 -4.99
C THR A 19 3.00 13.11 -5.86
N ARG A 20 1.77 13.31 -5.38
CA ARG A 20 0.78 14.10 -6.10
C ARG A 20 1.36 15.46 -6.48
N GLU A 21 0.98 15.93 -7.67
CA GLU A 21 1.46 17.22 -8.16
C GLU A 21 0.72 18.37 -7.47
N GLY A 22 -0.45 18.07 -6.93
CA GLY A 22 -1.24 19.08 -6.25
C GLY A 22 -0.88 19.20 -4.79
N LYS A 23 -0.27 18.15 -4.23
CA LYS A 23 0.12 18.15 -2.82
C LYS A 23 1.30 17.21 -2.60
N PRO A 24 2.36 17.73 -1.96
CA PRO A 24 3.57 16.96 -1.66
C PRO A 24 3.32 15.90 -0.59
N ARG A 25 2.60 16.28 0.45
CA ARG A 25 2.29 15.36 1.54
C ARG A 25 1.39 14.22 1.07
N ALA A 26 0.95 14.31 -0.18
CA ALA A 26 0.09 13.29 -0.76
C ALA A 26 0.86 12.40 -1.72
N VAL A 27 0.39 11.16 -1.88
CA VAL A 27 1.03 10.20 -2.77
C VAL A 27 0.02 9.19 -3.31
N ILE A 28 0.15 8.86 -4.59
CA ILE A 28 -0.74 7.89 -5.22
C ILE A 28 -0.08 6.53 -5.35
N VAL A 29 -0.49 5.60 -4.50
CA VAL A 29 0.07 4.24 -4.52
C VAL A 29 -0.75 3.33 -5.43
N SER A 30 -0.18 2.97 -6.58
CA SER A 30 -0.85 2.11 -7.54
C SER A 30 -0.41 0.65 -7.37
N TRP A 31 -1.13 -0.25 -8.01
CA TRP A 31 -0.81 -1.67 -7.92
C TRP A 31 -1.71 -2.49 -8.85
N GLN A 32 -1.42 -3.78 -8.97
CA GLN A 32 -2.19 -4.66 -9.82
C GLN A 32 -2.63 -5.91 -9.06
N PRO A 33 -3.72 -6.55 -9.53
CA PRO A 33 -4.27 -7.76 -8.91
C PRO A 33 -3.35 -8.96 -9.09
N PRO A 34 -3.16 -9.74 -8.00
CA PRO A 34 -2.31 -10.93 -8.02
C PRO A 34 -2.92 -12.06 -8.83
N LEU A 35 -2.06 -12.92 -9.36
CA LEU A 35 -2.51 -14.05 -10.18
C LEU A 35 -3.10 -15.15 -9.30
N GLU A 36 -2.52 -15.33 -8.11
CA GLU A 36 -2.99 -16.35 -7.18
C GLU A 36 -4.05 -15.77 -6.24
N ALA A 37 -5.00 -15.05 -6.81
CA ALA A 37 -6.08 -14.45 -6.04
C ALA A 37 -7.09 -15.50 -5.60
N ASN A 38 -6.93 -16.72 -6.10
CA ASN A 38 -7.84 -17.82 -5.76
C ASN A 38 -9.28 -17.35 -5.79
N GLY A 39 -9.62 -16.54 -6.79
CA GLY A 39 -10.97 -16.04 -6.91
C GLY A 39 -11.02 -14.60 -7.40
N LYS A 40 -11.80 -13.77 -6.71
CA LYS A 40 -11.92 -12.37 -7.08
C LYS A 40 -11.78 -11.47 -5.85
N ILE A 41 -10.69 -10.71 -5.80
CA ILE A 41 -10.43 -9.81 -4.68
C ILE A 41 -11.66 -8.95 -4.39
N THR A 42 -11.84 -8.62 -3.11
CA THR A 42 -12.97 -7.80 -2.68
C THR A 42 -12.51 -6.57 -1.92
N ALA A 43 -11.28 -6.62 -1.42
CA ALA A 43 -10.71 -5.50 -0.67
C ALA A 43 -9.19 -5.55 -0.70
N TYR A 44 -8.58 -4.37 -0.74
CA TYR A 44 -7.11 -4.27 -0.77
C TYR A 44 -6.60 -3.47 0.43
N ILE A 45 -5.83 -4.13 1.29
CA ILE A 45 -5.27 -3.48 2.46
C ILE A 45 -3.83 -3.07 2.22
N LEU A 46 -3.56 -1.77 2.40
CA LEU A 46 -2.21 -1.24 2.20
C LEU A 46 -1.55 -0.91 3.54
N PHE A 47 -0.25 -1.14 3.62
CA PHE A 47 0.50 -0.86 4.84
C PHE A 47 1.75 -0.04 4.54
N TYR A 48 1.87 1.11 5.20
CA TYR A 48 3.01 1.99 5.01
C TYR A 48 3.53 2.50 6.34
N THR A 49 4.85 2.69 6.42
CA THR A 49 5.48 3.17 7.64
C THR A 49 6.94 3.56 7.38
N LEU A 50 7.45 4.46 8.20
CA LEU A 50 8.84 4.92 8.07
C LEU A 50 9.77 4.10 8.94
N ASP A 51 9.19 3.24 9.78
CA ASP A 51 9.96 2.39 10.67
C ASP A 51 9.61 0.92 10.47
N LYS A 52 10.57 0.13 10.04
CA LYS A 52 10.35 -1.30 9.81
C LYS A 52 10.58 -2.09 11.10
N ASN A 53 11.41 -1.57 11.98
CA ASN A 53 11.71 -2.23 13.25
C ASN A 53 10.43 -2.70 13.93
N ILE A 54 9.31 -2.07 13.58
CA ILE A 54 8.02 -2.43 14.14
C ILE A 54 7.34 -3.52 13.33
N PRO A 55 6.44 -4.28 13.97
CA PRO A 55 5.70 -5.37 13.32
C PRO A 55 4.68 -4.85 12.32
N ILE A 56 4.61 -5.49 11.16
CA ILE A 56 3.68 -5.10 10.12
C ILE A 56 2.35 -4.64 10.72
N ASP A 57 2.02 -5.18 11.89
CA ASP A 57 0.78 -4.83 12.57
C ASP A 57 0.82 -3.38 13.06
N ASP A 58 1.93 -3.00 13.68
CA ASP A 58 2.10 -1.64 14.19
C ASP A 58 2.04 -0.63 13.05
N TRP A 59 2.38 -1.08 11.85
CA TRP A 59 2.37 -0.21 10.68
C TRP A 59 1.00 0.44 10.49
N ILE A 60 0.89 1.31 9.49
CA ILE A 60 -0.37 2.00 9.21
C ILE A 60 -1.15 1.29 8.12
N MET A 61 -2.16 0.51 8.52
CA MET A 61 -2.98 -0.22 7.58
C MET A 61 -4.04 0.68 6.96
N GLU A 62 -4.42 0.41 5.72
CA GLU A 62 -5.42 1.20 5.02
C GLU A 62 -6.30 0.31 4.14
N THR A 63 -7.60 0.37 4.37
CA THR A 63 -8.56 -0.43 3.60
C THR A 63 -8.86 0.23 2.26
N ILE A 64 -8.89 -0.57 1.20
CA ILE A 64 -9.18 -0.06 -0.13
C ILE A 64 -10.20 -0.93 -0.85
N SER A 65 -11.05 -0.31 -1.65
CA SER A 65 -12.08 -1.03 -2.40
C SER A 65 -11.45 -2.06 -3.33
N GLY A 66 -12.03 -3.26 -3.35
CA GLY A 66 -11.51 -4.32 -4.20
C GLY A 66 -11.57 -3.94 -5.67
N ASP A 67 -12.38 -2.95 -6.00
CA ASP A 67 -12.52 -2.50 -7.39
C ASP A 67 -11.37 -1.58 -7.78
N ARG A 68 -10.91 -0.78 -6.82
CA ARG A 68 -9.82 0.16 -7.06
C ARG A 68 -8.47 -0.54 -6.88
N LEU A 69 -7.46 -0.05 -7.61
CA LEU A 69 -6.13 -0.62 -7.53
C LEU A 69 -5.11 0.43 -7.10
N THR A 70 -5.61 1.54 -6.56
CA THR A 70 -4.74 2.61 -6.10
C THR A 70 -5.22 3.17 -4.76
N HIS A 71 -4.31 3.82 -4.04
CA HIS A 71 -4.63 4.39 -2.74
C HIS A 71 -3.86 5.68 -2.50
N GLN A 72 -4.59 6.75 -2.17
CA GLN A 72 -3.96 8.04 -1.92
C GLN A 72 -3.84 8.31 -0.42
N ILE A 73 -2.62 8.62 0.02
CA ILE A 73 -2.37 8.89 1.43
C ILE A 73 -2.13 10.38 1.66
N MET A 74 -2.53 10.86 2.84
CA MET A 74 -2.36 12.27 3.18
C MET A 74 -1.73 12.41 4.57
N ASP A 75 -1.13 13.56 4.81
CA ASP A 75 -0.49 13.83 6.10
C ASP A 75 0.75 12.96 6.28
N LEU A 76 1.62 12.97 5.28
CA LEU A 76 2.85 12.17 5.34
C LEU A 76 4.06 13.06 5.58
N ASN A 77 4.95 12.60 6.45
CA ASN A 77 6.16 13.35 6.78
C ASN A 77 6.86 13.84 5.52
N LEU A 78 7.74 14.82 5.68
CA LEU A 78 8.47 15.39 4.55
C LEU A 78 9.96 15.06 4.65
N ASP A 79 10.52 14.55 3.57
CA ASP A 79 11.94 14.19 3.53
C ASP A 79 12.23 13.02 4.46
N THR A 80 11.39 11.99 4.38
CA THR A 80 11.55 10.80 5.21
C THR A 80 11.20 9.54 4.44
N MET A 81 12.07 8.54 4.52
CA MET A 81 11.85 7.27 3.83
C MET A 81 10.61 6.56 4.39
N TYR A 82 9.68 6.23 3.49
CA TYR A 82 8.46 5.55 3.90
C TYR A 82 8.30 4.23 3.16
N TYR A 83 8.31 3.13 3.91
CA TYR A 83 8.18 1.80 3.33
C TYR A 83 6.73 1.51 2.96
N PHE A 84 6.53 0.83 1.82
CA PHE A 84 5.20 0.50 1.36
C PHE A 84 5.01 -1.02 1.30
N ARG A 85 3.85 -1.48 1.75
CA ARG A 85 3.54 -2.90 1.75
C ARG A 85 2.04 -3.13 1.63
N ILE A 86 1.61 -3.60 0.46
CA ILE A 86 0.19 -3.86 0.22
C ILE A 86 -0.06 -5.35 0.06
N GLN A 87 -1.34 -5.74 0.12
CA GLN A 87 -1.72 -7.14 -0.02
C GLN A 87 -3.09 -7.26 -0.67
N ALA A 88 -3.59 -8.50 -0.77
CA ALA A 88 -4.88 -8.76 -1.36
C ALA A 88 -5.77 -9.56 -0.42
N ARG A 89 -7.03 -9.14 -0.30
CA ARG A 89 -7.98 -9.82 0.57
C ARG A 89 -9.29 -10.10 -0.17
N ASN A 90 -9.75 -11.35 -0.10
CA ASN A 90 -10.98 -11.74 -0.77
C ASN A 90 -12.02 -12.21 0.25
N SER A 91 -13.25 -12.41 -0.21
CA SER A 91 -14.33 -12.85 0.67
C SER A 91 -13.84 -13.92 1.64
N LYS A 92 -12.85 -14.70 1.19
CA LYS A 92 -12.29 -15.76 2.02
C LYS A 92 -11.40 -15.18 3.12
N GLY A 93 -10.26 -14.62 2.73
CA GLY A 93 -9.34 -14.04 3.69
C GLY A 93 -8.31 -13.14 3.03
N VAL A 94 -7.19 -12.94 3.71
CA VAL A 94 -6.11 -12.11 3.18
C VAL A 94 -4.79 -12.86 3.13
N GLY A 95 -4.02 -12.62 2.08
CA GLY A 95 -2.74 -13.29 1.93
C GLY A 95 -1.59 -12.46 2.44
N PRO A 96 -0.37 -12.77 1.98
CA PRO A 96 0.85 -12.05 2.38
C PRO A 96 0.89 -10.64 1.83
N LEU A 97 2.04 -9.98 1.97
CA LEU A 97 2.23 -8.62 1.48
C LEU A 97 3.43 -8.54 0.56
N SER A 98 3.52 -7.43 -0.19
CA SER A 98 4.63 -7.22 -1.12
C SER A 98 5.85 -6.71 -0.38
N ASP A 99 6.97 -6.62 -1.10
CA ASP A 99 8.22 -6.14 -0.52
C ASP A 99 8.12 -4.65 -0.19
N PRO A 100 8.85 -4.25 0.87
CA PRO A 100 8.86 -2.85 1.32
C PRO A 100 9.58 -1.93 0.34
N ILE A 101 8.82 -1.10 -0.36
CA ILE A 101 9.39 -0.17 -1.33
C ILE A 101 9.90 1.09 -0.64
N LEU A 102 11.10 1.51 -1.03
CA LEU A 102 11.72 2.71 -0.45
C LEU A 102 11.42 3.93 -1.30
N PHE A 103 10.47 4.74 -0.85
CA PHE A 103 10.10 5.96 -1.57
C PHE A 103 10.05 7.16 -0.63
N ARG A 104 11.00 8.08 -0.80
CA ARG A 104 11.05 9.27 0.03
C ARG A 104 10.02 10.30 -0.41
N THR A 105 9.49 11.05 0.55
CA THR A 105 8.49 12.06 0.26
C THR A 105 9.14 13.37 -0.17
N LEU A 106 8.38 14.20 -0.86
CA LEU A 106 8.88 15.50 -1.34
C LEU A 106 9.32 16.37 -0.17
N LYS A 107 10.01 17.46 -0.48
CA LYS A 107 10.48 18.38 0.55
C LYS A 107 9.93 19.79 0.32
N VAL A 108 8.95 20.17 1.13
CA VAL A 108 8.34 21.50 1.01
C VAL A 108 8.39 22.24 2.33
N SER A 109 9.41 23.07 2.51
CA SER A 109 9.57 23.84 3.74
C SER A 109 8.99 25.25 3.57
N GLY A 110 9.54 25.99 2.62
CA GLY A 110 9.07 27.35 2.38
C GLY A 110 8.36 27.49 1.05
N PRO A 111 8.05 28.74 0.67
CA PRO A 111 7.37 29.03 -0.59
C PRO A 111 8.26 28.79 -1.81
N SER A 112 7.65 28.79 -2.99
CA SER A 112 8.39 28.56 -4.23
C SER A 112 9.19 27.27 -4.15
N SER A 113 8.56 26.23 -3.60
CA SER A 113 9.22 24.93 -3.47
C SER A 113 10.09 24.64 -4.68
N GLY A 114 11.41 24.73 -4.49
CA GLY A 114 12.34 24.47 -5.57
C GLY A 114 13.55 25.36 -5.52
N GLY A 1 -14.27 -30.42 -5.31
CA GLY A 1 -15.06 -29.20 -5.33
C GLY A 1 -14.33 -28.02 -4.73
N SER A 2 -14.91 -27.41 -3.70
CA SER A 2 -14.31 -26.26 -3.06
C SER A 2 -13.58 -26.67 -1.78
N SER A 3 -12.43 -26.05 -1.53
CA SER A 3 -11.63 -26.36 -0.35
C SER A 3 -12.05 -25.50 0.83
N GLY A 4 -13.37 -25.37 1.03
CA GLY A 4 -13.88 -24.57 2.12
C GLY A 4 -13.65 -23.09 1.91
N SER A 5 -12.48 -22.61 2.32
CA SER A 5 -12.14 -21.20 2.18
C SER A 5 -10.65 -20.98 2.40
N SER A 6 -9.99 -20.38 1.41
CA SER A 6 -8.56 -20.12 1.50
C SER A 6 -8.20 -18.85 0.73
N GLY A 7 -7.93 -17.78 1.47
CA GLY A 7 -7.57 -16.51 0.85
C GLY A 7 -6.43 -16.65 -0.14
N PRO A 8 -5.97 -15.52 -0.69
CA PRO A 8 -4.88 -15.49 -1.67
C PRO A 8 -3.54 -15.86 -1.05
N THR A 9 -2.69 -16.53 -1.84
CA THR A 9 -1.38 -16.93 -1.36
C THR A 9 -0.28 -16.12 -2.03
N SER A 10 -0.62 -14.91 -2.46
CA SER A 10 0.34 -14.03 -3.13
C SER A 10 -0.07 -12.56 -2.97
N ALA A 11 0.92 -11.68 -3.02
CA ALA A 11 0.67 -10.24 -2.89
C ALA A 11 0.52 -9.59 -4.26
N PRO A 12 0.00 -8.35 -4.27
CA PRO A 12 -0.21 -7.58 -5.49
C PRO A 12 1.10 -7.15 -6.14
N LYS A 13 1.03 -6.74 -7.40
CA LYS A 13 2.20 -6.29 -8.13
C LYS A 13 2.02 -4.87 -8.66
N ASP A 14 3.00 -4.39 -9.41
CA ASP A 14 2.93 -3.05 -9.97
C ASP A 14 2.83 -1.99 -8.87
N LEU A 15 3.38 -2.31 -7.71
CA LEU A 15 3.35 -1.39 -6.57
C LEU A 15 4.28 -0.20 -6.80
N THR A 16 3.71 0.92 -7.21
CA THR A 16 4.50 2.13 -7.47
C THR A 16 3.93 3.31 -6.69
N VAL A 17 4.83 4.08 -6.08
CA VAL A 17 4.42 5.25 -5.31
C VAL A 17 4.99 6.54 -5.92
N ILE A 18 4.11 7.50 -6.16
CA ILE A 18 4.53 8.77 -6.74
C ILE A 18 3.90 9.95 -5.98
N THR A 19 4.66 11.03 -5.85
CA THR A 19 4.18 12.22 -5.15
C THR A 19 3.23 13.02 -6.03
N ARG A 20 2.08 13.39 -5.48
CA ARG A 20 1.09 14.17 -6.21
C ARG A 20 1.73 15.40 -6.84
N GLU A 21 1.20 15.82 -7.98
CA GLU A 21 1.72 16.98 -8.69
C GLU A 21 1.24 18.28 -8.02
N GLY A 22 0.18 18.16 -7.22
CA GLY A 22 -0.35 19.32 -6.54
C GLY A 22 -0.28 19.20 -5.03
N LYS A 23 0.18 18.05 -4.56
CA LYS A 23 0.30 17.80 -3.12
C LYS A 23 1.57 17.02 -2.81
N PRO A 24 2.56 17.70 -2.22
CA PRO A 24 3.83 17.08 -1.84
C PRO A 24 3.69 16.09 -0.69
N ARG A 25 2.74 16.37 0.21
CA ARG A 25 2.51 15.50 1.35
C ARG A 25 1.59 14.34 0.98
N ALA A 26 1.28 14.23 -0.31
CA ALA A 26 0.42 13.16 -0.80
C ALA A 26 1.18 12.23 -1.74
N VAL A 27 0.65 11.02 -1.91
CA VAL A 27 1.28 10.04 -2.79
C VAL A 27 0.26 9.06 -3.34
N ILE A 28 0.34 8.78 -4.64
CA ILE A 28 -0.58 7.86 -5.29
C ILE A 28 0.03 6.46 -5.39
N VAL A 29 -0.37 5.59 -4.46
CA VAL A 29 0.13 4.21 -4.44
C VAL A 29 -0.72 3.31 -5.33
N SER A 30 -0.14 2.90 -6.45
CA SER A 30 -0.85 2.03 -7.39
C SER A 30 -0.39 0.58 -7.25
N TRP A 31 -1.09 -0.32 -7.93
CA TRP A 31 -0.76 -1.75 -7.87
C TRP A 31 -1.63 -2.54 -8.82
N GLN A 32 -1.46 -3.86 -8.81
CA GLN A 32 -2.24 -4.74 -9.67
C GLN A 32 -2.69 -5.99 -8.92
N PRO A 33 -3.71 -6.68 -9.46
CA PRO A 33 -4.25 -7.89 -8.85
C PRO A 33 -3.28 -9.07 -8.94
N PRO A 34 -3.15 -9.81 -7.83
CA PRO A 34 -2.26 -10.98 -7.75
C PRO A 34 -2.76 -12.14 -8.60
N LEU A 35 -1.82 -12.93 -9.12
CA LEU A 35 -2.16 -14.08 -9.95
C LEU A 35 -2.75 -15.21 -9.10
N GLU A 36 -2.25 -15.33 -7.87
CA GLU A 36 -2.73 -16.37 -6.96
C GLU A 36 -3.83 -15.83 -6.07
N ALA A 37 -4.76 -15.08 -6.66
CA ALA A 37 -5.88 -14.52 -5.91
C ALA A 37 -6.82 -15.61 -5.41
N ASN A 38 -6.65 -16.82 -5.94
CA ASN A 38 -7.49 -17.95 -5.56
C ASN A 38 -8.96 -17.55 -5.50
N GLY A 39 -9.38 -16.71 -6.45
CA GLY A 39 -10.76 -16.26 -6.49
C GLY A 39 -10.90 -14.86 -7.06
N LYS A 40 -11.50 -13.97 -6.27
CA LYS A 40 -11.69 -12.58 -6.70
C LYS A 40 -11.49 -11.62 -5.53
N ILE A 41 -10.51 -10.73 -5.66
CA ILE A 41 -10.22 -9.76 -4.63
C ILE A 41 -11.41 -8.85 -4.38
N THR A 42 -11.82 -8.74 -3.12
CA THR A 42 -12.95 -7.88 -2.76
C THR A 42 -12.51 -6.76 -1.83
N ALA A 43 -11.24 -6.76 -1.46
CA ALA A 43 -10.70 -5.74 -0.58
C ALA A 43 -9.17 -5.70 -0.65
N TYR A 44 -8.61 -4.51 -0.67
CA TYR A 44 -7.17 -4.34 -0.74
C TYR A 44 -6.65 -3.55 0.45
N ILE A 45 -5.86 -4.22 1.30
CA ILE A 45 -5.30 -3.59 2.48
C ILE A 45 -3.87 -3.14 2.24
N LEU A 46 -3.61 -1.85 2.48
CA LEU A 46 -2.28 -1.29 2.29
C LEU A 46 -1.61 -1.01 3.63
N PHE A 47 -0.28 -1.07 3.64
CA PHE A 47 0.48 -0.81 4.87
C PHE A 47 1.69 0.07 4.57
N TYR A 48 1.81 1.18 5.31
CA TYR A 48 2.93 2.10 5.13
C TYR A 48 3.46 2.58 6.47
N THR A 49 4.76 2.79 6.55
CA THR A 49 5.39 3.26 7.78
C THR A 49 6.80 3.77 7.51
N LEU A 50 7.33 4.55 8.44
CA LEU A 50 8.68 5.11 8.31
C LEU A 50 9.70 4.23 9.02
N ASP A 51 9.23 3.42 9.96
CA ASP A 51 10.11 2.53 10.71
C ASP A 51 9.73 1.07 10.48
N LYS A 52 10.66 0.30 9.93
CA LYS A 52 10.43 -1.12 9.66
C LYS A 52 10.72 -1.96 10.90
N ASN A 53 11.57 -1.44 11.78
CA ASN A 53 11.93 -2.15 13.00
C ASN A 53 10.70 -2.72 13.68
N ILE A 54 9.54 -2.11 13.42
CA ILE A 54 8.28 -2.57 14.00
C ILE A 54 7.61 -3.61 13.12
N PRO A 55 6.77 -4.45 13.74
CA PRO A 55 6.04 -5.51 13.04
C PRO A 55 4.96 -4.96 12.11
N ILE A 56 4.87 -5.54 10.91
CA ILE A 56 3.87 -5.10 9.94
C ILE A 56 2.56 -4.72 10.63
N ASP A 57 2.30 -5.34 11.77
CA ASP A 57 1.08 -5.07 12.53
C ASP A 57 1.09 -3.65 13.09
N ASP A 58 2.22 -3.27 13.69
CA ASP A 58 2.35 -1.93 14.26
C ASP A 58 2.24 -0.86 13.18
N TRP A 59 2.53 -1.23 11.95
CA TRP A 59 2.46 -0.30 10.83
C TRP A 59 1.06 0.29 10.71
N ILE A 60 0.86 1.11 9.68
CA ILE A 60 -0.43 1.75 9.46
C ILE A 60 -1.21 1.05 8.35
N MET A 61 -2.16 0.21 8.75
CA MET A 61 -2.99 -0.52 7.79
C MET A 61 -4.11 0.36 7.25
N GLU A 62 -4.47 0.15 5.98
CA GLU A 62 -5.53 0.92 5.35
C GLU A 62 -6.36 0.04 4.42
N THR A 63 -7.67 0.14 4.53
CA THR A 63 -8.59 -0.64 3.70
C THR A 63 -8.89 0.09 2.40
N ILE A 64 -8.97 -0.68 1.31
CA ILE A 64 -9.27 -0.12 0.00
C ILE A 64 -10.27 -0.97 -0.75
N SER A 65 -11.12 -0.31 -1.53
CA SER A 65 -12.15 -1.00 -2.30
C SER A 65 -11.51 -1.98 -3.29
N GLY A 66 -12.04 -3.21 -3.32
CA GLY A 66 -11.51 -4.21 -4.23
C GLY A 66 -11.56 -3.78 -5.68
N ASP A 67 -12.45 -2.83 -5.98
CA ASP A 67 -12.60 -2.33 -7.34
C ASP A 67 -11.40 -1.45 -7.72
N ARG A 68 -10.92 -0.66 -6.77
CA ARG A 68 -9.79 0.22 -7.01
C ARG A 68 -8.47 -0.52 -6.80
N LEU A 69 -7.44 -0.09 -7.53
CA LEU A 69 -6.12 -0.71 -7.43
C LEU A 69 -5.07 0.30 -7.01
N THR A 70 -5.53 1.41 -6.43
CA THR A 70 -4.63 2.46 -5.99
C THR A 70 -5.11 3.07 -4.67
N HIS A 71 -4.20 3.77 -3.98
CA HIS A 71 -4.54 4.40 -2.71
C HIS A 71 -3.78 5.71 -2.55
N GLN A 72 -4.52 6.77 -2.23
CA GLN A 72 -3.92 8.09 -2.05
C GLN A 72 -3.78 8.42 -0.57
N ILE A 73 -2.55 8.70 -0.14
CA ILE A 73 -2.29 9.03 1.26
C ILE A 73 -2.05 10.53 1.43
N MET A 74 -2.40 11.05 2.60
CA MET A 74 -2.22 12.46 2.90
C MET A 74 -1.60 12.66 4.28
N ASP A 75 -0.95 13.80 4.47
CA ASP A 75 -0.30 14.11 5.74
C ASP A 75 0.89 13.19 5.99
N LEU A 76 1.77 13.09 5.01
CA LEU A 76 2.95 12.24 5.12
C LEU A 76 4.20 13.08 5.40
N ASN A 77 5.01 12.62 6.34
CA ASN A 77 6.24 13.33 6.69
C ASN A 77 7.00 13.75 5.44
N LEU A 78 7.73 14.86 5.56
CA LEU A 78 8.51 15.37 4.44
C LEU A 78 9.98 14.96 4.56
N ASP A 79 10.63 14.79 3.42
CA ASP A 79 12.03 14.39 3.39
C ASP A 79 12.28 13.22 4.35
N THR A 80 11.35 12.28 4.37
CA THR A 80 11.48 11.12 5.24
C THR A 80 11.15 9.83 4.49
N MET A 81 12.03 8.84 4.60
CA MET A 81 11.84 7.56 3.94
C MET A 81 10.57 6.87 4.43
N TYR A 82 9.78 6.34 3.50
CA TYR A 82 8.54 5.66 3.84
C TYR A 82 8.43 4.33 3.08
N TYR A 83 8.17 3.27 3.83
CA TYR A 83 8.03 1.93 3.24
C TYR A 83 6.59 1.67 2.83
N PHE A 84 6.42 0.96 1.72
CA PHE A 84 5.09 0.63 1.21
C PHE A 84 4.89 -0.88 1.14
N ARG A 85 3.75 -1.35 1.64
CA ARG A 85 3.44 -2.77 1.63
C ARG A 85 1.94 -3.00 1.54
N ILE A 86 1.49 -3.47 0.38
CA ILE A 86 0.07 -3.73 0.16
C ILE A 86 -0.17 -5.21 -0.13
N GLN A 87 -1.40 -5.66 0.15
CA GLN A 87 -1.76 -7.06 -0.08
C GLN A 87 -3.14 -7.16 -0.72
N ALA A 88 -3.63 -8.39 -0.88
CA ALA A 88 -4.94 -8.62 -1.47
C ALA A 88 -5.78 -9.54 -0.60
N ARG A 89 -7.07 -9.22 -0.47
CA ARG A 89 -7.97 -10.02 0.34
C ARG A 89 -9.28 -10.29 -0.41
N ASN A 90 -9.75 -11.53 -0.35
CA ASN A 90 -10.98 -11.91 -1.02
C ASN A 90 -12.03 -12.39 -0.02
N SER A 91 -13.26 -12.56 -0.48
CA SER A 91 -14.35 -13.02 0.37
C SER A 91 -13.89 -14.15 1.29
N LYS A 92 -12.92 -14.94 0.81
CA LYS A 92 -12.40 -16.06 1.57
C LYS A 92 -11.52 -15.57 2.71
N GLY A 93 -10.40 -14.94 2.37
CA GLY A 93 -9.48 -14.43 3.38
C GLY A 93 -8.49 -13.44 2.81
N VAL A 94 -7.37 -13.27 3.51
CA VAL A 94 -6.33 -12.36 3.07
C VAL A 94 -4.97 -13.05 3.00
N GLY A 95 -4.18 -12.71 1.97
CA GLY A 95 -2.87 -13.32 1.82
C GLY A 95 -1.76 -12.43 2.35
N PRO A 96 -0.51 -12.76 1.97
CA PRO A 96 0.67 -12.00 2.40
C PRO A 96 0.73 -10.62 1.76
N LEU A 97 1.85 -9.93 1.96
CA LEU A 97 2.04 -8.60 1.40
C LEU A 97 3.22 -8.57 0.43
N SER A 98 3.45 -7.43 -0.19
CA SER A 98 4.54 -7.28 -1.14
C SER A 98 5.79 -6.71 -0.46
N ASP A 99 6.91 -6.70 -1.17
CA ASP A 99 8.15 -6.19 -0.64
C ASP A 99 8.06 -4.70 -0.35
N PRO A 100 8.76 -4.24 0.69
CA PRO A 100 8.77 -2.83 1.08
C PRO A 100 9.51 -1.95 0.09
N ILE A 101 8.79 -0.97 -0.46
CA ILE A 101 9.37 -0.06 -1.44
C ILE A 101 9.93 1.19 -0.76
N LEU A 102 11.09 1.63 -1.21
CA LEU A 102 11.74 2.81 -0.65
C LEU A 102 11.46 4.05 -1.49
N PHE A 103 10.65 4.95 -0.96
CA PHE A 103 10.30 6.18 -1.66
C PHE A 103 10.33 7.38 -0.72
N ARG A 104 11.24 8.31 -0.99
CA ARG A 104 11.38 9.51 -0.17
C ARG A 104 10.40 10.60 -0.62
N THR A 105 9.63 11.11 0.32
CA THR A 105 8.64 12.14 0.03
C THR A 105 9.33 13.42 -0.46
N LEU A 106 8.55 14.33 -1.01
CA LEU A 106 9.07 15.59 -1.52
C LEU A 106 9.62 16.45 -0.37
N LYS A 107 10.27 17.55 -0.73
CA LYS A 107 10.84 18.46 0.26
C LYS A 107 10.46 19.90 -0.04
N VAL A 108 9.52 20.45 0.72
CA VAL A 108 9.07 21.81 0.53
C VAL A 108 10.06 22.81 1.14
N SER A 109 11.33 22.64 0.81
CA SER A 109 12.39 23.51 1.32
C SER A 109 12.20 24.93 0.82
N GLY A 110 11.81 25.07 -0.45
CA GLY A 110 11.60 26.38 -1.04
C GLY A 110 10.87 26.31 -2.37
N PRO A 111 10.06 27.33 -2.64
CA PRO A 111 9.28 27.41 -3.89
C PRO A 111 10.17 27.67 -5.11
N SER A 112 9.87 26.99 -6.21
CA SER A 112 10.64 27.15 -7.44
C SER A 112 9.74 27.51 -8.61
N SER A 113 10.35 27.92 -9.72
CA SER A 113 9.59 28.29 -10.92
C SER A 113 10.53 28.49 -12.10
N GLY A 114 9.96 28.45 -13.30
CA GLY A 114 10.75 28.63 -14.51
C GLY A 114 12.11 27.98 -14.40
N GLY A 1 -7.36 -33.78 5.74
CA GLY A 1 -8.68 -33.33 5.38
C GLY A 1 -9.01 -31.96 5.93
N SER A 2 -9.28 -31.02 5.04
CA SER A 2 -9.61 -29.66 5.45
C SER A 2 -10.36 -28.92 4.33
N SER A 3 -11.32 -28.09 4.73
CA SER A 3 -12.12 -27.33 3.78
C SER A 3 -12.63 -26.04 4.40
N GLY A 4 -12.08 -24.91 3.94
CA GLY A 4 -12.49 -23.63 4.46
C GLY A 4 -11.85 -22.47 3.72
N SER A 5 -11.70 -21.34 4.42
CA SER A 5 -11.09 -20.15 3.82
C SER A 5 -9.79 -20.51 3.12
N SER A 6 -9.56 -19.91 1.95
CA SER A 6 -8.34 -20.16 1.19
C SER A 6 -7.51 -18.90 1.07
N GLY A 7 -8.16 -17.78 0.77
CA GLY A 7 -7.45 -16.52 0.62
C GLY A 7 -6.37 -16.57 -0.42
N PRO A 8 -5.91 -15.38 -0.87
CA PRO A 8 -4.85 -15.27 -1.88
C PRO A 8 -3.49 -15.73 -1.36
N THR A 9 -2.79 -16.52 -2.17
CA THR A 9 -1.48 -17.02 -1.79
C THR A 9 -0.36 -16.20 -2.44
N SER A 10 -0.72 -15.03 -2.94
CA SER A 10 0.25 -14.16 -3.60
C SER A 10 -0.13 -12.69 -3.39
N ALA A 11 0.88 -11.85 -3.18
CA ALA A 11 0.65 -10.42 -2.97
C ALA A 11 0.51 -9.69 -4.31
N PRO A 12 0.09 -8.43 -4.24
CA PRO A 12 -0.11 -7.59 -5.43
C PRO A 12 1.22 -7.22 -6.10
N LYS A 13 1.13 -6.69 -7.31
CA LYS A 13 2.33 -6.28 -8.05
C LYS A 13 2.17 -4.87 -8.60
N ASP A 14 3.15 -4.43 -9.38
CA ASP A 14 3.13 -3.09 -9.96
C ASP A 14 2.93 -2.03 -8.88
N LEU A 15 3.46 -2.30 -7.70
CA LEU A 15 3.33 -1.37 -6.58
C LEU A 15 4.25 -0.16 -6.78
N THR A 16 3.67 0.95 -7.22
CA THR A 16 4.44 2.17 -7.44
C THR A 16 3.88 3.32 -6.62
N VAL A 17 4.78 4.09 -6.00
CA VAL A 17 4.38 5.22 -5.18
C VAL A 17 4.92 6.53 -5.75
N ILE A 18 4.03 7.46 -6.05
CA ILE A 18 4.42 8.75 -6.60
C ILE A 18 3.91 9.90 -5.74
N THR A 19 4.53 11.06 -5.86
CA THR A 19 4.14 12.23 -5.09
C THR A 19 3.21 13.14 -5.91
N ARG A 20 1.98 13.26 -5.45
CA ARG A 20 0.99 14.09 -6.15
C ARG A 20 1.66 15.32 -6.76
N GLU A 21 1.48 15.48 -8.07
CA GLU A 21 2.06 16.61 -8.78
C GLU A 21 1.51 17.93 -8.27
N GLY A 22 0.51 17.84 -7.40
CA GLY A 22 -0.09 19.04 -6.83
C GLY A 22 0.05 19.11 -5.32
N LYS A 23 0.49 18.01 -4.72
CA LYS A 23 0.67 17.95 -3.28
C LYS A 23 1.84 17.04 -2.91
N PRO A 24 2.84 17.62 -2.23
CA PRO A 24 4.03 16.89 -1.80
C PRO A 24 3.73 15.87 -0.71
N ARG A 25 2.86 16.26 0.23
CA ARG A 25 2.49 15.37 1.33
C ARG A 25 1.51 14.29 0.85
N ALA A 26 1.09 14.40 -0.39
CA ALA A 26 0.15 13.44 -0.97
C ALA A 26 0.85 12.55 -2.00
N VAL A 27 0.51 11.27 -2.01
CA VAL A 27 1.10 10.32 -2.95
C VAL A 27 0.05 9.36 -3.49
N ILE A 28 0.29 8.85 -4.69
CA ILE A 28 -0.64 7.93 -5.33
C ILE A 28 -0.03 6.54 -5.45
N VAL A 29 -0.36 5.66 -4.49
CA VAL A 29 0.15 4.30 -4.49
C VAL A 29 -0.68 3.40 -5.39
N SER A 30 -0.10 3.02 -6.53
CA SER A 30 -0.78 2.16 -7.48
C SER A 30 -0.33 0.71 -7.34
N TRP A 31 -1.05 -0.20 -7.99
CA TRP A 31 -0.71 -1.62 -7.94
C TRP A 31 -1.59 -2.42 -8.89
N GLN A 32 -1.32 -3.72 -8.98
CA GLN A 32 -2.08 -4.60 -9.87
C GLN A 32 -2.57 -5.83 -9.11
N PRO A 33 -3.64 -6.45 -9.64
CA PRO A 33 -4.23 -7.65 -9.04
C PRO A 33 -3.33 -8.87 -9.16
N PRO A 34 -3.22 -9.64 -8.06
CA PRO A 34 -2.39 -10.85 -8.03
C PRO A 34 -2.96 -11.97 -8.88
N LEU A 35 -2.08 -12.81 -9.41
CA LEU A 35 -2.49 -13.93 -10.25
C LEU A 35 -3.14 -15.03 -9.42
N GLU A 36 -2.56 -15.30 -8.25
CA GLU A 36 -3.08 -16.33 -7.36
C GLU A 36 -4.07 -15.73 -6.37
N ALA A 37 -4.91 -14.83 -6.85
CA ALA A 37 -5.91 -14.18 -6.01
C ALA A 37 -6.91 -15.19 -5.46
N ASN A 38 -6.94 -16.38 -6.08
CA ASN A 38 -7.84 -17.44 -5.66
C ASN A 38 -9.23 -16.87 -5.36
N GLY A 39 -9.74 -16.04 -6.25
CA GLY A 39 -11.05 -15.45 -6.06
C GLY A 39 -11.03 -13.95 -6.17
N LYS A 40 -11.79 -13.41 -7.12
CA LYS A 40 -11.85 -11.97 -7.33
C LYS A 40 -11.76 -11.22 -6.01
N ILE A 41 -10.69 -10.45 -5.83
CA ILE A 41 -10.49 -9.68 -4.61
C ILE A 41 -11.73 -8.88 -4.25
N THR A 42 -11.93 -8.67 -2.96
CA THR A 42 -13.09 -7.92 -2.48
C THR A 42 -12.66 -6.72 -1.64
N ALA A 43 -11.39 -6.71 -1.23
CA ALA A 43 -10.85 -5.63 -0.43
C ALA A 43 -9.32 -5.63 -0.46
N TYR A 44 -8.73 -4.46 -0.68
CA TYR A 44 -7.28 -4.33 -0.72
C TYR A 44 -6.77 -3.54 0.47
N ILE A 45 -5.95 -4.19 1.30
CA ILE A 45 -5.39 -3.54 2.47
C ILE A 45 -3.94 -3.13 2.23
N LEU A 46 -3.66 -1.84 2.43
CA LEU A 46 -2.31 -1.31 2.24
C LEU A 46 -1.65 -1.02 3.58
N PHE A 47 -0.32 -1.14 3.61
CA PHE A 47 0.44 -0.87 4.83
C PHE A 47 1.66 -0.02 4.54
N TYR A 48 1.75 1.12 5.22
CA TYR A 48 2.87 2.04 5.02
C TYR A 48 3.40 2.54 6.35
N THR A 49 4.71 2.79 6.42
CA THR A 49 5.34 3.27 7.64
C THR A 49 6.77 3.72 7.38
N LEU A 50 7.25 4.67 8.18
CA LEU A 50 8.60 5.19 8.03
C LEU A 50 9.60 4.33 8.81
N ASP A 51 9.08 3.43 9.64
CA ASP A 51 9.92 2.55 10.44
C ASP A 51 9.54 1.09 10.23
N LYS A 52 10.48 0.30 9.74
CA LYS A 52 10.24 -1.12 9.49
C LYS A 52 10.51 -1.94 10.75
N ASN A 53 11.41 -1.45 11.59
CA ASN A 53 11.76 -2.14 12.82
C ASN A 53 10.51 -2.68 13.52
N ILE A 54 9.38 -2.03 13.26
CA ILE A 54 8.12 -2.44 13.86
C ILE A 54 7.44 -3.53 13.04
N PRO A 55 6.59 -4.33 13.69
CA PRO A 55 5.85 -5.42 13.03
C PRO A 55 4.79 -4.91 12.07
N ILE A 56 4.70 -5.55 10.90
CA ILE A 56 3.72 -5.15 9.89
C ILE A 56 2.39 -4.77 10.53
N ASP A 57 2.14 -5.31 11.72
CA ASP A 57 0.90 -5.02 12.44
C ASP A 57 0.89 -3.58 12.93
N ASP A 58 2.00 -3.14 13.51
CA ASP A 58 2.12 -1.79 14.03
C ASP A 58 2.03 -0.77 12.90
N TRP A 59 2.36 -1.20 11.69
CA TRP A 59 2.31 -0.32 10.52
C TRP A 59 0.92 0.27 10.35
N ILE A 60 0.81 1.27 9.48
CA ILE A 60 -0.46 1.92 9.22
C ILE A 60 -1.25 1.19 8.13
N MET A 61 -2.23 0.40 8.56
CA MET A 61 -3.06 -0.36 7.63
C MET A 61 -4.16 0.52 7.04
N GLU A 62 -4.49 0.29 5.77
CA GLU A 62 -5.52 1.06 5.10
C GLU A 62 -6.40 0.16 4.24
N THR A 63 -7.71 0.21 4.49
CA THR A 63 -8.66 -0.60 3.74
C THR A 63 -9.04 0.07 2.42
N ILE A 64 -8.87 -0.67 1.33
CA ILE A 64 -9.19 -0.14 0.00
C ILE A 64 -10.25 -1.01 -0.68
N SER A 65 -11.02 -0.39 -1.58
CA SER A 65 -12.08 -1.10 -2.29
C SER A 65 -11.55 -2.38 -2.90
N GLY A 66 -12.45 -3.19 -3.45
CA GLY A 66 -12.05 -4.45 -4.05
C GLY A 66 -11.85 -4.34 -5.55
N ASP A 67 -12.17 -3.16 -6.10
CA ASP A 67 -12.01 -2.94 -7.53
C ASP A 67 -10.87 -1.98 -7.80
N ARG A 68 -10.74 -0.96 -6.96
CA ARG A 68 -9.67 0.04 -7.11
C ARG A 68 -8.30 -0.60 -6.91
N LEU A 69 -7.31 -0.10 -7.65
CA LEU A 69 -5.95 -0.62 -7.56
C LEU A 69 -4.98 0.48 -7.16
N THR A 70 -5.50 1.53 -6.52
CA THR A 70 -4.68 2.64 -6.08
C THR A 70 -5.12 3.16 -4.72
N HIS A 71 -4.23 3.87 -4.04
CA HIS A 71 -4.54 4.42 -2.73
C HIS A 71 -3.80 5.74 -2.50
N GLN A 72 -4.55 6.77 -2.16
CA GLN A 72 -3.96 8.09 -1.91
C GLN A 72 -3.78 8.35 -0.42
N ILE A 73 -2.58 8.77 -0.04
CA ILE A 73 -2.28 9.06 1.36
C ILE A 73 -2.02 10.54 1.58
N MET A 74 -2.49 11.05 2.71
CA MET A 74 -2.30 12.46 3.05
C MET A 74 -1.64 12.61 4.42
N ASP A 75 -1.06 13.78 4.66
CA ASP A 75 -0.40 14.06 5.93
C ASP A 75 0.80 13.14 6.13
N LEU A 76 1.69 13.12 5.14
CA LEU A 76 2.88 12.29 5.20
C LEU A 76 4.14 13.13 5.47
N ASN A 77 5.09 12.56 6.18
CA ASN A 77 6.34 13.26 6.49
C ASN A 77 7.14 13.53 5.22
N LEU A 78 7.94 14.59 5.26
CA LEU A 78 8.76 14.96 4.11
C LEU A 78 10.23 14.63 4.37
N ASP A 79 11.03 14.64 3.30
CA ASP A 79 12.45 14.35 3.41
C ASP A 79 12.67 13.10 4.27
N THR A 80 11.71 12.19 4.25
CA THR A 80 11.81 10.96 5.03
C THR A 80 11.46 9.74 4.17
N MET A 81 12.03 8.60 4.53
CA MET A 81 11.79 7.36 3.80
C MET A 81 10.54 6.65 4.34
N TYR A 82 9.68 6.22 3.42
CA TYR A 82 8.45 5.53 3.80
C TYR A 82 8.33 4.19 3.06
N TYR A 83 8.18 3.11 3.83
CA TYR A 83 8.06 1.78 3.25
C TYR A 83 6.61 1.47 2.93
N PHE A 84 6.38 0.89 1.75
CA PHE A 84 5.03 0.54 1.30
C PHE A 84 4.87 -0.98 1.26
N ARG A 85 3.72 -1.45 1.72
CA ARG A 85 3.42 -2.88 1.74
C ARG A 85 1.92 -3.13 1.65
N ILE A 86 1.46 -3.56 0.48
CA ILE A 86 0.05 -3.84 0.27
C ILE A 86 -0.19 -5.33 0.05
N GLN A 87 -1.45 -5.75 0.21
CA GLN A 87 -1.81 -7.15 0.02
C GLN A 87 -3.20 -7.27 -0.59
N ALA A 88 -3.62 -8.51 -0.84
CA ALA A 88 -4.93 -8.77 -1.42
C ALA A 88 -5.80 -9.60 -0.47
N ARG A 89 -7.08 -9.21 -0.36
CA ARG A 89 -8.01 -9.92 0.51
C ARG A 89 -9.29 -10.26 -0.24
N ASN A 90 -9.65 -11.55 -0.22
CA ASN A 90 -10.86 -12.01 -0.90
C ASN A 90 -11.91 -12.45 0.11
N SER A 91 -13.12 -12.70 -0.37
CA SER A 91 -14.22 -13.13 0.49
C SER A 91 -13.72 -14.08 1.57
N LYS A 92 -12.71 -14.88 1.22
CA LYS A 92 -12.14 -15.84 2.17
C LYS A 92 -11.30 -15.12 3.22
N GLY A 93 -10.16 -14.59 2.80
CA GLY A 93 -9.28 -13.89 3.73
C GLY A 93 -8.23 -13.06 3.01
N VAL A 94 -7.11 -12.81 3.69
CA VAL A 94 -6.02 -12.04 3.11
C VAL A 94 -4.73 -12.85 3.04
N GLY A 95 -3.92 -12.57 2.03
CA GLY A 95 -2.67 -13.29 1.86
C GLY A 95 -1.47 -12.48 2.31
N PRO A 96 -0.29 -12.82 1.79
CA PRO A 96 0.96 -12.13 2.13
C PRO A 96 1.00 -10.71 1.57
N LEU A 97 2.07 -9.98 1.91
CA LEU A 97 2.24 -8.62 1.43
C LEU A 97 3.44 -8.51 0.50
N SER A 98 3.51 -7.41 -0.24
CA SER A 98 4.61 -7.17 -1.18
C SER A 98 5.83 -6.64 -0.45
N ASP A 99 6.96 -6.57 -1.15
CA ASP A 99 8.20 -6.07 -0.57
C ASP A 99 8.09 -4.59 -0.26
N PRO A 100 8.77 -4.17 0.82
CA PRO A 100 8.78 -2.77 1.26
C PRO A 100 9.53 -1.86 0.30
N ILE A 101 8.79 -1.05 -0.45
CA ILE A 101 9.38 -0.12 -1.40
C ILE A 101 9.90 1.14 -0.71
N LEU A 102 11.11 1.54 -1.06
CA LEU A 102 11.72 2.74 -0.47
C LEU A 102 11.44 3.96 -1.33
N PHE A 103 10.46 4.76 -0.91
CA PHE A 103 10.10 5.97 -1.63
C PHE A 103 10.25 7.20 -0.75
N ARG A 104 11.23 8.04 -1.06
CA ARG A 104 11.47 9.25 -0.29
C ARG A 104 10.51 10.35 -0.68
N THR A 105 9.74 10.84 0.29
CA THR A 105 8.78 11.90 0.03
C THR A 105 9.46 13.18 -0.42
N LEU A 106 8.68 14.12 -0.95
CA LEU A 106 9.23 15.39 -1.41
C LEU A 106 9.73 16.23 -0.24
N LYS A 107 10.49 17.28 -0.56
CA LYS A 107 11.04 18.16 0.46
C LYS A 107 10.75 19.62 0.12
N VAL A 108 9.72 20.17 0.75
CA VAL A 108 9.34 21.56 0.52
C VAL A 108 9.90 22.47 1.60
N SER A 109 10.30 21.88 2.72
CA SER A 109 10.86 22.64 3.83
C SER A 109 12.37 22.42 3.93
N GLY A 110 13.11 23.04 3.01
CA GLY A 110 14.55 22.91 3.00
C GLY A 110 15.25 24.19 2.59
N PRO A 111 16.58 24.13 2.45
CA PRO A 111 17.40 25.29 2.06
C PRO A 111 17.17 25.70 0.61
N SER A 112 16.88 26.97 0.40
CA SER A 112 16.64 27.49 -0.94
C SER A 112 15.85 26.48 -1.78
N SER A 113 14.82 25.89 -1.17
CA SER A 113 14.00 24.91 -1.86
C SER A 113 13.43 25.48 -3.16
N GLY A 114 13.49 24.68 -4.22
CA GLY A 114 12.98 25.13 -5.50
C GLY A 114 12.48 23.98 -6.36
N GLY A 1 -9.21 -30.88 9.38
CA GLY A 1 -10.18 -31.72 8.70
C GLY A 1 -10.66 -31.11 7.39
N SER A 2 -11.43 -30.03 7.49
CA SER A 2 -11.97 -29.37 6.31
C SER A 2 -11.41 -27.94 6.20
N SER A 3 -10.73 -27.67 5.09
CA SER A 3 -10.15 -26.35 4.86
C SER A 3 -11.07 -25.49 4.01
N GLY A 4 -11.97 -24.77 4.66
CA GLY A 4 -12.90 -23.92 3.94
C GLY A 4 -12.20 -22.79 3.21
N SER A 5 -12.09 -21.65 3.87
CA SER A 5 -11.44 -20.48 3.28
C SER A 5 -10.01 -20.81 2.84
N SER A 6 -9.56 -20.14 1.79
CA SER A 6 -8.21 -20.36 1.27
C SER A 6 -7.45 -19.05 1.14
N GLY A 7 -8.12 -18.02 0.61
CA GLY A 7 -7.49 -16.73 0.45
C GLY A 7 -6.42 -16.74 -0.62
N PRO A 8 -5.98 -15.54 -1.04
CA PRO A 8 -4.94 -15.39 -2.06
C PRO A 8 -3.57 -15.83 -1.57
N THR A 9 -2.86 -16.59 -2.40
CA THR A 9 -1.53 -17.08 -2.06
C THR A 9 -0.45 -16.25 -2.75
N SER A 10 -0.80 -15.04 -3.15
CA SER A 10 0.15 -14.15 -3.83
C SER A 10 -0.24 -12.70 -3.63
N ALA A 11 0.77 -11.85 -3.41
CA ALA A 11 0.54 -10.42 -3.20
C ALA A 11 0.40 -9.69 -4.53
N PRO A 12 -0.04 -8.43 -4.48
CA PRO A 12 -0.23 -7.59 -5.67
C PRO A 12 1.10 -7.19 -6.31
N LYS A 13 1.01 -6.67 -7.52
CA LYS A 13 2.21 -6.25 -8.25
C LYS A 13 2.06 -4.82 -8.77
N ASP A 14 3.04 -4.37 -9.54
CA ASP A 14 3.01 -3.03 -10.11
C ASP A 14 2.82 -1.98 -9.01
N LEU A 15 3.33 -2.28 -7.82
CA LEU A 15 3.22 -1.37 -6.69
C LEU A 15 4.16 -0.18 -6.85
N THR A 16 3.62 0.96 -7.23
CA THR A 16 4.41 2.17 -7.42
C THR A 16 3.86 3.32 -6.59
N VAL A 17 4.76 4.19 -6.12
CA VAL A 17 4.37 5.33 -5.32
C VAL A 17 4.94 6.63 -5.88
N ILE A 18 4.06 7.53 -6.29
CA ILE A 18 4.49 8.81 -6.85
C ILE A 18 3.89 9.98 -6.07
N THR A 19 4.68 11.05 -5.92
CA THR A 19 4.22 12.22 -5.20
C THR A 19 3.23 13.02 -6.02
N ARG A 20 2.02 13.19 -5.49
CA ARG A 20 0.97 13.95 -6.19
C ARG A 20 1.54 15.21 -6.81
N GLU A 21 1.06 15.55 -8.00
CA GLU A 21 1.53 16.74 -8.71
C GLU A 21 0.96 18.00 -8.06
N GLY A 22 -0.12 17.85 -7.31
CA GLY A 22 -0.74 18.98 -6.65
C GLY A 22 -0.55 18.95 -5.15
N LYS A 23 -0.04 17.83 -4.63
CA LYS A 23 0.19 17.67 -3.21
C LYS A 23 1.51 16.95 -2.95
N PRO A 24 2.46 17.67 -2.32
CA PRO A 24 3.77 17.11 -1.99
C PRO A 24 3.71 16.06 -0.90
N ARG A 25 2.81 16.26 0.05
CA ARG A 25 2.64 15.32 1.16
C ARG A 25 1.71 14.18 0.78
N ALA A 26 1.23 14.20 -0.46
CA ALA A 26 0.33 13.17 -0.96
C ALA A 26 1.02 12.29 -2.00
N VAL A 27 0.74 10.99 -1.94
CA VAL A 27 1.34 10.04 -2.88
C VAL A 27 0.31 9.05 -3.38
N ILE A 28 0.30 8.82 -4.68
CA ILE A 28 -0.64 7.88 -5.29
C ILE A 28 -0.05 6.49 -5.38
N VAL A 29 -0.37 5.65 -4.40
CA VAL A 29 0.13 4.28 -4.37
C VAL A 29 -0.73 3.36 -5.23
N SER A 30 -0.21 2.99 -6.39
CA SER A 30 -0.94 2.11 -7.30
C SER A 30 -0.46 0.66 -7.16
N TRP A 31 -1.15 -0.24 -7.83
CA TRP A 31 -0.81 -1.66 -7.78
C TRP A 31 -1.66 -2.47 -8.76
N GLN A 32 -1.49 -3.79 -8.74
CA GLN A 32 -2.24 -4.67 -9.63
C GLN A 32 -2.69 -5.93 -8.89
N PRO A 33 -3.70 -6.61 -9.45
CA PRO A 33 -4.24 -7.84 -8.86
C PRO A 33 -3.27 -9.01 -8.96
N PRO A 34 -3.16 -9.78 -7.86
CA PRO A 34 -2.27 -10.94 -7.79
C PRO A 34 -2.74 -12.09 -8.68
N LEU A 35 -1.80 -12.92 -9.10
CA LEU A 35 -2.11 -14.06 -9.95
C LEU A 35 -3.01 -15.05 -9.22
N GLU A 36 -2.53 -15.57 -8.09
CA GLU A 36 -3.29 -16.53 -7.31
C GLU A 36 -4.21 -15.82 -6.32
N ALA A 37 -5.20 -15.12 -6.84
CA ALA A 37 -6.15 -14.39 -6.01
C ALA A 37 -7.18 -15.33 -5.40
N ASN A 38 -7.15 -16.59 -5.83
CA ASN A 38 -8.09 -17.59 -5.32
C ASN A 38 -9.44 -16.97 -5.03
N GLY A 39 -9.89 -16.09 -5.92
CA GLY A 39 -11.18 -15.44 -5.73
C GLY A 39 -11.10 -13.94 -5.94
N LYS A 40 -11.81 -13.44 -6.95
CA LYS A 40 -11.82 -12.01 -7.26
C LYS A 40 -11.70 -11.19 -5.98
N ILE A 41 -10.56 -10.52 -5.82
CA ILE A 41 -10.33 -9.69 -4.64
C ILE A 41 -11.56 -8.85 -4.31
N THR A 42 -11.88 -8.76 -3.03
CA THR A 42 -13.03 -7.98 -2.58
C THR A 42 -12.59 -6.77 -1.78
N ALA A 43 -11.32 -6.75 -1.38
CA ALA A 43 -10.78 -5.65 -0.60
C ALA A 43 -9.25 -5.64 -0.65
N TYR A 44 -8.67 -4.45 -0.70
CA TYR A 44 -7.22 -4.30 -0.76
C TYR A 44 -6.71 -3.53 0.45
N ILE A 45 -5.88 -4.18 1.25
CA ILE A 45 -5.32 -3.56 2.44
C ILE A 45 -3.88 -3.14 2.21
N LEU A 46 -3.61 -1.84 2.35
CA LEU A 46 -2.26 -1.31 2.15
C LEU A 46 -1.64 -0.93 3.49
N PHE A 47 -0.32 -1.05 3.58
CA PHE A 47 0.41 -0.72 4.80
C PHE A 47 1.64 0.13 4.48
N TYR A 48 1.82 1.22 5.24
CA TYR A 48 2.94 2.11 5.04
C TYR A 48 3.46 2.63 6.37
N THR A 49 4.79 2.73 6.48
CA THR A 49 5.42 3.21 7.71
C THR A 49 6.83 3.70 7.43
N LEU A 50 7.28 4.65 8.25
CA LEU A 50 8.63 5.20 8.10
C LEU A 50 9.68 4.25 8.66
N ASP A 51 9.26 3.40 9.59
CA ASP A 51 10.17 2.43 10.19
C ASP A 51 9.64 1.01 10.01
N LYS A 52 10.55 0.10 9.66
CA LYS A 52 10.18 -1.30 9.45
C LYS A 52 10.45 -2.13 10.70
N ASN A 53 11.41 -1.69 11.50
CA ASN A 53 11.76 -2.38 12.73
C ASN A 53 10.52 -2.88 13.45
N ILE A 54 9.41 -2.17 13.27
CA ILE A 54 8.15 -2.54 13.91
C ILE A 54 7.42 -3.61 13.09
N PRO A 55 6.56 -4.38 13.77
CA PRO A 55 5.78 -5.44 13.13
C PRO A 55 4.71 -4.90 12.19
N ILE A 56 4.57 -5.53 11.03
CA ILE A 56 3.57 -5.11 10.05
C ILE A 56 2.29 -4.66 10.73
N ASP A 57 2.03 -5.19 11.92
CA ASP A 57 0.83 -4.84 12.67
C ASP A 57 0.88 -3.39 13.14
N ASP A 58 2.01 -3.02 13.74
CA ASP A 58 2.18 -1.65 14.24
C ASP A 58 2.09 -0.64 13.10
N TRP A 59 2.35 -1.11 11.89
CA TRP A 59 2.29 -0.24 10.71
C TRP A 59 0.90 0.38 10.56
N ILE A 60 0.76 1.25 9.56
CA ILE A 60 -0.52 1.91 9.31
C ILE A 60 -1.30 1.20 8.21
N MET A 61 -2.27 0.37 8.60
CA MET A 61 -3.08 -0.35 7.64
C MET A 61 -4.19 0.53 7.08
N GLU A 62 -4.49 0.34 5.80
CA GLU A 62 -5.53 1.13 5.14
C GLU A 62 -6.40 0.25 4.24
N THR A 63 -7.70 0.26 4.48
CA THR A 63 -8.63 -0.54 3.69
C THR A 63 -8.96 0.15 2.37
N ILE A 64 -8.95 -0.61 1.28
CA ILE A 64 -9.26 -0.08 -0.04
C ILE A 64 -10.28 -0.93 -0.76
N SER A 65 -11.17 -0.29 -1.50
CA SER A 65 -12.22 -1.00 -2.24
C SER A 65 -11.60 -1.96 -3.26
N GLY A 66 -12.11 -3.19 -3.29
CA GLY A 66 -11.60 -4.18 -4.22
C GLY A 66 -11.73 -3.74 -5.66
N ASP A 67 -12.55 -2.73 -5.90
CA ASP A 67 -12.76 -2.22 -7.25
C ASP A 67 -11.59 -1.34 -7.70
N ARG A 68 -11.00 -0.63 -6.74
CA ARG A 68 -9.87 0.24 -7.04
C ARG A 68 -8.55 -0.49 -6.86
N LEU A 69 -7.53 -0.04 -7.57
CA LEU A 69 -6.21 -0.65 -7.50
C LEU A 69 -5.16 0.36 -7.07
N THR A 70 -5.62 1.51 -6.57
CA THR A 70 -4.71 2.57 -6.12
C THR A 70 -5.16 3.13 -4.78
N HIS A 71 -4.24 3.81 -4.09
CA HIS A 71 -4.53 4.41 -2.80
C HIS A 71 -3.76 5.70 -2.61
N GLN A 72 -4.47 6.76 -2.23
CA GLN A 72 -3.84 8.06 -2.01
C GLN A 72 -3.70 8.35 -0.52
N ILE A 73 -2.46 8.55 -0.08
CA ILE A 73 -2.19 8.84 1.32
C ILE A 73 -1.92 10.33 1.54
N MET A 74 -2.42 10.86 2.63
CA MET A 74 -2.24 12.27 2.96
C MET A 74 -1.58 12.44 4.32
N ASP A 75 -1.19 13.66 4.64
CA ASP A 75 -0.55 13.95 5.92
C ASP A 75 0.72 13.10 6.09
N LEU A 76 1.62 13.19 5.12
CA LEU A 76 2.87 12.42 5.17
C LEU A 76 4.04 13.34 5.50
N ASN A 77 5.04 12.77 6.18
CA ASN A 77 6.23 13.53 6.57
C ASN A 77 7.00 13.99 5.33
N LEU A 78 7.84 15.00 5.52
CA LEU A 78 8.65 15.53 4.44
C LEU A 78 10.08 15.03 4.51
N ASP A 79 10.66 14.72 3.34
CA ASP A 79 12.03 14.23 3.27
C ASP A 79 12.25 13.10 4.28
N THR A 80 11.36 12.12 4.26
CA THR A 80 11.45 10.98 5.16
C THR A 80 11.18 9.66 4.43
N MET A 81 12.01 8.67 4.69
CA MET A 81 11.86 7.36 4.05
C MET A 81 10.59 6.68 4.54
N TYR A 82 9.76 6.24 3.59
CA TYR A 82 8.51 5.57 3.92
C TYR A 82 8.38 4.25 3.15
N TYR A 83 8.26 3.16 3.89
CA TYR A 83 8.13 1.83 3.29
C TYR A 83 6.68 1.55 2.91
N PHE A 84 6.49 0.89 1.78
CA PHE A 84 5.15 0.56 1.30
C PHE A 84 4.96 -0.95 1.22
N ARG A 85 3.82 -1.43 1.70
CA ARG A 85 3.52 -2.85 1.68
C ARG A 85 2.01 -3.09 1.60
N ILE A 86 1.56 -3.61 0.47
CA ILE A 86 0.14 -3.89 0.28
C ILE A 86 -0.11 -5.40 0.15
N GLN A 87 -1.38 -5.78 0.25
CA GLN A 87 -1.75 -7.19 0.14
C GLN A 87 -3.14 -7.33 -0.50
N ALA A 88 -3.53 -8.58 -0.75
CA ALA A 88 -4.82 -8.85 -1.35
C ALA A 88 -5.71 -9.67 -0.41
N ARG A 89 -6.99 -9.33 -0.37
CA ARG A 89 -7.94 -10.03 0.48
C ARG A 89 -9.24 -10.32 -0.26
N ASN A 90 -9.65 -11.59 -0.28
CA ASN A 90 -10.86 -12.00 -0.95
C ASN A 90 -11.90 -12.50 0.05
N SER A 91 -13.12 -12.70 -0.42
CA SER A 91 -14.20 -13.18 0.44
C SER A 91 -13.69 -14.21 1.43
N LYS A 92 -12.66 -14.94 1.03
CA LYS A 92 -12.06 -15.97 1.89
C LYS A 92 -11.25 -15.33 3.01
N GLY A 93 -10.12 -14.72 2.64
CA GLY A 93 -9.27 -14.09 3.63
C GLY A 93 -8.24 -13.17 3.00
N VAL A 94 -7.14 -12.94 3.71
CA VAL A 94 -6.08 -12.07 3.22
C VAL A 94 -4.77 -12.85 3.07
N GLY A 95 -4.12 -12.67 1.93
CA GLY A 95 -2.86 -13.36 1.68
C GLY A 95 -1.68 -12.63 2.27
N PRO A 96 -0.47 -12.94 1.78
CA PRO A 96 0.78 -12.32 2.26
C PRO A 96 0.88 -10.86 1.85
N LEU A 97 2.09 -10.31 1.92
CA LEU A 97 2.33 -8.92 1.57
C LEU A 97 3.36 -8.82 0.45
N SER A 98 3.71 -7.59 0.09
CA SER A 98 4.68 -7.35 -0.97
C SER A 98 5.97 -6.73 -0.40
N ASP A 99 7.02 -6.73 -1.20
CA ASP A 99 8.30 -6.16 -0.78
C ASP A 99 8.15 -4.68 -0.45
N PRO A 100 8.85 -4.24 0.60
CA PRO A 100 8.82 -2.84 1.05
C PRO A 100 9.53 -1.90 0.07
N ILE A 101 8.77 -0.95 -0.46
CA ILE A 101 9.32 0.00 -1.41
C ILE A 101 9.88 1.23 -0.70
N LEU A 102 11.02 1.72 -1.18
CA LEU A 102 11.65 2.90 -0.58
C LEU A 102 11.37 4.15 -1.40
N PHE A 103 10.47 4.99 -0.90
CA PHE A 103 10.10 6.22 -1.59
C PHE A 103 10.21 7.42 -0.65
N ARG A 104 11.20 8.29 -0.91
CA ARG A 104 11.41 9.47 -0.09
C ARG A 104 10.45 10.59 -0.48
N THR A 105 9.67 11.06 0.47
CA THR A 105 8.70 12.12 0.22
C THR A 105 9.40 13.38 -0.28
N LEU A 106 8.65 14.23 -0.97
CA LEU A 106 9.19 15.47 -1.51
C LEU A 106 9.66 16.40 -0.39
N LYS A 107 10.24 17.53 -0.75
CA LYS A 107 10.72 18.50 0.22
C LYS A 107 10.11 19.87 -0.02
N VAL A 108 9.31 20.34 0.93
CA VAL A 108 8.66 21.65 0.82
C VAL A 108 9.69 22.78 0.94
N SER A 109 9.77 23.61 -0.09
CA SER A 109 10.71 24.72 -0.11
C SER A 109 10.27 25.79 -1.10
N GLY A 110 9.74 26.89 -0.58
CA GLY A 110 9.28 27.98 -1.44
C GLY A 110 8.25 27.52 -2.45
N PRO A 111 7.85 28.43 -3.35
CA PRO A 111 6.86 28.14 -4.39
C PRO A 111 7.39 27.18 -5.44
N SER A 112 8.71 27.06 -5.51
CA SER A 112 9.34 26.17 -6.48
C SER A 112 10.47 25.37 -5.85
N SER A 113 10.49 24.08 -6.11
CA SER A 113 11.52 23.20 -5.56
C SER A 113 12.80 23.25 -6.40
N GLY A 114 12.63 23.18 -7.72
CA GLY A 114 13.76 23.22 -8.62
C GLY A 114 14.70 22.05 -8.41
N GLY A 1 -17.34 -30.88 1.14
CA GLY A 1 -17.64 -30.91 2.56
C GLY A 1 -16.43 -30.57 3.41
N SER A 2 -16.20 -29.27 3.62
CA SER A 2 -15.07 -28.82 4.42
C SER A 2 -15.23 -27.36 4.83
N SER A 3 -14.48 -26.94 5.84
CA SER A 3 -14.54 -25.58 6.33
C SER A 3 -13.15 -24.94 6.35
N GLY A 4 -13.12 -23.62 6.22
CA GLY A 4 -11.85 -22.90 6.23
C GLY A 4 -11.72 -21.94 5.07
N SER A 5 -11.80 -20.64 5.38
CA SER A 5 -11.69 -19.61 4.36
C SER A 5 -10.23 -19.22 4.12
N SER A 6 -9.72 -19.56 2.95
CA SER A 6 -8.34 -19.26 2.59
C SER A 6 -8.28 -18.22 1.48
N GLY A 7 -7.79 -17.02 1.81
CA GLY A 7 -7.69 -15.97 0.83
C GLY A 7 -6.56 -16.20 -0.15
N PRO A 8 -6.03 -15.10 -0.71
CA PRO A 8 -4.94 -15.15 -1.68
C PRO A 8 -3.62 -15.59 -1.05
N THR A 9 -2.78 -16.28 -1.82
CA THR A 9 -1.49 -16.75 -1.33
C THR A 9 -0.36 -15.92 -1.91
N SER A 10 -0.70 -14.83 -2.56
CA SER A 10 0.29 -13.95 -3.16
C SER A 10 -0.13 -12.49 -3.08
N ALA A 11 0.84 -11.58 -3.03
CA ALA A 11 0.56 -10.16 -2.94
C ALA A 11 0.43 -9.54 -4.34
N PRO A 12 -0.05 -8.30 -4.39
CA PRO A 12 -0.25 -7.57 -5.66
C PRO A 12 1.09 -7.19 -6.29
N LYS A 13 1.02 -6.72 -7.54
CA LYS A 13 2.22 -6.31 -8.27
C LYS A 13 2.05 -4.91 -8.84
N ASP A 14 3.05 -4.46 -9.59
CA ASP A 14 3.01 -3.14 -10.20
C ASP A 14 2.86 -2.06 -9.13
N LEU A 15 3.39 -2.33 -7.95
CA LEU A 15 3.31 -1.38 -6.84
C LEU A 15 4.25 -0.21 -7.06
N THR A 16 3.69 0.98 -7.21
CA THR A 16 4.48 2.18 -7.43
C THR A 16 3.93 3.36 -6.63
N VAL A 17 4.84 4.14 -6.03
CA VAL A 17 4.44 5.30 -5.24
C VAL A 17 4.98 6.58 -5.84
N ILE A 18 4.08 7.48 -6.22
CA ILE A 18 4.48 8.76 -6.81
C ILE A 18 3.84 9.92 -6.05
N THR A 19 4.60 11.00 -5.89
CA THR A 19 4.12 12.18 -5.19
C THR A 19 3.09 12.94 -6.04
N ARG A 20 2.17 13.63 -5.37
CA ARG A 20 1.13 14.38 -6.06
C ARG A 20 1.68 15.70 -6.59
N GLU A 21 1.25 16.08 -7.79
CA GLU A 21 1.71 17.31 -8.41
C GLU A 21 1.21 18.53 -7.64
N GLY A 22 0.01 18.41 -7.06
CA GLY A 22 -0.55 19.50 -6.31
C GLY A 22 -0.46 19.29 -4.80
N LYS A 23 0.26 18.23 -4.41
CA LYS A 23 0.43 17.91 -3.00
C LYS A 23 1.68 17.08 -2.78
N PRO A 24 2.72 17.70 -2.19
CA PRO A 24 3.99 17.02 -1.91
C PRO A 24 3.86 15.99 -0.81
N ARG A 25 2.95 16.23 0.12
CA ARG A 25 2.73 15.31 1.24
C ARG A 25 1.81 14.17 0.83
N ALA A 26 1.38 14.19 -0.43
CA ALA A 26 0.50 13.15 -0.95
C ALA A 26 1.25 12.18 -1.85
N VAL A 27 0.72 10.97 -1.99
CA VAL A 27 1.34 9.95 -2.82
C VAL A 27 0.31 8.97 -3.36
N ILE A 28 0.37 8.72 -4.66
CA ILE A 28 -0.57 7.80 -5.31
C ILE A 28 0.01 6.40 -5.39
N VAL A 29 -0.30 5.58 -4.39
CA VAL A 29 0.18 4.21 -4.35
C VAL A 29 -0.67 3.29 -5.23
N SER A 30 -0.13 2.94 -6.40
CA SER A 30 -0.85 2.08 -7.34
C SER A 30 -0.38 0.63 -7.20
N TRP A 31 -1.08 -0.27 -7.89
CA TRP A 31 -0.73 -1.69 -7.83
C TRP A 31 -1.60 -2.49 -8.80
N GLN A 32 -1.44 -3.82 -8.78
CA GLN A 32 -2.21 -4.69 -9.64
C GLN A 32 -2.67 -5.94 -8.90
N PRO A 33 -3.70 -6.61 -9.44
CA PRO A 33 -4.26 -7.82 -8.84
C PRO A 33 -3.30 -9.01 -8.94
N PRO A 34 -3.18 -9.77 -7.84
CA PRO A 34 -2.30 -10.94 -7.78
C PRO A 34 -2.81 -12.09 -8.64
N LEU A 35 -1.90 -12.97 -9.05
CA LEU A 35 -2.26 -14.11 -9.88
C LEU A 35 -2.88 -15.22 -9.04
N GLU A 36 -2.33 -15.44 -7.85
CA GLU A 36 -2.83 -16.47 -6.95
C GLU A 36 -3.95 -15.92 -6.07
N ALA A 37 -4.64 -14.90 -6.56
CA ALA A 37 -5.74 -14.28 -5.82
C ALA A 37 -6.57 -15.33 -5.11
N ASN A 38 -6.56 -16.55 -5.64
CA ASN A 38 -7.32 -17.65 -5.04
C ASN A 38 -8.79 -17.26 -4.88
N GLY A 39 -9.26 -16.34 -5.71
CA GLY A 39 -10.63 -15.90 -5.64
C GLY A 39 -10.78 -14.40 -5.85
N LYS A 40 -11.68 -14.01 -6.75
CA LYS A 40 -11.91 -12.61 -7.03
C LYS A 40 -11.74 -11.76 -5.78
N ILE A 41 -10.86 -10.76 -5.87
CA ILE A 41 -10.61 -9.87 -4.74
C ILE A 41 -11.83 -9.01 -4.44
N THR A 42 -12.00 -8.66 -3.16
CA THR A 42 -13.13 -7.84 -2.75
C THR A 42 -12.65 -6.60 -1.98
N ALA A 43 -11.46 -6.70 -1.40
CA ALA A 43 -10.89 -5.59 -0.65
C ALA A 43 -9.36 -5.63 -0.69
N TYR A 44 -8.75 -4.45 -0.70
CA TYR A 44 -7.30 -4.35 -0.74
C TYR A 44 -6.77 -3.58 0.47
N ILE A 45 -5.94 -4.26 1.26
CA ILE A 45 -5.36 -3.63 2.45
C ILE A 45 -3.92 -3.20 2.21
N LEU A 46 -3.65 -1.92 2.42
CA LEU A 46 -2.31 -1.38 2.22
C LEU A 46 -1.67 -1.00 3.56
N PHE A 47 -0.36 -1.17 3.64
CA PHE A 47 0.37 -0.84 4.87
C PHE A 47 1.59 0.04 4.55
N TYR A 48 1.76 1.10 5.33
CA TYR A 48 2.88 2.01 5.14
C TYR A 48 3.39 2.53 6.48
N THR A 49 4.71 2.76 6.55
CA THR A 49 5.32 3.26 7.77
C THR A 49 6.75 3.73 7.51
N LEU A 50 7.20 4.69 8.31
CA LEU A 50 8.55 5.22 8.17
C LEU A 50 9.56 4.37 8.93
N ASP A 51 9.06 3.58 9.89
CA ASP A 51 9.92 2.72 10.68
C ASP A 51 9.56 1.25 10.45
N LYS A 52 10.54 0.48 9.97
CA LYS A 52 10.32 -0.94 9.71
C LYS A 52 10.58 -1.76 10.97
N ASN A 53 11.46 -1.27 11.84
CA ASN A 53 11.78 -1.96 13.07
C ASN A 53 10.53 -2.55 13.71
N ILE A 54 9.40 -1.89 13.51
CA ILE A 54 8.14 -2.36 14.07
C ILE A 54 7.51 -3.43 13.19
N PRO A 55 6.67 -4.28 13.79
CA PRO A 55 5.99 -5.36 13.08
C PRO A 55 4.92 -4.84 12.13
N ILE A 56 4.85 -5.44 10.94
CA ILE A 56 3.87 -5.03 9.93
C ILE A 56 2.52 -4.74 10.57
N ASP A 57 2.27 -5.35 11.72
CA ASP A 57 1.01 -5.15 12.44
C ASP A 57 0.93 -3.75 13.02
N ASP A 58 2.02 -3.31 13.64
CA ASP A 58 2.08 -1.98 14.24
C ASP A 58 1.96 -0.89 13.17
N TRP A 59 2.36 -1.23 11.94
CA TRP A 59 2.31 -0.29 10.84
C TRP A 59 0.90 0.30 10.70
N ILE A 60 0.72 1.14 9.69
CA ILE A 60 -0.57 1.77 9.44
C ILE A 60 -1.32 1.07 8.31
N MET A 61 -2.27 0.22 8.68
CA MET A 61 -3.06 -0.51 7.70
C MET A 61 -4.19 0.36 7.14
N GLU A 62 -4.46 0.23 5.85
CA GLU A 62 -5.50 1.01 5.20
C GLU A 62 -6.36 0.12 4.31
N THR A 63 -7.68 0.17 4.52
CA THR A 63 -8.61 -0.63 3.74
C THR A 63 -8.96 0.06 2.43
N ILE A 64 -8.90 -0.69 1.34
CA ILE A 64 -9.22 -0.14 0.02
C ILE A 64 -10.27 -0.99 -0.69
N SER A 65 -11.07 -0.35 -1.53
CA SER A 65 -12.11 -1.05 -2.28
C SER A 65 -11.52 -2.04 -3.27
N GLY A 66 -12.00 -3.27 -3.24
CA GLY A 66 -11.50 -4.29 -4.13
C GLY A 66 -11.60 -3.87 -5.60
N ASP A 67 -12.39 -2.85 -5.86
CA ASP A 67 -12.57 -2.36 -7.23
C ASP A 67 -11.39 -1.47 -7.64
N ARG A 68 -10.90 -0.67 -6.71
CA ARG A 68 -9.78 0.22 -6.98
C ARG A 68 -8.45 -0.51 -6.81
N LEU A 69 -7.43 -0.04 -7.52
CA LEU A 69 -6.11 -0.66 -7.46
C LEU A 69 -5.06 0.36 -7.01
N THR A 70 -5.52 1.50 -6.50
CA THR A 70 -4.63 2.54 -6.03
C THR A 70 -5.10 3.13 -4.71
N HIS A 71 -4.19 3.75 -3.98
CA HIS A 71 -4.51 4.36 -2.69
C HIS A 71 -3.74 5.65 -2.48
N GLN A 72 -4.44 6.70 -2.10
CA GLN A 72 -3.82 8.00 -1.87
C GLN A 72 -3.64 8.26 -0.37
N ILE A 73 -2.45 8.70 0.01
CA ILE A 73 -2.15 8.99 1.40
C ILE A 73 -1.89 10.47 1.62
N MET A 74 -2.34 10.99 2.76
CA MET A 74 -2.14 12.39 3.09
C MET A 74 -1.51 12.56 4.46
N ASP A 75 -0.88 13.70 4.69
CA ASP A 75 -0.23 13.98 5.97
C ASP A 75 1.04 13.14 6.13
N LEU A 76 1.85 13.11 5.09
CA LEU A 76 3.09 12.34 5.11
C LEU A 76 4.28 13.24 5.43
N ASN A 77 5.26 12.68 6.13
CA ASN A 77 6.46 13.44 6.50
C ASN A 77 7.13 14.02 5.26
N LEU A 78 8.21 14.77 5.49
CA LEU A 78 8.96 15.37 4.39
C LEU A 78 10.39 14.86 4.35
N ASP A 79 10.94 14.72 3.15
CA ASP A 79 12.30 14.24 2.97
C ASP A 79 12.56 13.03 3.86
N THR A 80 11.53 12.22 4.07
CA THR A 80 11.66 11.04 4.91
C THR A 80 11.29 9.78 4.13
N MET A 81 12.06 8.71 4.33
CA MET A 81 11.82 7.45 3.65
C MET A 81 10.57 6.76 4.20
N TYR A 82 9.71 6.29 3.30
CA TYR A 82 8.48 5.61 3.70
C TYR A 82 8.36 4.26 3.01
N TYR A 83 8.13 3.22 3.81
CA TYR A 83 7.99 1.86 3.27
C TYR A 83 6.54 1.57 2.91
N PHE A 84 6.35 0.92 1.76
CA PHE A 84 5.01 0.58 1.30
C PHE A 84 4.85 -0.94 1.18
N ARG A 85 3.70 -1.45 1.63
CA ARG A 85 3.43 -2.87 1.58
C ARG A 85 1.93 -3.14 1.49
N ILE A 86 1.47 -3.54 0.31
CA ILE A 86 0.05 -3.82 0.09
C ILE A 86 -0.18 -5.31 -0.13
N GLN A 87 -1.42 -5.74 0.05
CA GLN A 87 -1.78 -7.15 -0.14
C GLN A 87 -3.16 -7.28 -0.76
N ALA A 88 -3.63 -8.51 -0.91
CA ALA A 88 -4.94 -8.78 -1.49
C ALA A 88 -5.83 -9.53 -0.51
N ARG A 89 -7.08 -9.12 -0.41
CA ARG A 89 -8.03 -9.76 0.50
C ARG A 89 -9.35 -10.05 -0.22
N ASN A 90 -9.80 -11.30 -0.15
CA ASN A 90 -11.05 -11.70 -0.79
C ASN A 90 -12.06 -12.16 0.25
N SER A 91 -13.30 -12.36 -0.18
CA SER A 91 -14.36 -12.79 0.71
C SER A 91 -13.88 -13.90 1.64
N LYS A 92 -12.82 -14.59 1.22
CA LYS A 92 -12.25 -15.67 2.02
C LYS A 92 -11.35 -15.11 3.12
N GLY A 93 -10.25 -14.49 2.72
CA GLY A 93 -9.32 -13.93 3.68
C GLY A 93 -8.30 -13.02 3.03
N VAL A 94 -7.14 -12.89 3.68
CA VAL A 94 -6.07 -12.04 3.15
C VAL A 94 -4.75 -12.78 3.12
N GLY A 95 -3.96 -12.54 2.09
CA GLY A 95 -2.67 -13.19 1.96
C GLY A 95 -1.52 -12.32 2.44
N PRO A 96 -0.31 -12.62 1.97
CA PRO A 96 0.89 -11.87 2.35
C PRO A 96 0.91 -10.46 1.78
N LEU A 97 2.05 -9.79 1.90
CA LEU A 97 2.19 -8.43 1.38
C LEU A 97 3.40 -8.33 0.44
N SER A 98 3.50 -7.20 -0.25
CA SER A 98 4.60 -6.98 -1.17
C SER A 98 5.83 -6.42 -0.46
N ASP A 99 6.97 -6.45 -1.13
CA ASP A 99 8.21 -5.96 -0.56
C ASP A 99 8.10 -4.47 -0.22
N PRO A 100 8.78 -4.06 0.86
CA PRO A 100 8.77 -2.66 1.31
C PRO A 100 9.52 -1.74 0.36
N ILE A 101 8.78 -0.94 -0.39
CA ILE A 101 9.38 0.00 -1.34
C ILE A 101 9.94 1.22 -0.63
N LEU A 102 11.13 1.65 -1.04
CA LEU A 102 11.78 2.81 -0.44
C LEU A 102 11.52 4.07 -1.26
N PHE A 103 10.57 4.89 -0.80
CA PHE A 103 10.22 6.12 -1.50
C PHE A 103 10.27 7.31 -0.54
N ARG A 104 11.12 8.28 -0.86
CA ARG A 104 11.27 9.46 -0.02
C ARG A 104 10.41 10.60 -0.56
N THR A 105 9.56 11.15 0.31
CA THR A 105 8.67 12.25 -0.07
C THR A 105 9.48 13.47 -0.52
N LEU A 106 8.88 14.26 -1.41
CA LEU A 106 9.54 15.47 -1.91
C LEU A 106 9.92 16.40 -0.76
N LYS A 107 10.77 17.37 -1.06
CA LYS A 107 11.22 18.33 -0.06
C LYS A 107 10.43 19.63 -0.17
N VAL A 108 9.71 19.97 0.90
CA VAL A 108 8.90 21.19 0.93
C VAL A 108 9.65 22.32 1.62
N SER A 109 10.98 22.29 1.51
CA SER A 109 11.81 23.33 2.12
C SER A 109 12.01 24.50 1.17
N GLY A 110 11.13 25.50 1.28
CA GLY A 110 11.22 26.66 0.42
C GLY A 110 11.03 26.33 -1.05
N PRO A 111 10.64 27.33 -1.84
CA PRO A 111 10.41 27.15 -3.28
C PRO A 111 11.71 26.94 -4.05
N SER A 112 11.64 26.12 -5.09
CA SER A 112 12.81 25.82 -5.91
C SER A 112 13.54 27.12 -6.29
N SER A 113 14.87 27.07 -6.25
CA SER A 113 15.69 28.22 -6.59
C SER A 113 15.05 29.50 -6.06
N GLY A 114 14.55 29.44 -4.84
CA GLY A 114 13.93 30.61 -4.23
C GLY A 114 14.93 31.53 -3.57
N GLY A 1 -16.77 -19.52 11.70
CA GLY A 1 -15.49 -20.14 12.02
C GLY A 1 -14.33 -19.47 11.31
N SER A 2 -13.18 -19.41 11.98
CA SER A 2 -12.00 -18.78 11.41
C SER A 2 -11.36 -19.69 10.35
N SER A 3 -11.26 -20.98 10.67
CA SER A 3 -10.67 -21.94 9.75
C SER A 3 -11.64 -22.27 8.61
N GLY A 4 -11.09 -22.45 7.41
CA GLY A 4 -11.92 -22.77 6.26
C GLY A 4 -11.66 -21.83 5.09
N SER A 5 -11.69 -20.53 5.37
CA SER A 5 -11.47 -19.53 4.33
C SER A 5 -10.00 -19.49 3.92
N SER A 6 -9.75 -19.67 2.63
CA SER A 6 -8.38 -19.67 2.11
C SER A 6 -8.18 -18.49 1.16
N GLY A 7 -7.87 -17.32 1.73
CA GLY A 7 -7.65 -16.14 0.91
C GLY A 7 -6.59 -16.35 -0.14
N PRO A 8 -6.10 -15.24 -0.73
CA PRO A 8 -5.06 -15.29 -1.76
C PRO A 8 -3.71 -15.72 -1.21
N THR A 9 -2.96 -16.46 -2.01
CA THR A 9 -1.65 -16.94 -1.61
C THR A 9 -0.53 -16.16 -2.31
N SER A 10 -0.87 -14.96 -2.79
CA SER A 10 0.09 -14.12 -3.47
C SER A 10 -0.27 -12.64 -3.31
N ALA A 11 0.76 -11.81 -3.15
CA ALA A 11 0.56 -10.37 -2.99
C ALA A 11 0.45 -9.68 -4.34
N PRO A 12 0.03 -8.40 -4.31
CA PRO A 12 -0.14 -7.59 -5.53
C PRO A 12 1.20 -7.25 -6.18
N LYS A 13 1.14 -6.75 -7.41
CA LYS A 13 2.35 -6.39 -8.13
C LYS A 13 2.23 -4.95 -8.69
N ASP A 14 3.22 -4.55 -9.46
CA ASP A 14 3.23 -3.22 -10.05
C ASP A 14 2.99 -2.15 -8.99
N LEU A 15 3.56 -2.36 -7.81
CA LEU A 15 3.40 -1.42 -6.71
C LEU A 15 4.34 -0.23 -6.86
N THR A 16 3.78 0.91 -7.22
CA THR A 16 4.57 2.13 -7.40
C THR A 16 4.02 3.28 -6.55
N VAL A 17 4.90 4.22 -6.22
CA VAL A 17 4.50 5.37 -5.41
C VAL A 17 5.00 6.67 -6.03
N ILE A 18 4.07 7.60 -6.25
CA ILE A 18 4.42 8.90 -6.83
C ILE A 18 3.80 10.04 -6.04
N THR A 19 4.54 11.13 -5.92
CA THR A 19 4.07 12.30 -5.18
C THR A 19 3.04 13.07 -6.00
N ARG A 20 1.86 13.27 -5.42
CA ARG A 20 0.79 14.00 -6.10
C ARG A 20 1.28 15.36 -6.60
N GLU A 21 0.84 15.75 -7.78
CA GLU A 21 1.24 17.03 -8.36
C GLU A 21 0.49 18.19 -7.70
N GLY A 22 -0.56 17.86 -6.97
CA GLY A 22 -1.35 18.88 -6.30
C GLY A 22 -0.99 19.01 -4.83
N LYS A 23 -0.38 17.97 -4.28
CA LYS A 23 0.01 17.97 -2.87
C LYS A 23 1.24 17.09 -2.65
N PRO A 24 2.26 17.65 -1.99
CA PRO A 24 3.50 16.93 -1.70
C PRO A 24 3.31 15.84 -0.66
N ARG A 25 2.61 16.16 0.42
CA ARG A 25 2.34 15.20 1.48
C ARG A 25 1.45 14.06 0.99
N ALA A 26 0.84 14.26 -0.17
CA ALA A 26 -0.04 13.25 -0.75
C ALA A 26 0.69 12.43 -1.80
N VAL A 27 0.39 11.14 -1.85
CA VAL A 27 1.03 10.24 -2.81
C VAL A 27 0.02 9.25 -3.38
N ILE A 28 0.30 8.76 -4.59
CA ILE A 28 -0.58 7.81 -5.24
C ILE A 28 0.08 6.44 -5.36
N VAL A 29 -0.30 5.51 -4.49
CA VAL A 29 0.25 4.16 -4.50
C VAL A 29 -0.56 3.25 -5.41
N SER A 30 -0.02 2.95 -6.59
CA SER A 30 -0.70 2.08 -7.54
C SER A 30 -0.28 0.63 -7.34
N TRP A 31 -1.01 -0.28 -7.97
CA TRP A 31 -0.72 -1.71 -7.87
C TRP A 31 -1.63 -2.52 -8.78
N GLN A 32 -1.34 -3.81 -8.90
CA GLN A 32 -2.14 -4.69 -9.75
C GLN A 32 -2.57 -5.93 -8.98
N PRO A 33 -3.66 -6.57 -9.44
CA PRO A 33 -4.21 -7.77 -8.81
C PRO A 33 -3.30 -8.99 -9.00
N PRO A 34 -3.13 -9.78 -7.94
CA PRO A 34 -2.29 -10.98 -7.96
C PRO A 34 -2.90 -12.09 -8.81
N LEU A 35 -2.06 -12.99 -9.29
CA LEU A 35 -2.52 -14.11 -10.12
C LEU A 35 -3.18 -15.18 -9.25
N GLU A 36 -2.61 -15.43 -8.08
CA GLU A 36 -3.15 -16.43 -7.17
C GLU A 36 -4.23 -15.82 -6.26
N ALA A 37 -5.09 -15.01 -6.86
CA ALA A 37 -6.17 -14.38 -6.12
C ALA A 37 -7.20 -15.41 -5.64
N ASN A 38 -7.00 -16.65 -6.04
CA ASN A 38 -7.91 -17.73 -5.65
C ASN A 38 -9.36 -17.29 -5.78
N GLY A 39 -9.62 -16.38 -6.72
CA GLY A 39 -10.97 -15.89 -6.92
C GLY A 39 -11.00 -14.45 -7.40
N LYS A 40 -11.85 -13.64 -6.76
CA LYS A 40 -11.96 -12.24 -7.12
C LYS A 40 -11.79 -11.34 -5.89
N ILE A 41 -10.73 -10.55 -5.89
CA ILE A 41 -10.45 -9.64 -4.78
C ILE A 41 -11.66 -8.78 -4.46
N THR A 42 -11.98 -8.66 -3.17
CA THR A 42 -13.12 -7.86 -2.73
C THR A 42 -12.66 -6.64 -1.96
N ALA A 43 -11.42 -6.66 -1.49
CA ALA A 43 -10.86 -5.55 -0.74
C ALA A 43 -9.33 -5.58 -0.77
N TYR A 44 -8.72 -4.40 -0.69
CA TYR A 44 -7.26 -4.28 -0.71
C TYR A 44 -6.76 -3.53 0.51
N ILE A 45 -5.90 -4.19 1.28
CA ILE A 45 -5.34 -3.58 2.48
C ILE A 45 -3.89 -3.15 2.26
N LEU A 46 -3.62 -1.86 2.44
CA LEU A 46 -2.28 -1.31 2.26
C LEU A 46 -1.67 -0.92 3.59
N PHE A 47 -0.35 -1.05 3.70
CA PHE A 47 0.36 -0.71 4.92
C PHE A 47 1.60 0.12 4.61
N TYR A 48 1.78 1.20 5.38
CA TYR A 48 2.92 2.08 5.18
C TYR A 48 3.52 2.49 6.53
N THR A 49 4.85 2.61 6.56
CA THR A 49 5.55 2.99 7.78
C THR A 49 6.95 3.49 7.48
N LEU A 50 7.61 4.06 8.48
CA LEU A 50 8.96 4.58 8.33
C LEU A 50 9.92 3.93 9.32
N ASP A 51 9.39 3.00 10.11
CA ASP A 51 10.20 2.30 11.11
C ASP A 51 9.97 0.79 11.02
N LYS A 52 10.38 0.21 9.90
CA LYS A 52 10.22 -1.23 9.68
C LYS A 52 10.49 -2.00 10.99
N ASN A 53 11.28 -1.40 11.87
CA ASN A 53 11.61 -2.04 13.14
C ASN A 53 10.38 -2.71 13.75
N ILE A 54 9.23 -2.05 13.61
CA ILE A 54 7.99 -2.59 14.15
C ILE A 54 7.38 -3.62 13.19
N PRO A 55 6.56 -4.53 13.75
CA PRO A 55 5.90 -5.58 12.98
C PRO A 55 4.82 -5.03 12.04
N ILE A 56 4.75 -5.59 10.85
CA ILE A 56 3.76 -5.16 9.87
C ILE A 56 2.40 -4.91 10.52
N ASP A 57 2.17 -5.59 11.63
CA ASP A 57 0.91 -5.45 12.36
C ASP A 57 0.78 -4.05 12.96
N ASP A 58 1.86 -3.58 13.58
CA ASP A 58 1.87 -2.26 14.20
C ASP A 58 1.78 -1.17 13.13
N TRP A 59 2.23 -1.48 11.93
CA TRP A 59 2.20 -0.52 10.83
C TRP A 59 0.81 0.09 10.67
N ILE A 60 0.68 1.04 9.77
CA ILE A 60 -0.60 1.70 9.52
C ILE A 60 -1.37 1.02 8.39
N MET A 61 -2.36 0.21 8.76
CA MET A 61 -3.16 -0.50 7.79
C MET A 61 -4.24 0.42 7.19
N GLU A 62 -4.53 0.22 5.90
CA GLU A 62 -5.54 1.02 5.22
C GLU A 62 -6.39 0.17 4.31
N THR A 63 -7.71 0.21 4.51
CA THR A 63 -8.64 -0.56 3.70
C THR A 63 -8.95 0.15 2.39
N ILE A 64 -8.93 -0.60 1.29
CA ILE A 64 -9.22 -0.04 -0.02
C ILE A 64 -10.26 -0.87 -0.75
N SER A 65 -11.01 -0.22 -1.64
CA SER A 65 -12.04 -0.91 -2.42
C SER A 65 -11.44 -2.02 -3.26
N GLY A 66 -12.07 -3.19 -3.23
CA GLY A 66 -11.58 -4.32 -3.99
C GLY A 66 -11.56 -4.04 -5.47
N ASP A 67 -12.27 -3.01 -5.90
CA ASP A 67 -12.32 -2.64 -7.31
C ASP A 67 -11.18 -1.69 -7.66
N ARG A 68 -10.79 -0.86 -6.71
CA ARG A 68 -9.71 0.11 -6.92
C ARG A 68 -8.35 -0.55 -6.75
N LEU A 69 -7.36 -0.05 -7.47
CA LEU A 69 -6.00 -0.59 -7.39
C LEU A 69 -5.01 0.48 -6.96
N THR A 70 -5.53 1.59 -6.42
CA THR A 70 -4.70 2.68 -5.97
C THR A 70 -5.13 3.19 -4.60
N HIS A 71 -4.22 3.85 -3.89
CA HIS A 71 -4.52 4.38 -2.57
C HIS A 71 -3.77 5.68 -2.32
N GLN A 72 -4.52 6.73 -1.99
CA GLN A 72 -3.92 8.04 -1.74
C GLN A 72 -3.75 8.28 -0.23
N ILE A 73 -2.52 8.55 0.17
CA ILE A 73 -2.22 8.80 1.59
C ILE A 73 -2.05 10.29 1.86
N MET A 74 -2.40 10.71 3.07
CA MET A 74 -2.28 12.11 3.45
C MET A 74 -1.57 12.25 4.80
N ASP A 75 -1.12 13.46 5.11
CA ASP A 75 -0.44 13.71 6.37
C ASP A 75 0.85 12.90 6.46
N LEU A 76 1.68 13.01 5.44
CA LEU A 76 2.95 12.28 5.40
C LEU A 76 4.12 13.21 5.67
N ASN A 77 5.20 12.65 6.23
CA ASN A 77 6.38 13.45 6.54
C ASN A 77 7.04 13.95 5.26
N LEU A 78 7.94 14.93 5.40
CA LEU A 78 8.64 15.49 4.26
C LEU A 78 10.09 15.01 4.21
N ASP A 79 10.61 14.83 3.00
CA ASP A 79 11.98 14.38 2.82
C ASP A 79 12.28 13.18 3.71
N THR A 80 11.30 12.29 3.85
CA THR A 80 11.46 11.10 4.68
C THR A 80 11.08 9.84 3.90
N MET A 81 11.84 8.77 4.11
CA MET A 81 11.59 7.50 3.44
C MET A 81 10.40 6.79 4.07
N TYR A 82 9.50 6.29 3.23
CA TYR A 82 8.32 5.58 3.70
C TYR A 82 8.19 4.22 3.02
N TYR A 83 8.20 3.15 3.80
CA TYR A 83 8.08 1.80 3.26
C TYR A 83 6.63 1.48 2.93
N PHE A 84 6.41 0.96 1.74
CA PHE A 84 5.06 0.60 1.29
C PHE A 84 4.90 -0.91 1.23
N ARG A 85 3.77 -1.39 1.75
CA ARG A 85 3.49 -2.83 1.77
C ARG A 85 1.98 -3.08 1.67
N ILE A 86 1.54 -3.51 0.49
CA ILE A 86 0.12 -3.79 0.26
C ILE A 86 -0.10 -5.27 -0.01
N GLN A 87 -1.35 -5.71 0.14
CA GLN A 87 -1.70 -7.10 -0.08
C GLN A 87 -3.08 -7.22 -0.71
N ALA A 88 -3.55 -8.46 -0.87
CA ALA A 88 -4.87 -8.71 -1.45
C ALA A 88 -5.75 -9.50 -0.49
N ARG A 89 -7.02 -9.11 -0.42
CA ARG A 89 -7.97 -9.78 0.46
C ARG A 89 -9.28 -10.06 -0.27
N ASN A 90 -9.72 -11.31 -0.22
CA ASN A 90 -10.96 -11.72 -0.88
C ASN A 90 -11.99 -12.18 0.14
N SER A 91 -13.23 -12.36 -0.32
CA SER A 91 -14.31 -12.79 0.55
C SER A 91 -13.81 -13.82 1.56
N LYS A 92 -12.83 -14.61 1.16
CA LYS A 92 -12.25 -15.64 2.03
C LYS A 92 -11.40 -15.01 3.12
N GLY A 93 -10.28 -14.41 2.72
CA GLY A 93 -9.39 -13.79 3.67
C GLY A 93 -8.35 -12.90 3.01
N VAL A 94 -7.18 -12.80 3.62
CA VAL A 94 -6.10 -11.97 3.09
C VAL A 94 -4.79 -12.74 3.04
N GLY A 95 -4.05 -12.57 1.95
CA GLY A 95 -2.78 -13.26 1.80
C GLY A 95 -1.62 -12.43 2.32
N PRO A 96 -0.39 -12.79 1.88
CA PRO A 96 0.83 -12.09 2.29
C PRO A 96 0.91 -10.68 1.69
N LEU A 97 2.00 -9.99 2.01
CA LEU A 97 2.20 -8.63 1.51
C LEU A 97 3.42 -8.57 0.58
N SER A 98 3.54 -7.46 -0.15
CA SER A 98 4.64 -7.28 -1.08
C SER A 98 5.86 -6.70 -0.36
N ASP A 99 7.01 -6.72 -1.04
CA ASP A 99 8.24 -6.19 -0.47
C ASP A 99 8.11 -4.70 -0.18
N PRO A 100 8.80 -4.25 0.88
CA PRO A 100 8.79 -2.85 1.30
C PRO A 100 9.53 -1.94 0.31
N ILE A 101 8.78 -1.06 -0.36
CA ILE A 101 9.36 -0.15 -1.32
C ILE A 101 9.86 1.12 -0.64
N LEU A 102 11.06 1.56 -1.02
CA LEU A 102 11.65 2.76 -0.44
C LEU A 102 11.39 3.98 -1.34
N PHE A 103 10.42 4.79 -0.96
CA PHE A 103 10.07 5.98 -1.74
C PHE A 103 10.14 7.23 -0.86
N ARG A 104 11.08 8.11 -1.17
CA ARG A 104 11.26 9.35 -0.41
C ARG A 104 10.29 10.43 -0.90
N THR A 105 9.43 10.91 -0.01
CA THR A 105 8.47 11.94 -0.36
C THR A 105 9.16 13.22 -0.76
N LEU A 106 8.44 14.08 -1.49
CA LEU A 106 8.99 15.34 -1.96
C LEU A 106 9.55 16.16 -0.79
N LYS A 107 10.25 17.23 -1.10
CA LYS A 107 10.85 18.09 -0.08
C LYS A 107 10.62 19.56 -0.41
N VAL A 108 9.87 20.25 0.45
CA VAL A 108 9.56 21.65 0.25
C VAL A 108 10.80 22.51 0.54
N SER A 109 11.49 22.20 1.62
CA SER A 109 12.68 22.95 2.00
C SER A 109 13.88 22.02 2.17
N GLY A 110 15.08 22.56 1.95
CA GLY A 110 16.28 21.75 2.08
C GLY A 110 17.53 22.52 1.66
N PRO A 111 18.36 21.88 0.83
CA PRO A 111 19.61 22.48 0.34
C PRO A 111 19.36 23.63 -0.62
N SER A 112 20.18 24.67 -0.53
CA SER A 112 20.04 25.84 -1.39
C SER A 112 20.28 25.47 -2.85
N SER A 113 20.29 26.46 -3.72
CA SER A 113 20.51 26.24 -5.15
C SER A 113 19.87 24.93 -5.60
N GLY A 114 18.67 24.67 -5.10
CA GLY A 114 17.97 23.45 -5.46
C GLY A 114 17.02 23.65 -6.62
#